data_9Q1J
#
_entry.id   9Q1J
#
_cell.length_a   1.00
_cell.length_b   1.00
_cell.length_c   1.00
_cell.angle_alpha   90.00
_cell.angle_beta   90.00
_cell.angle_gamma   90.00
#
_symmetry.space_group_name_H-M   'P 1'
#
loop_
_entity.id
_entity.type
_entity.pdbx_description
1 polymer 'Non-structural protein 10'
2 polymer 'Proofreading exoribonuclease'
3 polymer 'T20P14-R RNA'
4 polymer "RNA (5'-R(*A*UP*UP*CP*CP*CP*C)-3')"
5 non-polymer 'ZINC ION'
6 non-polymer 'MAGNESIUM ION'
#
loop_
_entity_poly.entity_id
_entity_poly.type
_entity_poly.pdbx_seq_one_letter_code
_entity_poly.pdbx_strand_id
1 'polypeptide(L)'
;AGNATEVPANSTVLSFCAFAVDAAKAYKDYLASGGQPITNCVKMLCTHTGTGQAITVTPEANMDQESFGGASCCLYCRCH
IDHPNPKGFCDLKGKYVQIPTTCANDPVGFTLKNTVCTVCGMWKGYGCSCDQLREPMLQ
;
A,C,G,I
2 'polypeptide(L)'
;AENVTGLFKDCSKVITGLHPTQAPTHLSVDTKFKTEGLCVDIPGIPKDMTYRRLISMMGFKMNYQVNGYPNMFITREEAI
RHVRAWIGFDVEGCHATREAVGTNLPLQLGFSTGVNLVAVPTGYVDTPNNTDFSRVSAKPPPGDQFKHLIPLMYKGLPWN
VVRIKIVQMLSDTLKNLSDRVVFVLWAHGFALTSMKYFVKIGPERTCCLCDRRATCFSTASDTYACWHHSIGFDYVYNPF
MIDVQQWGFTGNLQSNHDLYCQVHGNAHVASCDAIMTRCLAVHECFVKRVDWTIEYPIIGDELKINAACRKVQHMVVKAA
LLADKFPVLHDIGNPKAIKCVPQADVEWKFYDAQPCSDKAYKIEELFYSYATHSDKFTDGVCLFWNCNVDRYPANSIVCR
FDTRVLSNLNLPGCDGGSLYVNKHAFHTPAFDKSAFVNLKQLPFFYYSDSPCESHGKQVVSDIDYVPLKSATCITRCNLG
GAVCRHHANEYRLYLDAYNMMISAGFSLWVYKQFDTYNLWNTFTRLQ
;
B,D,H,J
3 'polyribonucleotide' GGGAAUGGGAUUUUAAUAGCUUCGGCUAUUAAAAUCCC(F86) E,K
4 'polyribonucleotide' AUUCCCC F,L
#
# COMPACT_ATOMS: atom_id res chain seq x y z
N ALA A 1 27.77 16.00 -9.05
CA ALA A 1 27.47 15.02 -10.08
C ALA A 1 26.96 15.69 -11.34
N GLY A 2 27.33 15.15 -12.49
CA GLY A 2 26.88 15.69 -13.76
C GLY A 2 27.82 16.75 -14.32
N ASN A 3 27.67 17.01 -15.61
CA ASN A 3 28.50 17.96 -16.33
C ASN A 3 27.66 19.16 -16.76
N ALA A 4 28.16 20.35 -16.45
CA ALA A 4 27.43 21.57 -16.77
C ALA A 4 27.38 21.80 -18.27
N THR A 5 26.29 22.41 -18.73
CA THR A 5 26.03 22.64 -20.15
C THR A 5 26.01 24.12 -20.50
N GLU A 6 25.51 24.97 -19.62
CA GLU A 6 25.20 26.36 -19.96
C GLU A 6 26.03 27.32 -19.11
N VAL A 7 26.12 28.56 -19.59
CA VAL A 7 26.82 29.64 -18.91
C VAL A 7 25.79 30.52 -18.19
N PRO A 8 26.18 31.26 -17.15
CA PRO A 8 25.20 32.10 -16.44
C PRO A 8 24.53 33.17 -17.29
N ALA A 9 25.22 33.66 -18.33
CA ALA A 9 24.69 34.74 -19.15
C ALA A 9 23.47 34.34 -19.95
N ASN A 10 23.16 33.04 -20.03
CA ASN A 10 21.96 32.56 -20.68
C ASN A 10 20.86 32.16 -19.70
N SER A 11 21.03 32.43 -18.39
CA SER A 11 20.11 31.91 -17.39
C SER A 11 18.71 32.51 -17.55
N THR A 12 18.62 33.78 -17.88
CA THR A 12 17.32 34.44 -17.98
C THR A 12 16.55 33.99 -19.22
N VAL A 13 17.14 34.19 -20.40
CA VAL A 13 16.43 33.97 -21.65
C VAL A 13 16.05 32.49 -21.82
N LEU A 14 16.85 31.59 -21.26
CA LEU A 14 16.51 30.17 -21.37
C LEU A 14 15.45 29.78 -20.33
N SER A 15 15.38 30.51 -19.22
CA SER A 15 14.31 30.25 -18.25
C SER A 15 13.00 30.83 -18.74
N PHE A 16 13.05 32.01 -19.36
CA PHE A 16 11.87 32.64 -19.93
C PHE A 16 11.26 31.78 -21.02
N CYS A 17 12.05 31.42 -22.03
CA CYS A 17 11.52 30.76 -23.22
C CYS A 17 11.13 29.31 -22.93
N ALA A 18 11.64 28.73 -21.85
CA ALA A 18 11.22 27.38 -21.47
C ALA A 18 9.88 27.38 -20.76
N PHE A 19 9.36 28.54 -20.37
CA PHE A 19 8.06 28.61 -19.72
C PHE A 19 6.97 29.15 -20.64
N ALA A 20 7.32 29.73 -21.78
CA ALA A 20 6.34 30.41 -22.61
C ALA A 20 5.50 29.40 -23.40
N VAL A 21 4.28 29.82 -23.73
CA VAL A 21 3.45 29.05 -24.64
C VAL A 21 4.00 29.09 -26.06
N ASP A 22 4.52 30.24 -26.49
CA ASP A 22 5.08 30.41 -27.83
C ASP A 22 6.50 30.91 -27.63
N ALA A 23 7.47 29.99 -27.73
CA ALA A 23 8.84 30.32 -27.39
C ALA A 23 9.51 31.21 -28.45
N ALA A 24 9.10 31.09 -29.72
CA ALA A 24 9.66 31.94 -30.75
C ALA A 24 9.23 33.39 -30.57
N LYS A 25 7.94 33.60 -30.32
CA LYS A 25 7.44 34.95 -30.02
C LYS A 25 8.07 35.50 -28.75
N ALA A 26 8.26 34.64 -27.73
CA ALA A 26 8.89 35.06 -26.49
C ALA A 26 10.32 35.50 -26.72
N TYR A 27 11.07 34.74 -27.53
CA TYR A 27 12.46 35.10 -27.81
C TYR A 27 12.56 36.39 -28.61
N LYS A 28 11.65 36.56 -29.59
CA LYS A 28 11.63 37.80 -30.36
C LYS A 28 11.30 39.00 -29.48
N ASP A 29 10.35 38.83 -28.55
CA ASP A 29 9.99 39.93 -27.66
C ASP A 29 11.09 40.23 -26.65
N TYR A 30 11.80 39.19 -26.19
CA TYR A 30 12.94 39.38 -25.31
C TYR A 30 14.03 40.17 -26.01
N LEU A 31 14.31 39.84 -27.27
CA LEU A 31 15.31 40.60 -28.03
C LEU A 31 14.87 42.03 -28.28
N ALA A 32 13.56 42.23 -28.55
CA ALA A 32 13.07 43.56 -28.87
C ALA A 32 13.20 44.52 -27.69
N SER A 33 13.16 44.00 -26.46
CA SER A 33 13.26 44.82 -25.27
C SER A 33 14.70 45.05 -24.81
N GLY A 34 15.66 44.93 -25.71
CA GLY A 34 17.06 45.13 -25.34
C GLY A 34 17.74 43.93 -24.73
N GLY A 35 17.10 42.76 -24.76
CA GLY A 35 17.74 41.57 -24.24
C GLY A 35 18.86 41.08 -25.14
N GLN A 36 19.75 40.30 -24.54
CA GLN A 36 20.90 39.91 -25.34
C GLN A 36 20.71 38.52 -25.93
N PRO A 37 21.25 38.29 -27.14
CA PRO A 37 21.05 37.01 -27.82
C PRO A 37 21.61 35.81 -27.08
N ILE A 38 21.11 34.62 -27.41
CA ILE A 38 21.62 33.40 -26.81
C ILE A 38 23.04 33.17 -27.31
N THR A 39 23.97 33.03 -26.37
CA THR A 39 25.38 32.84 -26.65
C THR A 39 25.74 31.37 -26.46
N ASN A 40 27.04 31.07 -26.47
CA ASN A 40 27.60 29.75 -26.22
C ASN A 40 27.19 28.73 -27.29
N CYS A 41 27.20 29.14 -28.55
CA CYS A 41 26.91 28.22 -29.63
C CYS A 41 28.19 27.50 -30.07
N VAL A 42 28.01 26.50 -30.94
CA VAL A 42 29.11 25.65 -31.36
C VAL A 42 29.53 26.07 -32.76
N LYS A 43 30.59 26.88 -32.84
CA LYS A 43 31.08 27.40 -34.12
C LYS A 43 32.23 26.53 -34.62
N MET A 44 32.27 26.31 -35.93
CA MET A 44 33.26 25.43 -36.52
C MET A 44 34.47 26.19 -37.05
N LEU A 45 35.63 25.56 -36.95
CA LEU A 45 36.83 26.04 -37.63
C LEU A 45 36.89 25.35 -38.99
N CYS A 46 36.67 26.10 -40.06
CA CYS A 46 36.57 25.53 -41.39
C CYS A 46 37.34 26.40 -42.37
N THR A 47 37.49 25.90 -43.60
CA THR A 47 38.26 26.58 -44.62
C THR A 47 37.48 27.68 -45.34
N HIS A 48 36.17 27.76 -45.11
CA HIS A 48 35.29 28.76 -45.73
C HIS A 48 35.35 28.71 -47.25
N THR A 49 35.46 27.50 -47.81
CA THR A 49 35.41 27.30 -49.25
C THR A 49 34.26 26.40 -49.68
N GLY A 50 33.24 26.26 -48.83
CA GLY A 50 32.14 25.36 -49.10
C GLY A 50 31.13 25.92 -50.09
N THR A 51 30.13 25.10 -50.37
CA THR A 51 29.10 25.48 -51.34
C THR A 51 28.17 26.57 -50.80
N GLY A 52 28.13 26.75 -49.48
CA GLY A 52 27.30 27.79 -48.91
C GLY A 52 25.85 27.44 -48.70
N GLN A 53 25.49 26.16 -48.75
CA GLN A 53 24.11 25.76 -48.52
C GLN A 53 23.74 25.95 -47.05
N ALA A 54 22.44 26.09 -46.81
CA ALA A 54 21.96 26.45 -45.48
C ALA A 54 22.20 25.34 -44.46
N ILE A 55 21.79 24.12 -44.79
CA ILE A 55 21.88 22.98 -43.88
C ILE A 55 22.57 21.84 -44.60
N THR A 56 23.68 21.36 -44.04
CA THR A 56 24.46 20.29 -44.64
C THR A 56 24.87 19.29 -43.57
N VAL A 57 25.45 18.18 -44.02
CA VAL A 57 26.02 17.19 -43.10
C VAL A 57 27.48 17.47 -42.80
N THR A 58 28.12 18.37 -43.54
CA THR A 58 29.50 18.76 -43.36
C THR A 58 29.55 20.27 -43.33
N PRO A 59 30.55 20.86 -42.67
CA PRO A 59 30.65 22.33 -42.64
C PRO A 59 31.03 22.87 -44.02
N GLU A 60 30.06 23.49 -44.68
CA GLU A 60 30.16 23.95 -46.06
C GLU A 60 30.07 25.46 -46.15
N ALA A 61 30.74 26.18 -45.25
CA ALA A 61 30.56 27.62 -45.15
C ALA A 61 31.20 28.33 -46.33
N ASN A 62 30.46 29.27 -46.91
CA ASN A 62 31.00 30.20 -47.90
C ASN A 62 31.84 31.25 -47.18
N MET A 63 32.61 32.03 -47.96
CA MET A 63 33.42 33.09 -47.36
C MET A 63 32.57 34.16 -46.68
N ASP A 64 31.30 34.30 -47.06
CA ASP A 64 30.39 35.23 -46.42
C ASP A 64 29.57 34.59 -45.31
N GLN A 65 29.89 33.35 -44.94
CA GLN A 65 29.11 32.61 -43.95
C GLN A 65 30.03 32.01 -42.90
N GLU A 66 29.42 31.60 -41.79
CA GLU A 66 30.06 30.86 -40.73
C GLU A 66 29.23 29.63 -40.41
N SER A 67 29.89 28.52 -40.11
CA SER A 67 29.21 27.25 -39.89
C SER A 67 29.09 26.97 -38.40
N PHE A 68 27.90 26.54 -37.98
CA PHE A 68 27.61 26.20 -36.60
C PHE A 68 27.02 24.80 -36.52
N GLY A 69 27.16 24.18 -35.35
CA GLY A 69 26.44 22.94 -35.08
C GLY A 69 24.95 23.22 -34.99
N GLY A 70 24.14 22.33 -35.55
CA GLY A 70 22.72 22.60 -35.69
C GLY A 70 21.97 22.66 -34.37
N ALA A 71 22.29 21.77 -33.44
CA ALA A 71 21.56 21.71 -32.18
C ALA A 71 21.77 22.96 -31.34
N SER A 72 22.85 23.71 -31.60
CA SER A 72 23.11 24.96 -30.92
C SER A 72 22.44 26.15 -31.58
N CYS A 73 21.85 25.98 -32.76
CA CYS A 73 21.14 27.05 -33.43
C CYS A 73 19.64 26.86 -33.41
N CYS A 74 19.14 25.90 -32.63
CA CYS A 74 17.72 25.64 -32.50
C CYS A 74 17.28 26.11 -31.12
N LEU A 75 16.28 26.97 -31.08
CA LEU A 75 15.76 27.45 -29.80
C LEU A 75 15.16 26.31 -28.98
N TYR A 76 14.44 25.41 -29.65
CA TYR A 76 13.76 24.32 -28.95
C TYR A 76 14.77 23.29 -28.43
N CYS A 77 15.88 23.12 -29.13
CA CYS A 77 16.95 22.29 -28.61
C CYS A 77 17.72 23.01 -27.51
N ARG A 78 17.75 24.33 -27.56
CA ARG A 78 18.44 25.13 -26.56
C ARG A 78 17.67 25.24 -25.26
N CYS A 79 16.34 25.28 -25.33
CA CYS A 79 15.49 25.36 -24.16
C CYS A 79 14.94 24.01 -23.73
N HIS A 80 15.26 22.94 -24.46
CA HIS A 80 14.84 21.57 -24.15
C HIS A 80 13.31 21.45 -24.05
N ILE A 81 12.65 21.97 -25.07
CA ILE A 81 11.19 22.01 -25.14
C ILE A 81 10.75 21.31 -26.43
N ASP A 82 9.43 21.19 -26.59
CA ASP A 82 8.88 20.52 -27.76
C ASP A 82 9.08 21.36 -29.01
N HIS A 83 9.40 20.68 -30.12
CA HIS A 83 9.45 21.35 -31.40
C HIS A 83 8.04 21.53 -31.96
N PRO A 84 7.76 22.66 -32.61
CA PRO A 84 6.41 22.89 -33.14
C PRO A 84 6.11 22.10 -34.41
N ASN A 85 7.03 21.27 -34.89
CA ASN A 85 6.79 20.44 -36.05
C ASN A 85 5.72 19.40 -35.72
N PRO A 86 4.91 18.99 -36.71
CA PRO A 86 3.90 17.95 -36.45
C PRO A 86 4.49 16.62 -36.01
N LYS A 87 5.67 16.25 -36.51
CA LYS A 87 6.31 15.02 -36.08
C LYS A 87 7.07 15.19 -34.76
N GLY A 88 7.42 16.43 -34.41
CA GLY A 88 8.16 16.69 -33.20
C GLY A 88 9.67 16.53 -33.31
N PHE A 89 10.19 16.38 -34.50
CA PHE A 89 11.61 16.17 -34.73
C PHE A 89 12.27 17.47 -35.17
N CYS A 90 13.60 17.49 -35.10
CA CYS A 90 14.37 18.70 -35.40
C CYS A 90 15.00 18.59 -36.78
N ASP A 91 14.91 19.67 -37.55
CA ASP A 91 15.56 19.72 -38.85
C ASP A 91 17.01 20.18 -38.75
N LEU A 92 17.40 20.74 -37.60
CA LEU A 92 18.75 21.27 -37.44
C LEU A 92 19.67 20.30 -36.73
N LYS A 93 19.14 19.49 -35.80
CA LYS A 93 19.99 18.62 -35.00
C LYS A 93 20.62 17.54 -35.87
N GLY A 94 21.90 17.28 -35.64
CA GLY A 94 22.65 16.33 -36.45
C GLY A 94 23.20 16.88 -37.74
N LYS A 95 23.10 18.19 -37.97
CA LYS A 95 23.53 18.82 -39.20
C LYS A 95 24.41 20.03 -38.88
N TYR A 96 24.93 20.66 -39.93
CA TYR A 96 25.63 21.92 -39.83
C TYR A 96 24.81 23.01 -40.50
N VAL A 97 24.71 24.16 -39.83
CA VAL A 97 23.89 25.27 -40.31
C VAL A 97 24.83 26.44 -40.60
N GLN A 98 24.70 27.02 -41.78
CA GLN A 98 25.53 28.14 -42.21
C GLN A 98 24.75 29.43 -42.03
N ILE A 99 25.29 30.32 -41.21
CA ILE A 99 24.67 31.61 -40.89
C ILE A 99 25.51 32.71 -41.54
N PRO A 100 24.89 33.70 -42.17
CA PRO A 100 25.68 34.81 -42.73
C PRO A 100 26.48 35.52 -41.65
N THR A 101 27.69 35.98 -42.03
CA THR A 101 28.61 36.53 -41.05
C THR A 101 28.12 37.87 -40.51
N THR A 102 27.20 38.53 -41.20
CA THR A 102 26.57 39.72 -40.66
C THR A 102 25.53 39.40 -39.58
N CYS A 103 24.88 38.24 -39.68
CA CYS A 103 23.91 37.80 -38.68
C CYS A 103 24.44 36.69 -37.79
N ALA A 104 25.76 36.48 -37.76
CA ALA A 104 26.34 35.39 -36.99
C ALA A 104 26.35 35.63 -35.50
N ASN A 105 26.07 36.86 -35.05
CA ASN A 105 26.05 37.14 -33.62
C ASN A 105 24.85 36.53 -32.92
N ASP A 106 23.72 36.36 -33.62
CA ASP A 106 22.54 35.70 -33.07
C ASP A 106 22.07 34.63 -34.06
N PRO A 107 22.71 33.46 -34.05
CA PRO A 107 22.27 32.39 -34.97
C PRO A 107 20.94 31.79 -34.58
N VAL A 108 20.60 31.74 -33.29
CA VAL A 108 19.33 31.19 -32.85
C VAL A 108 18.17 32.01 -33.39
N GLY A 109 18.29 33.34 -33.33
CA GLY A 109 17.25 34.19 -33.89
C GLY A 109 17.17 34.09 -35.40
N PHE A 110 18.32 33.94 -36.06
CA PHE A 110 18.35 33.84 -37.52
C PHE A 110 17.64 32.58 -37.98
N THR A 111 17.88 31.45 -37.32
CA THR A 111 17.21 30.21 -37.71
C THR A 111 15.71 30.25 -37.44
N LEU A 112 15.25 31.10 -36.52
CA LEU A 112 13.82 31.26 -36.31
C LEU A 112 13.19 32.16 -37.37
N LYS A 113 13.84 33.27 -37.69
CA LYS A 113 13.22 34.26 -38.56
C LYS A 113 13.25 33.85 -40.04
N ASN A 114 14.22 33.05 -40.44
CA ASN A 114 14.45 32.75 -41.86
C ASN A 114 13.99 31.34 -42.22
N THR A 115 14.08 31.04 -43.52
CA THR A 115 13.68 29.74 -44.05
C THR A 115 14.57 29.40 -45.24
N VAL A 116 14.48 28.13 -45.67
CA VAL A 116 15.36 27.58 -46.69
C VAL A 116 14.57 27.37 -47.98
N CYS A 117 15.11 27.86 -49.10
CA CYS A 117 14.51 27.62 -50.40
C CYS A 117 14.70 26.15 -50.77
N THR A 118 13.65 25.52 -51.31
CA THR A 118 13.68 24.09 -51.52
C THR A 118 14.54 23.70 -52.71
N VAL A 119 14.49 24.48 -53.79
CA VAL A 119 15.14 24.08 -55.03
C VAL A 119 16.64 24.30 -55.05
N CYS A 120 17.19 25.05 -54.09
CA CYS A 120 18.62 25.30 -54.08
C CYS A 120 19.24 25.06 -52.71
N GLY A 121 18.41 25.01 -51.67
CA GLY A 121 18.92 24.79 -50.33
C GLY A 121 19.59 25.97 -49.70
N MET A 122 19.35 27.18 -50.20
CA MET A 122 19.92 28.39 -49.63
C MET A 122 18.91 29.08 -48.73
N TRP A 123 19.42 29.92 -47.83
CA TRP A 123 18.55 30.80 -47.07
C TRP A 123 17.91 31.82 -48.00
N LYS A 124 16.61 32.01 -47.87
CA LYS A 124 15.91 32.96 -48.72
C LYS A 124 16.31 34.39 -48.37
N GLY A 125 16.73 35.14 -49.38
CA GLY A 125 17.28 36.46 -49.18
C GLY A 125 18.75 36.49 -48.81
N TYR A 126 19.38 35.34 -48.61
CA TYR A 126 20.80 35.25 -48.25
C TYR A 126 21.42 34.16 -49.10
N GLY A 127 21.92 34.54 -50.27
CA GLY A 127 22.55 33.62 -51.19
C GLY A 127 21.60 32.93 -52.14
N CYS A 128 20.30 33.01 -51.89
CA CYS A 128 19.32 32.41 -52.80
C CYS A 128 19.10 33.31 -54.01
N SER A 129 19.01 32.69 -55.18
CA SER A 129 18.73 33.41 -56.41
C SER A 129 17.91 32.50 -57.31
N CYS A 130 16.59 32.63 -57.25
CA CYS A 130 15.70 31.85 -58.10
C CYS A 130 14.61 32.70 -58.75
N ASP A 131 14.65 34.02 -58.57
CA ASP A 131 13.62 34.90 -59.12
C ASP A 131 14.23 36.18 -59.68
N GLU B 2 35.74 30.48 -17.67
CA GLU B 2 34.39 31.05 -17.54
C GLU B 2 33.54 30.22 -16.58
N ASN B 3 32.74 30.92 -15.76
CA ASN B 3 31.84 30.26 -14.83
C ASN B 3 30.73 29.54 -15.58
N VAL B 4 30.10 28.58 -14.90
CA VAL B 4 29.00 27.81 -15.45
C VAL B 4 27.84 27.84 -14.47
N THR B 5 26.66 27.45 -14.97
CA THR B 5 25.46 27.39 -14.16
C THR B 5 24.94 25.95 -14.11
N GLY B 6 24.19 25.65 -13.06
CA GLY B 6 23.62 24.33 -12.90
C GLY B 6 22.34 24.09 -13.68
N LEU B 7 21.81 25.12 -14.34
CA LEU B 7 20.64 24.95 -15.18
C LEU B 7 21.00 24.15 -16.43
N PHE B 8 20.11 23.24 -16.82
CA PHE B 8 20.26 22.35 -17.97
C PHE B 8 21.51 21.48 -17.87
N LYS B 9 21.91 21.14 -16.65
CA LYS B 9 23.09 20.30 -16.45
C LYS B 9 22.86 18.90 -17.00
N ASP B 10 23.90 18.33 -17.60
CA ASP B 10 23.83 16.98 -18.16
C ASP B 10 24.10 15.98 -17.04
N CYS B 11 23.05 15.30 -16.59
CA CYS B 11 23.12 14.41 -15.45
C CYS B 11 23.46 12.97 -15.83
N SER B 12 23.56 12.67 -17.12
CA SER B 12 23.82 11.31 -17.57
C SER B 12 25.22 10.85 -17.14
N LYS B 13 25.36 9.53 -16.99
CA LYS B 13 26.58 8.93 -16.47
C LYS B 13 27.61 8.65 -17.55
N VAL B 14 27.32 8.99 -18.81
CA VAL B 14 28.28 8.80 -19.90
C VAL B 14 29.47 9.71 -19.70
N ILE B 15 30.68 9.15 -19.88
CA ILE B 15 31.88 9.91 -19.57
C ILE B 15 32.23 10.89 -20.70
N THR B 16 31.88 10.58 -21.94
CA THR B 16 32.27 11.41 -23.07
C THR B 16 31.26 12.53 -23.30
N GLY B 17 31.63 13.46 -24.17
CA GLY B 17 30.73 14.52 -24.59
C GLY B 17 29.96 14.14 -25.83
N LEU B 18 29.38 15.16 -26.46
CA LEU B 18 28.53 14.97 -27.63
C LEU B 18 29.26 15.36 -28.91
N HIS B 19 28.69 14.92 -30.02
CA HIS B 19 29.17 15.31 -31.34
C HIS B 19 28.89 16.81 -31.54
N PRO B 20 29.73 17.50 -32.32
CA PRO B 20 29.46 18.93 -32.58
C PRO B 20 28.15 19.20 -33.29
N THR B 21 27.58 18.24 -34.00
CA THR B 21 26.27 18.40 -34.62
C THR B 21 25.12 18.13 -33.65
N GLN B 22 25.40 17.57 -32.48
CA GLN B 22 24.36 17.20 -31.53
C GLN B 22 24.47 17.92 -30.19
N ALA B 23 25.62 18.50 -29.87
CA ALA B 23 25.78 19.23 -28.63
C ALA B 23 24.95 20.51 -28.67
N PRO B 24 24.11 20.77 -27.66
CA PRO B 24 23.34 22.02 -27.66
C PRO B 24 24.17 23.25 -27.36
N THR B 25 25.29 23.11 -26.65
CA THR B 25 26.16 24.23 -26.32
C THR B 25 27.60 23.82 -26.58
N HIS B 26 28.50 24.81 -26.48
CA HIS B 26 29.92 24.54 -26.66
C HIS B 26 30.52 23.78 -25.49
N LEU B 27 29.85 23.76 -24.34
CA LEU B 27 30.37 22.97 -23.22
C LEU B 27 30.02 21.51 -23.35
N SER B 28 28.99 21.19 -24.15
CA SER B 28 28.53 19.81 -24.28
C SER B 28 29.37 18.99 -25.25
N VAL B 29 30.04 19.63 -26.21
CA VAL B 29 30.78 18.89 -27.23
C VAL B 29 32.01 18.26 -26.60
N ASP B 30 32.38 17.07 -27.10
CA ASP B 30 33.49 16.32 -26.54
C ASP B 30 34.82 17.02 -26.82
N THR B 31 35.82 16.71 -26.00
CA THR B 31 37.15 17.30 -26.10
C THR B 31 37.93 16.81 -27.32
N LYS B 32 37.44 15.79 -28.03
CA LYS B 32 38.05 15.41 -29.30
C LYS B 32 37.98 16.56 -30.29
N PHE B 33 36.85 17.26 -30.33
CA PHE B 33 36.55 18.21 -31.39
C PHE B 33 36.97 19.63 -31.04
N LYS B 34 37.05 19.96 -29.75
CA LYS B 34 37.42 21.31 -29.34
C LYS B 34 38.85 21.64 -29.74
N THR B 35 39.04 22.82 -30.33
CA THR B 35 40.35 23.24 -30.79
C THR B 35 40.35 24.76 -30.95
N GLU B 36 41.24 25.42 -30.21
CA GLU B 36 41.47 26.87 -30.32
C GLU B 36 40.18 27.66 -30.06
N GLY B 37 39.37 27.21 -29.11
CA GLY B 37 38.11 27.86 -28.83
C GLY B 37 37.00 27.57 -29.82
N LEU B 38 37.26 26.72 -30.81
CA LEU B 38 36.26 26.33 -31.80
C LEU B 38 36.16 24.82 -31.86
N CYS B 39 35.43 24.30 -32.84
CA CYS B 39 35.25 22.86 -32.99
C CYS B 39 35.63 22.43 -34.39
N VAL B 40 36.00 21.16 -34.52
CA VAL B 40 36.46 20.58 -35.77
C VAL B 40 35.57 19.40 -36.12
N ASP B 41 35.23 19.27 -37.41
CA ASP B 41 34.49 18.11 -37.90
C ASP B 41 35.49 17.05 -38.34
N ILE B 42 35.69 16.05 -37.48
CA ILE B 42 36.56 14.92 -37.79
C ILE B 42 35.78 13.95 -38.68
N PRO B 43 36.28 13.63 -39.87
CA PRO B 43 35.47 12.86 -40.84
C PRO B 43 35.11 11.45 -40.38
N GLY B 44 35.98 10.79 -39.63
CA GLY B 44 35.76 9.39 -39.32
C GLY B 44 34.81 9.10 -38.16
N ILE B 45 34.65 10.05 -37.26
CA ILE B 45 33.89 9.82 -36.03
C ILE B 45 32.40 9.86 -36.31
N PRO B 46 31.67 8.77 -36.06
CA PRO B 46 30.22 8.79 -36.22
C PRO B 46 29.53 9.51 -35.07
N LYS B 47 28.27 9.88 -35.29
CA LYS B 47 27.49 10.50 -34.23
C LYS B 47 26.60 9.47 -33.55
N ASP B 48 26.45 9.63 -32.24
CA ASP B 48 25.65 8.71 -31.44
C ASP B 48 24.18 8.83 -31.82
N MET B 49 23.49 7.69 -31.86
CA MET B 49 22.09 7.67 -32.26
C MET B 49 21.18 6.97 -31.26
N THR B 50 21.71 6.60 -30.08
CA THR B 50 20.90 5.95 -29.06
C THR B 50 21.08 6.54 -27.67
N TYR B 51 21.66 7.73 -27.53
CA TYR B 51 21.92 8.27 -26.20
C TYR B 51 20.64 8.82 -25.57
N ARG B 52 20.60 8.77 -24.23
CA ARG B 52 19.47 9.23 -23.43
C ARG B 52 20.04 10.03 -22.27
N ARG B 53 20.12 11.35 -22.43
CA ARG B 53 20.83 12.20 -21.49
C ARG B 53 19.85 13.03 -20.67
N LEU B 54 19.71 12.71 -19.39
CA LEU B 54 18.79 13.45 -18.53
C LEU B 54 19.27 14.88 -18.33
N ILE B 55 18.35 15.83 -18.40
CA ILE B 55 18.68 17.26 -18.32
C ILE B 55 18.10 17.81 -17.02
N SER B 56 18.91 18.55 -16.28
CA SER B 56 18.50 19.08 -14.99
C SER B 56 17.66 20.34 -15.16
N MET B 57 16.46 20.34 -14.56
CA MET B 57 15.58 21.50 -14.60
C MET B 57 15.70 22.35 -13.35
N MET B 58 16.84 22.33 -12.68
CA MET B 58 17.05 23.05 -11.44
C MET B 58 17.94 24.26 -11.71
N GLY B 59 17.50 25.42 -11.24
CA GLY B 59 18.24 26.65 -11.42
C GLY B 59 17.60 27.70 -12.30
N PHE B 60 16.27 27.69 -12.45
CA PHE B 60 15.60 28.69 -13.26
C PHE B 60 15.69 30.07 -12.61
N LYS B 61 15.86 31.10 -13.44
CA LYS B 61 15.86 32.48 -12.99
C LYS B 61 14.78 33.23 -13.75
N MET B 62 13.75 33.68 -13.04
CA MET B 62 12.58 34.33 -13.63
C MET B 62 12.64 35.84 -13.48
N ASN B 63 13.83 36.43 -13.61
CA ASN B 63 14.03 37.87 -13.48
C ASN B 63 14.03 38.58 -14.84
N TYR B 64 13.25 38.11 -15.80
CA TYR B 64 13.14 38.77 -17.09
C TYR B 64 12.38 40.09 -16.97
N GLN B 65 12.57 40.95 -17.97
CA GLN B 65 11.88 42.24 -18.03
C GLN B 65 11.44 42.47 -19.47
N VAL B 66 10.22 42.02 -19.80
CA VAL B 66 9.66 42.13 -21.14
C VAL B 66 8.38 42.95 -21.03
N ASN B 67 8.08 43.74 -22.07
CA ASN B 67 7.04 44.76 -21.96
C ASN B 67 5.65 44.16 -21.74
N GLY B 68 5.27 43.20 -22.59
CA GLY B 68 3.93 42.66 -22.51
C GLY B 68 3.74 41.49 -21.58
N TYR B 69 4.79 41.07 -20.88
CA TYR B 69 4.78 39.85 -20.11
C TYR B 69 4.81 40.16 -18.62
N PRO B 70 3.78 39.78 -17.86
CA PRO B 70 3.78 40.07 -16.43
C PRO B 70 4.81 39.24 -15.67
N ASN B 71 5.25 39.78 -14.54
CA ASN B 71 6.27 39.13 -13.75
C ASN B 71 5.66 38.17 -12.73
N MET B 72 6.28 37.01 -12.58
CA MET B 72 5.74 35.98 -11.70
C MET B 72 5.93 36.34 -10.23
N PHE B 73 7.11 36.86 -9.87
CA PHE B 73 7.41 37.16 -8.48
C PHE B 73 7.00 38.59 -8.18
N ILE B 74 5.98 38.73 -7.36
CA ILE B 74 5.43 40.03 -6.97
C ILE B 74 5.98 40.41 -5.61
N THR B 75 5.82 41.69 -5.26
CA THR B 75 6.24 42.17 -3.95
C THR B 75 5.15 41.87 -2.92
N ARG B 76 5.53 41.95 -1.64
CA ARG B 76 4.58 41.61 -0.58
C ARG B 76 3.51 42.67 -0.41
N GLU B 77 3.82 43.92 -0.76
CA GLU B 77 2.79 44.97 -0.75
C GLU B 77 1.70 44.67 -1.75
N GLU B 78 2.05 44.09 -2.89
CA GLU B 78 1.10 43.65 -3.89
C GLU B 78 0.40 42.34 -3.51
N ALA B 79 1.09 41.44 -2.81
CA ALA B 79 0.48 40.19 -2.40
C ALA B 79 -0.54 40.40 -1.29
N ILE B 80 -0.35 41.43 -0.47
CA ILE B 80 -1.32 41.75 0.57
C ILE B 80 -2.66 42.13 -0.06
N ARG B 81 -2.61 42.83 -1.20
CA ARG B 81 -3.83 43.20 -1.92
C ARG B 81 -4.51 42.01 -2.60
N HIS B 82 -3.84 40.87 -2.72
CA HIS B 82 -4.41 39.68 -3.34
C HIS B 82 -4.35 38.47 -2.41
N VAL B 83 -4.31 38.73 -1.10
CA VAL B 83 -4.40 37.69 -0.07
C VAL B 83 -5.54 36.70 -0.30
N ARG B 84 -6.62 37.11 -0.97
CA ARG B 84 -7.70 36.17 -1.25
C ARG B 84 -7.32 35.16 -2.33
N ALA B 85 -6.22 35.40 -3.05
CA ALA B 85 -5.73 34.46 -4.05
C ALA B 85 -4.58 33.59 -3.55
N TRP B 86 -4.19 33.73 -2.28
CA TRP B 86 -3.01 33.05 -1.76
C TRP B 86 -3.26 31.55 -1.66
N ILE B 87 -2.36 30.76 -2.23
CA ILE B 87 -2.36 29.30 -2.11
C ILE B 87 -0.93 28.88 -1.79
N GLY B 88 -0.73 28.32 -0.60
CA GLY B 88 0.59 27.80 -0.27
C GLY B 88 0.92 26.58 -1.11
N PHE B 89 2.21 26.39 -1.37
CA PHE B 89 2.65 25.33 -2.27
C PHE B 89 4.00 24.80 -1.83
N ASP B 90 4.08 23.47 -1.67
CA ASP B 90 5.30 22.81 -1.25
C ASP B 90 5.44 21.52 -2.05
N VAL B 91 6.68 21.18 -2.40
CA VAL B 91 6.98 19.99 -3.19
C VAL B 91 7.99 19.13 -2.43
N GLU B 92 7.76 17.82 -2.43
CA GLU B 92 8.76 16.85 -2.01
C GLU B 92 9.36 16.22 -3.27
N GLY B 93 10.58 15.70 -3.14
CA GLY B 93 11.33 15.28 -4.31
C GLY B 93 11.99 13.93 -4.11
N CYS B 94 12.45 13.38 -5.24
CA CYS B 94 13.21 12.14 -5.28
C CYS B 94 14.44 12.33 -6.16
N HIS B 95 15.46 11.53 -5.91
CA HIS B 95 16.76 11.68 -6.55
C HIS B 95 16.88 10.73 -7.73
N ALA B 96 17.32 11.26 -8.87
CA ALA B 96 17.59 10.41 -10.03
C ALA B 96 18.77 9.49 -9.76
N THR B 97 18.67 8.25 -10.23
CA THR B 97 19.64 7.23 -9.86
C THR B 97 19.87 6.25 -11.00
N ARG B 98 21.08 5.70 -11.02
CA ARG B 98 21.51 4.48 -11.72
C ARG B 98 21.50 4.59 -13.25
N GLU B 99 20.97 5.68 -13.80
CA GLU B 99 21.18 6.00 -15.21
C GLU B 99 21.58 7.45 -15.36
N ALA B 100 21.24 8.27 -14.37
CA ALA B 100 21.66 9.65 -14.28
C ALA B 100 21.69 10.03 -12.81
N VAL B 101 22.68 10.83 -12.43
CA VAL B 101 22.82 11.31 -11.07
C VAL B 101 23.07 12.82 -11.13
N GLY B 102 22.31 13.57 -10.34
CA GLY B 102 22.58 14.99 -10.22
C GLY B 102 21.38 15.91 -10.33
N THR B 103 20.18 15.35 -10.32
CA THR B 103 18.98 16.18 -10.37
C THR B 103 17.90 15.55 -9.50
N ASN B 104 16.92 16.37 -9.14
CA ASN B 104 15.80 15.95 -8.31
C ASN B 104 14.50 16.13 -9.09
N LEU B 105 13.56 15.21 -8.87
CA LEU B 105 12.27 15.24 -9.61
C LEU B 105 11.10 15.38 -8.62
N PRO B 106 10.00 16.06 -8.99
CA PRO B 106 8.85 16.19 -8.10
C PRO B 106 8.17 14.85 -7.82
N LEU B 107 7.89 14.57 -6.54
CA LEU B 107 7.20 13.35 -6.18
C LEU B 107 5.84 13.61 -5.56
N GLN B 108 5.76 14.49 -4.57
CA GLN B 108 4.50 14.82 -3.91
C GLN B 108 4.31 16.33 -3.94
N LEU B 109 3.19 16.77 -4.50
CA LEU B 109 2.82 18.17 -4.57
C LEU B 109 1.69 18.44 -3.60
N GLY B 110 1.86 19.42 -2.74
CA GLY B 110 0.88 19.73 -1.73
C GLY B 110 0.52 21.20 -1.75
N PHE B 111 -0.72 21.48 -1.36
CA PHE B 111 -1.29 22.81 -1.39
C PHE B 111 -2.00 23.09 -0.07
N SER B 112 -2.19 24.38 0.23
CA SER B 112 -2.86 24.77 1.47
C SER B 112 -4.32 24.37 1.48
N THR B 113 -4.89 24.05 0.32
CA THR B 113 -6.25 23.53 0.27
C THR B 113 -6.38 22.16 0.91
N GLY B 114 -5.27 21.44 1.12
CA GLY B 114 -5.27 20.17 1.79
C GLY B 114 -4.99 18.97 0.91
N VAL B 115 -4.82 19.16 -0.39
CA VAL B 115 -4.65 18.04 -1.30
C VAL B 115 -3.18 17.68 -1.43
N ASN B 116 -2.92 16.40 -1.71
CA ASN B 116 -1.60 15.89 -2.03
C ASN B 116 -1.71 15.07 -3.31
N LEU B 117 -0.82 15.35 -4.25
CA LEU B 117 -0.80 14.64 -5.52
C LEU B 117 0.57 13.98 -5.70
N VAL B 118 0.57 12.69 -6.00
CA VAL B 118 1.79 11.92 -6.19
C VAL B 118 1.97 11.67 -7.68
N ALA B 119 3.14 12.01 -8.20
CA ALA B 119 3.47 11.82 -9.60
C ALA B 119 4.58 10.80 -9.73
N VAL B 120 4.55 10.04 -10.83
CA VAL B 120 5.67 9.13 -11.12
C VAL B 120 6.90 9.96 -11.45
N PRO B 121 8.10 9.50 -11.11
CA PRO B 121 9.30 10.30 -11.41
C PRO B 121 9.55 10.46 -12.90
N THR B 122 9.35 11.66 -13.40
CA THR B 122 9.40 11.96 -14.83
C THR B 122 10.39 13.09 -15.06
N GLY B 123 11.18 12.96 -16.13
CA GLY B 123 12.18 13.96 -16.44
C GLY B 123 12.24 14.26 -17.92
N TYR B 124 13.12 15.18 -18.26
CA TYR B 124 13.38 15.61 -19.64
C TYR B 124 14.69 14.97 -20.06
N VAL B 125 14.66 14.25 -21.18
CA VAL B 125 15.79 13.45 -21.64
C VAL B 125 16.16 13.89 -23.04
N ASP B 126 17.35 14.46 -23.19
CA ASP B 126 17.87 14.81 -24.50
C ASP B 126 18.17 13.54 -25.28
N THR B 127 17.57 13.41 -26.45
CA THR B 127 17.71 12.30 -27.38
C THR B 127 18.19 12.87 -28.70
N PRO B 128 18.78 12.03 -29.58
CA PRO B 128 19.31 12.56 -30.84
C PRO B 128 18.25 13.10 -31.80
N ASN B 129 16.96 12.93 -31.50
CA ASN B 129 15.92 13.53 -32.32
C ASN B 129 15.28 14.74 -31.65
N ASN B 130 15.02 14.67 -30.36
CA ASN B 130 14.31 15.72 -29.64
C ASN B 130 14.58 15.59 -28.15
N THR B 131 13.77 16.29 -27.36
CA THR B 131 13.76 16.10 -25.92
C THR B 131 12.50 15.35 -25.52
N ASP B 132 12.69 14.21 -24.86
CA ASP B 132 11.62 13.28 -24.53
C ASP B 132 11.24 13.45 -23.07
N PHE B 133 9.97 13.70 -22.80
CA PHE B 133 9.46 13.82 -21.44
C PHE B 133 9.00 12.43 -21.00
N SER B 134 9.81 11.76 -20.17
CA SER B 134 9.58 10.34 -19.95
C SER B 134 9.91 9.96 -18.51
N ARG B 135 9.35 8.83 -18.08
CA ARG B 135 9.63 8.29 -16.76
C ARG B 135 11.09 7.88 -16.66
N VAL B 136 11.71 8.20 -15.53
CA VAL B 136 13.13 7.93 -15.31
C VAL B 136 13.29 7.23 -13.97
N SER B 137 14.44 6.58 -13.80
CA SER B 137 14.74 5.90 -12.55
C SER B 137 14.96 6.93 -11.44
N ALA B 138 14.44 6.64 -10.26
CA ALA B 138 14.60 7.55 -9.14
C ALA B 138 14.44 6.79 -7.83
N LYS B 139 15.00 7.37 -6.76
CA LYS B 139 14.95 6.80 -5.43
C LYS B 139 14.58 7.88 -4.42
N PRO B 140 13.96 7.51 -3.30
CA PRO B 140 13.67 8.49 -2.26
C PRO B 140 14.96 8.94 -1.58
N PRO B 141 14.97 10.12 -0.96
CA PRO B 141 16.20 10.59 -0.33
C PRO B 141 16.53 9.76 0.90
N PRO B 142 17.81 9.59 1.19
CA PRO B 142 18.19 8.92 2.44
C PRO B 142 17.90 9.80 3.64
N GLY B 143 17.57 9.16 4.76
CA GLY B 143 17.23 9.88 5.97
C GLY B 143 15.94 9.32 6.55
N ASP B 144 15.85 9.35 7.89
CA ASP B 144 14.68 8.82 8.57
C ASP B 144 13.44 9.63 8.23
N GLN B 145 13.59 10.96 8.23
CA GLN B 145 12.45 11.89 8.00
C GLN B 145 11.78 11.66 6.65
N PHE B 146 12.50 11.11 5.68
CA PHE B 146 11.98 10.90 4.33
C PHE B 146 11.50 9.48 4.11
N LYS B 147 11.49 8.63 5.15
CA LYS B 147 11.10 7.24 4.95
C LYS B 147 9.65 7.10 4.53
N HIS B 148 8.79 8.04 4.94
CA HIS B 148 7.39 8.02 4.51
C HIS B 148 7.23 8.30 3.03
N LEU B 149 8.28 8.78 2.36
CA LEU B 149 8.24 8.95 0.92
C LEU B 149 8.48 7.64 0.17
N ILE B 150 8.94 6.59 0.87
CA ILE B 150 9.18 5.31 0.21
C ILE B 150 7.91 4.69 -0.37
N PRO B 151 6.77 4.64 0.34
CA PRO B 151 5.55 4.10 -0.30
C PRO B 151 5.06 4.91 -1.49
N LEU B 152 5.45 6.17 -1.61
CA LEU B 152 4.91 7.02 -2.68
C LEU B 152 5.52 6.69 -4.03
N MET B 153 6.58 5.87 -4.08
CA MET B 153 7.19 5.54 -5.36
C MET B 153 6.35 4.54 -6.16
N TYR B 154 5.39 3.89 -5.50
CA TYR B 154 4.56 2.88 -6.13
C TYR B 154 3.13 3.32 -6.37
N LYS B 155 2.84 4.61 -6.23
CA LYS B 155 1.45 5.07 -6.37
C LYS B 155 1.36 6.39 -7.13
N GLY B 156 2.36 6.72 -7.94
CA GLY B 156 2.32 7.98 -8.66
C GLY B 156 1.35 7.95 -9.84
N LEU B 157 0.95 9.12 -10.25
CA LEU B 157 0.08 9.30 -11.41
C LEU B 157 0.86 9.92 -12.56
N PRO B 158 0.42 9.72 -13.80
CA PRO B 158 1.05 10.43 -14.92
C PRO B 158 0.85 11.92 -14.81
N TRP B 159 1.81 12.69 -15.32
CA TRP B 159 1.80 14.14 -15.13
C TRP B 159 0.66 14.80 -15.89
N ASN B 160 0.25 14.22 -17.02
CA ASN B 160 -0.89 14.74 -17.77
C ASN B 160 -2.18 14.67 -16.98
N VAL B 161 -2.28 13.76 -16.02
CA VAL B 161 -3.43 13.70 -15.11
C VAL B 161 -3.22 14.62 -13.91
N VAL B 162 -1.96 14.72 -13.46
CA VAL B 162 -1.64 15.54 -12.28
C VAL B 162 -1.96 17.01 -12.56
N ARG B 163 -1.59 17.50 -13.74
CA ARG B 163 -1.85 18.92 -14.00
C ARG B 163 -3.33 19.21 -14.27
N ILE B 164 -4.07 18.24 -14.82
CA ILE B 164 -5.52 18.37 -14.92
C ILE B 164 -6.14 18.49 -13.53
N LYS B 165 -5.71 17.64 -12.60
CA LYS B 165 -6.21 17.71 -11.23
C LYS B 165 -5.82 19.01 -10.55
N ILE B 166 -4.61 19.51 -10.81
CA ILE B 166 -4.16 20.78 -10.25
C ILE B 166 -5.05 21.92 -10.72
N VAL B 167 -5.33 21.96 -12.03
CA VAL B 167 -6.17 23.02 -12.58
C VAL B 167 -7.59 22.94 -12.03
N GLN B 168 -8.12 21.71 -11.91
CA GLN B 168 -9.46 21.54 -11.35
C GLN B 168 -9.52 22.02 -9.90
N MET B 169 -8.53 21.65 -9.08
CA MET B 169 -8.54 22.06 -7.69
C MET B 169 -8.39 23.57 -7.54
N LEU B 170 -7.50 24.19 -8.32
CA LEU B 170 -7.32 25.63 -8.25
C LEU B 170 -8.57 26.38 -8.68
N SER B 171 -9.23 25.90 -9.74
CA SER B 171 -10.45 26.55 -10.19
C SER B 171 -11.58 26.38 -9.19
N ASP B 172 -11.70 25.19 -8.58
CA ASP B 172 -12.74 24.97 -7.58
C ASP B 172 -12.51 25.82 -6.34
N THR B 173 -11.26 26.02 -5.92
CA THR B 173 -10.98 26.85 -4.75
C THR B 173 -11.17 28.33 -5.05
N LEU B 174 -10.72 28.79 -6.22
CA LEU B 174 -10.52 30.22 -6.42
C LEU B 174 -11.55 30.89 -7.32
N LYS B 175 -12.57 30.17 -7.81
CA LYS B 175 -13.49 30.79 -8.77
C LYS B 175 -14.41 31.80 -8.11
N ASN B 176 -14.59 31.72 -6.79
CA ASN B 176 -15.41 32.66 -6.05
C ASN B 176 -14.60 33.54 -5.11
N LEU B 177 -13.30 33.62 -5.30
CA LEU B 177 -12.43 34.42 -4.44
C LEU B 177 -11.62 35.47 -5.19
N SER B 178 -11.06 35.13 -6.35
CA SER B 178 -10.14 36.03 -7.02
C SER B 178 -10.13 35.72 -8.51
N ASP B 179 -9.40 36.54 -9.25
CA ASP B 179 -9.16 36.32 -10.67
C ASP B 179 -7.74 35.89 -10.98
N ARG B 180 -6.99 35.41 -9.99
CA ARG B 180 -5.63 34.95 -10.19
C ARG B 180 -5.27 33.98 -9.08
N VAL B 181 -4.03 33.49 -9.13
CA VAL B 181 -3.47 32.68 -8.06
C VAL B 181 -2.13 33.26 -7.66
N VAL B 182 -1.90 33.35 -6.36
CA VAL B 182 -0.61 33.74 -5.79
C VAL B 182 -0.10 32.55 -5.01
N PHE B 183 1.00 31.96 -5.46
CA PHE B 183 1.58 30.82 -4.77
C PHE B 183 2.49 31.30 -3.66
N VAL B 184 2.26 30.81 -2.44
CA VAL B 184 3.04 31.17 -1.27
C VAL B 184 4.07 30.07 -1.05
N LEU B 185 5.34 30.41 -1.20
CA LEU B 185 6.43 29.44 -1.21
C LEU B 185 7.38 29.72 -0.06
N TRP B 186 8.17 28.71 0.31
CA TRP B 186 9.23 28.87 1.29
C TRP B 186 10.63 28.80 0.70
N ALA B 187 10.84 27.94 -0.30
CA ALA B 187 12.08 27.97 -1.06
C ALA B 187 11.68 27.80 -2.53
N HIS B 188 11.90 28.83 -3.33
CA HIS B 188 11.31 28.84 -4.66
C HIS B 188 12.10 28.04 -5.68
N GLY B 189 13.27 27.50 -5.32
CA GLY B 189 14.05 26.72 -6.25
C GLY B 189 13.35 25.49 -6.78
N PHE B 190 13.10 24.51 -5.89
CA PHE B 190 12.40 23.31 -6.30
C PHE B 190 10.94 23.59 -6.63
N ALA B 191 10.36 24.66 -6.08
CA ALA B 191 9.02 25.08 -6.48
C ALA B 191 8.97 25.47 -7.96
N LEU B 192 9.96 26.23 -8.42
CA LEU B 192 10.04 26.57 -9.84
C LEU B 192 10.35 25.34 -10.69
N THR B 193 11.23 24.48 -10.20
CA THR B 193 11.55 23.24 -10.92
C THR B 193 10.30 22.38 -11.11
N SER B 194 9.41 22.37 -10.12
CA SER B 194 8.13 21.66 -10.27
C SER B 194 7.14 22.44 -11.11
N MET B 195 7.16 23.77 -11.06
CA MET B 195 6.24 24.58 -11.86
C MET B 195 6.54 24.46 -13.34
N LYS B 196 7.78 24.07 -13.69
CA LYS B 196 8.10 23.76 -15.08
C LYS B 196 7.15 22.70 -15.65
N TYR B 197 6.66 21.80 -14.80
CA TYR B 197 5.81 20.71 -15.24
C TYR B 197 4.37 21.12 -15.53
N PHE B 198 3.87 22.20 -14.93
CA PHE B 198 2.45 22.51 -15.09
C PHE B 198 2.13 23.99 -15.26
N VAL B 199 3.10 24.87 -15.51
CA VAL B 199 2.86 26.31 -15.59
C VAL B 199 3.34 26.82 -16.94
N LYS B 200 2.52 27.65 -17.59
CA LYS B 200 2.89 28.35 -18.80
C LYS B 200 2.79 29.85 -18.57
N ILE B 201 3.63 30.62 -19.26
CA ILE B 201 3.60 32.06 -19.17
C ILE B 201 3.45 32.66 -20.56
N GLY B 202 3.15 33.95 -20.59
CA GLY B 202 2.97 34.67 -21.83
C GLY B 202 2.40 36.04 -21.57
N PRO B 203 1.97 36.74 -22.63
CA PRO B 203 1.29 38.01 -22.43
C PRO B 203 -0.12 37.81 -21.88
N GLU B 204 -0.67 38.90 -21.34
CA GLU B 204 -1.98 38.82 -20.69
C GLU B 204 -3.08 38.56 -21.70
N ARG B 205 -3.95 37.59 -21.37
CA ARG B 205 -5.00 37.14 -22.27
C ARG B 205 -6.35 37.29 -21.58
N THR B 206 -7.38 36.81 -22.28
CA THR B 206 -8.77 36.88 -21.84
C THR B 206 -9.42 35.53 -22.05
N CYS B 207 -10.42 35.21 -21.24
CA CYS B 207 -11.09 33.92 -21.32
C CYS B 207 -11.83 33.78 -22.65
N CYS B 208 -11.93 32.54 -23.13
CA CYS B 208 -12.55 32.29 -24.43
C CYS B 208 -14.06 32.47 -24.42
N LEU B 209 -14.72 32.32 -23.26
CA LEU B 209 -16.16 32.40 -23.18
C LEU B 209 -16.68 33.62 -22.46
N CYS B 210 -15.80 34.44 -21.88
CA CYS B 210 -16.21 35.63 -21.15
C CYS B 210 -15.06 36.61 -21.13
N ASP B 211 -15.28 37.77 -20.49
CA ASP B 211 -14.32 38.84 -20.46
C ASP B 211 -13.42 38.82 -19.21
N ARG B 212 -13.27 37.68 -18.56
CA ARG B 212 -12.41 37.60 -17.39
C ARG B 212 -10.97 37.33 -17.78
N ARG B 213 -10.07 37.57 -16.82
CA ARG B 213 -8.65 37.29 -17.03
C ARG B 213 -8.41 35.81 -17.24
N ALA B 214 -7.53 35.49 -18.17
CA ALA B 214 -7.20 34.10 -18.45
C ALA B 214 -6.25 33.55 -17.40
N THR B 215 -6.65 32.46 -16.75
CA THR B 215 -5.81 31.81 -15.76
C THR B 215 -5.39 30.41 -16.14
N CYS B 216 -6.01 29.80 -17.15
CA CYS B 216 -5.69 28.44 -17.55
C CYS B 216 -5.52 28.37 -19.06
N PHE B 217 -4.68 27.44 -19.49
CA PHE B 217 -4.36 27.20 -20.89
C PHE B 217 -4.58 25.74 -21.22
N SER B 218 -5.08 25.47 -22.43
CA SER B 218 -5.30 24.10 -22.89
C SER B 218 -4.44 23.86 -24.13
N THR B 219 -3.56 22.86 -24.06
CA THR B 219 -2.76 22.49 -25.23
C THR B 219 -3.57 21.75 -26.27
N ALA B 220 -4.64 21.05 -25.86
CA ALA B 220 -5.47 20.31 -26.80
C ALA B 220 -6.31 21.21 -27.69
N SER B 221 -6.47 22.49 -27.33
CA SER B 221 -7.25 23.41 -28.15
C SER B 221 -6.59 24.77 -28.34
N ASP B 222 -5.43 25.02 -27.75
CA ASP B 222 -4.71 26.30 -27.85
C ASP B 222 -5.61 27.47 -27.41
N THR B 223 -6.33 27.26 -26.31
CA THR B 223 -7.29 28.24 -25.84
C THR B 223 -7.01 28.57 -24.37
N TYR B 224 -7.51 29.72 -23.95
CA TYR B 224 -7.32 30.26 -22.62
C TYR B 224 -8.68 30.42 -21.94
N ALA B 225 -8.70 30.24 -20.62
CA ALA B 225 -9.94 30.30 -19.87
C ALA B 225 -9.68 30.87 -18.48
N CYS B 226 -10.76 31.29 -17.83
CA CYS B 226 -10.71 31.71 -16.44
C CYS B 226 -11.01 30.51 -15.53
N TRP B 227 -11.19 30.80 -14.24
CA TRP B 227 -11.49 29.72 -13.29
C TRP B 227 -12.85 29.12 -13.54
N HIS B 228 -13.80 29.91 -14.05
CA HIS B 228 -15.16 29.41 -14.24
C HIS B 228 -15.27 28.50 -15.44
N HIS B 229 -14.39 28.66 -16.44
CA HIS B 229 -14.51 27.97 -17.71
C HIS B 229 -13.34 27.03 -17.99
N SER B 230 -12.61 26.61 -16.97
CA SER B 230 -11.40 25.84 -17.14
C SER B 230 -11.62 24.33 -17.07
N ILE B 231 -12.77 23.83 -17.53
CA ILE B 231 -13.01 22.40 -17.49
C ILE B 231 -12.16 21.71 -18.55
N GLY B 232 -11.30 20.79 -18.10
CA GLY B 232 -10.46 20.04 -19.01
C GLY B 232 -9.16 20.72 -19.40
N PHE B 233 -8.86 21.88 -18.83
CA PHE B 233 -7.62 22.59 -19.15
C PHE B 233 -6.48 22.01 -18.33
N ASP B 234 -5.27 22.05 -18.89
CA ASP B 234 -4.16 21.29 -18.34
C ASP B 234 -2.97 22.12 -17.89
N TYR B 235 -3.00 23.44 -18.04
CA TYR B 235 -1.90 24.27 -17.58
C TYR B 235 -2.40 25.50 -16.85
N VAL B 236 -1.62 25.95 -15.87
CA VAL B 236 -1.89 27.21 -15.19
C VAL B 236 -1.18 28.33 -15.93
N TYR B 237 -1.93 29.34 -16.36
CA TYR B 237 -1.42 30.39 -17.23
C TYR B 237 -1.24 31.66 -16.44
N ASN B 238 -0.02 32.21 -16.50
CA ASN B 238 0.35 33.44 -15.79
C ASN B 238 -0.01 33.43 -14.31
N PRO B 239 0.65 32.61 -13.50
CA PRO B 239 0.45 32.70 -12.05
C PRO B 239 1.45 33.64 -11.41
N PHE B 240 1.15 34.01 -10.17
CA PHE B 240 2.04 34.85 -9.37
C PHE B 240 2.52 34.06 -8.16
N MET B 241 3.62 34.53 -7.58
CA MET B 241 4.20 33.83 -6.45
C MET B 241 5.01 34.81 -5.61
N ILE B 242 5.24 34.43 -4.36
CA ILE B 242 6.06 35.20 -3.42
C ILE B 242 6.79 34.20 -2.54
N ASP B 243 8.06 34.50 -2.25
CA ASP B 243 8.89 33.66 -1.40
C ASP B 243 8.96 34.29 -0.01
N VAL B 244 8.45 33.57 0.99
CA VAL B 244 8.35 34.13 2.34
C VAL B 244 9.72 34.17 3.02
N GLN B 245 10.58 33.19 2.72
CA GLN B 245 11.92 33.16 3.30
C GLN B 245 12.77 34.36 2.91
N GLN B 246 12.44 35.02 1.80
CA GLN B 246 13.11 36.26 1.41
C GLN B 246 12.75 37.43 2.30
N TRP B 247 11.77 37.29 3.18
CA TRP B 247 11.36 38.34 4.10
C TRP B 247 12.22 38.40 5.35
N GLY B 248 13.40 37.77 5.35
CA GLY B 248 14.34 37.88 6.45
C GLY B 248 14.37 36.74 7.43
N PHE B 249 13.69 35.63 7.14
CA PHE B 249 13.65 34.53 8.09
C PHE B 249 14.94 33.73 8.07
N THR B 250 15.28 33.17 9.23
CA THR B 250 16.40 32.25 9.37
C THR B 250 15.89 30.95 9.99
N GLY B 251 16.61 29.86 9.72
CA GLY B 251 16.15 28.56 10.12
C GLY B 251 15.19 27.97 9.11
N ASN B 252 14.56 26.87 9.52
CA ASN B 252 13.62 26.19 8.65
C ASN B 252 12.20 26.72 8.86
N LEU B 253 11.27 26.20 8.06
CA LEU B 253 9.90 26.70 8.07
C LEU B 253 9.20 26.38 9.39
N GLN B 254 9.39 25.16 9.89
CA GLN B 254 8.73 24.73 11.12
C GLN B 254 9.18 25.56 12.31
N SER B 255 10.48 25.89 12.36
CA SER B 255 11.02 26.69 13.45
C SER B 255 10.38 28.07 13.51
N ASN B 256 10.21 28.72 12.36
CA ASN B 256 9.62 30.05 12.33
C ASN B 256 8.10 30.00 12.51
N HIS B 257 7.46 28.94 12.03
CA HIS B 257 6.00 28.85 12.17
C HIS B 257 5.60 28.58 13.61
N ASP B 258 6.38 27.75 14.32
CA ASP B 258 6.03 27.41 15.69
C ASP B 258 6.15 28.58 16.66
N LEU B 259 6.82 29.66 16.27
CA LEU B 259 6.93 30.82 17.13
C LEU B 259 5.60 31.54 17.30
N TYR B 260 4.64 31.33 16.41
CA TYR B 260 3.41 32.11 16.43
C TYR B 260 2.16 31.22 16.45
N CYS B 261 2.27 29.99 15.96
CA CYS B 261 1.10 29.14 15.76
C CYS B 261 1.30 27.79 16.41
N GLN B 262 0.25 27.26 17.03
CA GLN B 262 0.25 25.94 17.63
C GLN B 262 -0.71 24.97 16.97
N VAL B 263 -1.42 25.41 15.92
CA VAL B 263 -2.47 24.58 15.33
C VAL B 263 -1.86 23.61 14.32
N HIS B 264 -1.00 24.10 13.44
CA HIS B 264 -0.47 23.27 12.36
C HIS B 264 0.87 22.63 12.75
N GLY B 265 1.13 21.48 12.16
CA GLY B 265 2.38 20.76 12.36
C GLY B 265 2.64 19.75 11.27
N ASN B 266 3.26 18.61 11.62
CA ASN B 266 3.46 17.47 10.71
C ASN B 266 4.29 17.87 9.49
N ALA B 267 5.56 18.23 9.73
CA ALA B 267 6.43 18.69 8.67
C ALA B 267 6.77 17.55 7.70
N HIS B 268 7.35 17.94 6.56
CA HIS B 268 7.81 17.09 5.46
C HIS B 268 6.68 16.36 4.73
N VAL B 269 5.43 16.69 5.03
CA VAL B 269 4.30 16.35 4.17
C VAL B 269 3.90 17.64 3.46
N ALA B 270 3.74 17.55 2.14
CA ALA B 270 3.76 18.75 1.30
C ALA B 270 2.58 19.67 1.60
N SER B 271 1.39 19.09 1.81
CA SER B 271 0.22 19.92 2.11
C SER B 271 0.35 20.61 3.46
N CYS B 272 0.89 19.91 4.45
CA CYS B 272 1.08 20.50 5.77
C CYS B 272 2.09 21.63 5.72
N ASP B 273 3.19 21.45 4.97
CA ASP B 273 4.18 22.51 4.81
C ASP B 273 3.59 23.71 4.08
N ALA B 274 2.73 23.46 3.08
CA ALA B 274 2.05 24.55 2.39
C ALA B 274 1.13 25.33 3.34
N ILE B 275 0.41 24.62 4.19
CA ILE B 275 -0.45 25.27 5.18
C ILE B 275 0.38 26.11 6.14
N MET B 276 1.51 25.57 6.59
CA MET B 276 2.40 26.31 7.48
C MET B 276 2.96 27.56 6.80
N THR B 277 3.33 27.44 5.51
CA THR B 277 3.88 28.58 4.78
C THR B 277 2.86 29.69 4.64
N ARG B 278 1.63 29.34 4.26
CA ARG B 278 0.59 30.35 4.13
C ARG B 278 0.23 30.96 5.49
N CYS B 279 0.25 30.15 6.55
CA CYS B 279 0.00 30.67 7.88
C CYS B 279 1.07 31.66 8.32
N LEU B 280 2.34 31.35 8.03
CA LEU B 280 3.42 32.27 8.36
C LEU B 280 3.31 33.57 7.57
N ALA B 281 2.95 33.48 6.29
CA ALA B 281 2.75 34.69 5.50
C ALA B 281 1.60 35.54 6.04
N VAL B 282 0.50 34.90 6.42
CA VAL B 282 -0.64 35.63 6.98
C VAL B 282 -0.24 36.30 8.29
N HIS B 283 0.54 35.60 9.12
CA HIS B 283 1.00 36.21 10.37
C HIS B 283 1.89 37.42 10.12
N GLU B 284 2.77 37.32 9.12
CA GLU B 284 3.71 38.43 8.85
C GLU B 284 2.99 39.61 8.20
N CYS B 285 1.83 39.38 7.57
CA CYS B 285 1.19 40.48 6.86
C CYS B 285 -0.01 41.09 7.59
N PHE B 286 -0.73 40.33 8.43
CA PHE B 286 -2.01 40.81 8.93
C PHE B 286 -2.19 40.77 10.45
N VAL B 287 -1.39 39.99 11.19
CA VAL B 287 -1.60 39.90 12.63
C VAL B 287 -1.16 41.17 13.36
N LYS B 288 -0.30 41.99 12.73
CA LYS B 288 0.16 43.23 13.34
C LYS B 288 -0.99 44.19 13.66
N ARG B 289 -1.68 44.67 12.63
CA ARG B 289 -2.78 45.61 12.81
C ARG B 289 -3.55 45.69 11.51
N VAL B 290 -4.82 46.08 11.61
CA VAL B 290 -5.66 46.27 10.43
C VAL B 290 -5.24 47.54 9.70
N ASP B 291 -5.05 47.44 8.39
CA ASP B 291 -4.67 48.57 7.54
C ASP B 291 -5.92 49.06 6.82
N TRP B 292 -6.46 50.19 7.27
CA TRP B 292 -7.65 50.75 6.65
C TRP B 292 -7.37 51.37 5.27
N THR B 293 -6.10 51.58 4.93
CA THR B 293 -5.77 52.18 3.64
C THR B 293 -6.00 51.23 2.47
N ILE B 294 -5.97 49.93 2.71
CA ILE B 294 -6.11 48.93 1.66
C ILE B 294 -7.56 48.46 1.62
N GLU B 295 -8.18 48.58 0.45
CA GLU B 295 -9.56 48.16 0.25
C GLU B 295 -9.58 46.93 -0.63
N TYR B 296 -10.67 46.17 -0.53
CA TYR B 296 -10.81 44.93 -1.28
C TYR B 296 -12.12 44.92 -2.05
N PRO B 297 -12.17 44.23 -3.18
CA PRO B 297 -13.39 44.24 -4.00
C PRO B 297 -14.54 43.49 -3.32
N ILE B 298 -15.75 43.91 -3.64
CA ILE B 298 -16.96 43.29 -3.11
C ILE B 298 -17.22 42.02 -3.92
N ILE B 299 -16.76 40.88 -3.42
CA ILE B 299 -16.95 39.62 -4.13
C ILE B 299 -18.40 39.16 -4.07
N GLY B 300 -19.00 39.19 -2.88
CA GLY B 300 -20.39 38.78 -2.77
C GLY B 300 -21.01 39.00 -1.40
N ASP B 301 -22.21 39.59 -1.40
CA ASP B 301 -23.09 39.70 -0.23
C ASP B 301 -22.49 40.51 0.91
N GLU B 302 -21.45 41.30 0.64
CA GLU B 302 -20.81 42.06 1.71
C GLU B 302 -21.67 43.25 2.12
N LEU B 303 -22.26 43.95 1.14
CA LEU B 303 -23.10 45.10 1.46
C LEU B 303 -24.37 44.67 2.20
N LYS B 304 -24.96 43.54 1.82
CA LYS B 304 -26.14 43.03 2.51
C LYS B 304 -25.81 42.70 3.96
N ILE B 305 -24.67 42.06 4.21
CA ILE B 305 -24.28 41.71 5.57
C ILE B 305 -23.99 42.97 6.38
N ASN B 306 -23.38 43.98 5.76
CA ASN B 306 -23.13 45.23 6.47
C ASN B 306 -24.44 45.92 6.86
N ALA B 307 -25.40 45.97 5.93
CA ALA B 307 -26.69 46.58 6.24
C ALA B 307 -27.44 45.79 7.31
N ALA B 308 -27.37 44.46 7.25
CA ALA B 308 -28.00 43.62 8.27
C ALA B 308 -27.38 43.86 9.64
N CYS B 309 -26.06 43.98 9.70
CA CYS B 309 -25.39 44.26 10.97
C CYS B 309 -25.79 45.62 11.52
N ARG B 310 -25.89 46.63 10.63
CA ARG B 310 -26.31 47.95 11.07
C ARG B 310 -27.72 47.92 11.66
N LYS B 311 -28.65 47.26 10.96
CA LYS B 311 -30.03 47.21 11.42
C LYS B 311 -30.16 46.45 12.74
N VAL B 312 -29.46 45.32 12.85
CA VAL B 312 -29.53 44.52 14.08
C VAL B 312 -28.95 45.29 15.25
N GLN B 313 -27.81 45.95 15.04
CA GLN B 313 -27.20 46.74 16.12
C GLN B 313 -28.12 47.85 16.58
N HIS B 314 -28.72 48.57 15.62
CA HIS B 314 -29.63 49.66 15.97
C HIS B 314 -30.82 49.14 16.78
N MET B 315 -31.41 48.04 16.32
CA MET B 315 -32.60 47.50 17.00
C MET B 315 -32.26 47.04 18.42
N VAL B 316 -31.17 46.28 18.58
CA VAL B 316 -30.88 45.72 19.90
C VAL B 316 -30.44 46.80 20.87
N VAL B 317 -29.68 47.81 20.43
CA VAL B 317 -29.29 48.87 21.35
C VAL B 317 -30.49 49.71 21.74
N LYS B 318 -31.37 50.03 20.77
CA LYS B 318 -32.58 50.77 21.09
C LYS B 318 -33.45 50.01 22.08
N ALA B 319 -33.61 48.70 21.86
CA ALA B 319 -34.46 47.90 22.73
C ALA B 319 -33.90 47.82 24.15
N ALA B 320 -32.58 47.61 24.26
CA ALA B 320 -31.97 47.54 25.59
C ALA B 320 -32.08 48.87 26.33
N LEU B 321 -31.82 49.98 25.64
CA LEU B 321 -31.88 51.29 26.29
C LEU B 321 -33.31 51.67 26.67
N LEU B 322 -34.29 51.24 25.87
CA LEU B 322 -35.67 51.54 26.21
C LEU B 322 -36.17 50.64 27.33
N ALA B 323 -35.68 49.40 27.41
CA ALA B 323 -36.19 48.46 28.39
C ALA B 323 -35.58 48.71 29.77
N ASP B 324 -34.26 48.88 29.84
CA ASP B 324 -33.58 48.91 31.12
C ASP B 324 -33.13 50.29 31.57
N LYS B 325 -33.04 51.25 30.64
CA LYS B 325 -32.78 52.67 30.96
C LYS B 325 -31.46 52.84 31.71
N PHE B 326 -30.37 52.40 31.09
CA PHE B 326 -29.06 52.57 31.70
C PHE B 326 -28.66 54.04 31.70
N PRO B 327 -27.96 54.50 32.74
CA PRO B 327 -27.54 55.91 32.77
C PRO B 327 -26.40 56.22 31.81
N VAL B 328 -25.49 55.28 31.60
CA VAL B 328 -24.32 55.50 30.75
C VAL B 328 -24.09 54.26 29.89
N LEU B 329 -23.80 54.48 28.62
CA LEU B 329 -23.48 53.40 27.68
C LEU B 329 -22.03 53.58 27.22
N HIS B 330 -21.22 52.55 27.42
CA HIS B 330 -19.81 52.60 27.06
C HIS B 330 -19.61 51.91 25.72
N ASP B 331 -19.42 52.71 24.67
CA ASP B 331 -19.18 52.18 23.33
C ASP B 331 -17.69 51.81 23.19
N ILE B 332 -17.35 50.66 23.77
CA ILE B 332 -15.96 50.27 23.88
C ILE B 332 -15.45 49.78 22.52
N GLY B 333 -14.28 50.27 22.13
CA GLY B 333 -13.65 49.86 20.89
C GLY B 333 -14.05 50.64 19.66
N ASN B 334 -14.85 51.68 19.81
CA ASN B 334 -15.29 52.48 18.67
C ASN B 334 -14.63 53.85 18.70
N PRO B 335 -13.65 54.12 17.84
CA PRO B 335 -13.01 55.45 17.84
C PRO B 335 -13.94 56.58 17.41
N LYS B 336 -15.00 56.29 16.66
CA LYS B 336 -15.91 57.30 16.17
C LYS B 336 -17.05 57.49 17.17
N ALA B 337 -17.55 58.73 17.25
CA ALA B 337 -18.59 59.06 18.22
C ALA B 337 -19.98 59.00 17.58
N ILE B 338 -20.15 58.11 16.59
CA ILE B 338 -21.41 57.98 15.88
C ILE B 338 -22.38 57.19 16.78
N LYS B 339 -23.45 57.85 17.21
CA LYS B 339 -24.44 57.17 18.03
C LYS B 339 -25.41 56.39 17.15
N CYS B 340 -25.53 55.09 17.44
CA CYS B 340 -26.47 54.25 16.71
C CYS B 340 -27.93 54.59 16.98
N VAL B 341 -28.21 55.25 18.11
CA VAL B 341 -29.52 55.82 18.39
C VAL B 341 -29.34 57.20 19.01
N PRO B 342 -29.47 58.27 18.21
CA PRO B 342 -29.17 59.61 18.73
C PRO B 342 -30.11 60.08 19.81
N GLN B 343 -31.38 59.68 19.78
CA GLN B 343 -32.40 60.26 20.65
C GLN B 343 -32.52 59.54 21.98
N ALA B 344 -31.66 58.56 22.26
CA ALA B 344 -31.71 57.86 23.54
C ALA B 344 -31.27 58.78 24.67
N ASP B 345 -31.96 58.68 25.81
CA ASP B 345 -31.67 59.49 26.99
C ASP B 345 -30.55 58.82 27.80
N VAL B 346 -29.34 58.90 27.25
CA VAL B 346 -28.18 58.26 27.86
C VAL B 346 -26.93 58.98 27.37
N GLU B 347 -25.93 59.06 28.24
CA GLU B 347 -24.64 59.63 27.86
C GLU B 347 -23.74 58.54 27.29
N TRP B 348 -22.82 58.95 26.42
CA TRP B 348 -21.99 58.03 25.67
C TRP B 348 -20.51 58.32 25.92
N LYS B 349 -19.74 57.25 26.07
CA LYS B 349 -18.29 57.31 26.17
C LYS B 349 -17.68 56.40 25.13
N PHE B 350 -16.54 56.81 24.57
CA PHE B 350 -15.93 56.11 23.46
C PHE B 350 -14.47 55.84 23.76
N TYR B 351 -14.00 54.67 23.34
CA TYR B 351 -12.63 54.24 23.63
C TYR B 351 -12.03 53.60 22.40
N ASP B 352 -10.72 53.36 22.46
CA ASP B 352 -10.00 52.63 21.43
C ASP B 352 -9.09 51.59 22.09
N ALA B 353 -8.91 50.46 21.41
CA ALA B 353 -8.03 49.43 21.93
C ALA B 353 -6.56 49.83 21.80
N GLN B 354 -6.20 50.50 20.71
CA GLN B 354 -4.84 50.95 20.47
C GLN B 354 -4.90 52.43 20.10
N PRO B 355 -3.85 53.21 20.39
CA PRO B 355 -3.90 54.65 20.12
C PRO B 355 -3.99 54.95 18.63
N CYS B 356 -4.88 55.87 18.27
CA CYS B 356 -5.06 56.26 16.88
C CYS B 356 -4.18 57.46 16.55
N SER B 357 -4.29 57.92 15.29
CA SER B 357 -3.50 59.06 14.84
C SER B 357 -4.00 60.38 15.41
N ASP B 358 -5.26 60.44 15.84
CA ASP B 358 -5.80 61.67 16.40
C ASP B 358 -5.34 61.83 17.85
N LYS B 359 -4.71 62.96 18.15
CA LYS B 359 -4.21 63.23 19.49
C LYS B 359 -5.18 64.02 20.36
N ALA B 360 -6.39 64.27 19.88
CA ALA B 360 -7.37 65.03 20.65
C ALA B 360 -7.91 64.20 21.80
N TYR B 361 -8.63 64.87 22.70
CA TYR B 361 -9.17 64.21 23.89
C TYR B 361 -10.58 63.70 23.64
N LYS B 362 -10.90 63.40 22.38
CA LYS B 362 -12.22 62.88 22.04
C LYS B 362 -12.44 61.48 22.61
N ILE B 363 -11.42 60.63 22.58
CA ILE B 363 -11.53 59.25 23.03
C ILE B 363 -10.44 58.98 24.08
N GLU B 364 -10.66 57.93 24.86
CA GLU B 364 -9.75 57.51 25.91
C GLU B 364 -9.20 56.13 25.61
N GLU B 365 -7.97 55.88 26.04
CA GLU B 365 -7.35 54.58 25.79
C GLU B 365 -7.99 53.51 26.67
N LEU B 366 -8.16 52.31 26.11
CA LEU B 366 -8.73 51.19 26.84
C LEU B 366 -8.23 49.89 26.21
N PHE B 367 -7.22 49.28 26.84
CA PHE B 367 -6.77 47.95 26.48
C PHE B 367 -7.44 46.98 27.45
N TYR B 368 -8.67 46.59 27.11
CA TYR B 368 -9.53 45.90 28.06
C TYR B 368 -9.05 44.48 28.33
N SER B 369 -9.05 44.12 29.61
CA SER B 369 -8.88 42.75 30.07
C SER B 369 -9.70 42.59 31.33
N TYR B 370 -10.27 41.40 31.52
CA TYR B 370 -11.13 41.18 32.69
C TYR B 370 -10.33 41.20 33.99
N ALA B 371 -9.04 40.88 33.92
CA ALA B 371 -8.21 40.88 35.11
C ALA B 371 -7.82 42.28 35.56
N THR B 372 -8.04 43.30 34.73
CA THR B 372 -7.64 44.66 35.05
C THR B 372 -8.74 45.69 34.92
N HIS B 373 -9.82 45.42 34.18
CA HIS B 373 -10.88 46.40 33.96
C HIS B 373 -12.27 45.86 34.26
N SER B 374 -12.40 44.91 35.19
CA SER B 374 -13.71 44.34 35.48
C SER B 374 -14.59 45.33 36.23
N ASP B 375 -14.04 46.02 37.22
CA ASP B 375 -14.82 46.91 38.07
C ASP B 375 -14.85 48.35 37.61
N LYS B 376 -14.21 48.67 36.47
CA LYS B 376 -14.17 50.05 36.00
C LYS B 376 -15.50 50.49 35.39
N PHE B 377 -16.35 49.56 35.01
CA PHE B 377 -17.63 49.85 34.35
C PHE B 377 -18.77 49.08 35.02
N THR B 378 -18.84 49.15 36.35
CA THR B 378 -19.87 48.42 37.09
C THR B 378 -21.27 48.91 36.75
N ASP B 379 -21.49 50.21 36.66
CA ASP B 379 -22.79 50.77 36.34
C ASP B 379 -22.97 50.88 34.84
N GLY B 380 -24.23 50.99 34.41
CA GLY B 380 -24.53 51.15 33.01
C GLY B 380 -24.36 49.87 32.21
N VAL B 381 -24.25 50.05 30.90
CA VAL B 381 -24.13 48.94 29.96
C VAL B 381 -22.92 49.21 29.07
N CYS B 382 -22.28 48.13 28.62
CA CYS B 382 -21.11 48.21 27.76
C CYS B 382 -21.44 47.58 26.41
N LEU B 383 -21.16 48.31 25.33
CA LEU B 383 -21.50 47.87 23.98
C LEU B 383 -20.25 47.33 23.30
N PHE B 384 -20.02 46.03 23.46
CA PHE B 384 -18.89 45.35 22.84
C PHE B 384 -19.30 44.87 21.44
N TRP B 385 -19.29 45.80 20.50
CA TRP B 385 -19.57 45.45 19.11
C TRP B 385 -18.24 45.22 18.39
N ASN B 386 -18.01 43.97 18.00
CA ASN B 386 -16.80 43.54 17.27
C ASN B 386 -15.52 43.93 18.00
N CYS B 387 -15.52 43.81 19.33
CA CYS B 387 -14.34 44.01 20.14
C CYS B 387 -14.03 42.72 20.89
N ASN B 388 -12.81 42.23 20.73
CA ASN B 388 -12.42 40.94 21.26
C ASN B 388 -11.64 41.11 22.57
N VAL B 389 -12.18 40.53 23.64
CA VAL B 389 -11.56 40.56 24.97
C VAL B 389 -11.54 39.13 25.50
N ASP B 390 -10.73 38.92 26.55
CA ASP B 390 -10.63 37.59 27.15
C ASP B 390 -11.94 37.18 27.84
N ARG B 391 -12.60 38.13 28.50
CA ARG B 391 -13.86 37.85 29.18
C ARG B 391 -14.65 39.14 29.29
N TYR B 392 -15.97 39.04 29.10
CA TYR B 392 -16.87 40.18 29.09
C TYR B 392 -17.53 40.33 30.46
N PRO B 393 -17.82 41.57 30.88
CA PRO B 393 -18.55 41.76 32.14
C PRO B 393 -20.02 41.38 31.99
N ALA B 394 -20.69 41.29 33.14
CA ALA B 394 -22.06 40.80 33.21
C ALA B 394 -23.10 41.85 32.84
N ASN B 395 -22.71 42.97 32.24
CA ASN B 395 -23.66 44.01 31.88
C ASN B 395 -23.41 44.50 30.46
N SER B 396 -23.26 43.59 29.51
CA SER B 396 -22.80 43.92 28.18
C SER B 396 -23.78 43.49 27.09
N ILE B 397 -23.71 44.19 25.97
CA ILE B 397 -24.31 43.77 24.70
C ILE B 397 -23.18 43.54 23.72
N VAL B 398 -23.00 42.29 23.30
CA VAL B 398 -21.81 41.89 22.56
C VAL B 398 -22.20 41.30 21.21
N CYS B 399 -21.49 41.71 20.17
CA CYS B 399 -21.49 41.02 18.89
C CYS B 399 -20.08 40.52 18.63
N ARG B 400 -19.92 39.21 18.42
CA ARG B 400 -18.62 38.61 18.25
C ARG B 400 -18.62 37.70 17.04
N PHE B 401 -17.57 37.78 16.23
CA PHE B 401 -17.48 36.93 15.06
C PHE B 401 -16.96 35.55 15.44
N ASP B 402 -17.57 34.52 14.88
CA ASP B 402 -17.13 33.14 15.10
C ASP B 402 -16.14 32.77 14.00
N THR B 403 -14.87 32.63 14.38
CA THR B 403 -13.84 32.32 13.38
C THR B 403 -13.91 30.90 12.87
N ARG B 404 -14.72 30.04 13.48
CA ARG B 404 -14.88 28.67 13.01
C ARG B 404 -15.90 28.56 11.88
N VAL B 405 -16.57 29.65 11.52
CA VAL B 405 -17.52 29.66 10.41
C VAL B 405 -16.75 30.20 9.20
N LEU B 406 -16.20 29.29 8.40
CA LEU B 406 -15.44 29.70 7.24
C LEU B 406 -16.34 29.90 6.03
N SER B 407 -15.96 30.86 5.18
CA SER B 407 -16.76 31.24 4.03
C SER B 407 -15.84 31.87 2.99
N ASN B 408 -16.46 32.51 2.00
CA ASN B 408 -15.67 33.27 1.03
C ASN B 408 -15.16 34.58 1.63
N LEU B 409 -15.88 35.13 2.61
CA LEU B 409 -15.45 36.35 3.28
C LEU B 409 -14.54 36.08 4.47
N ASN B 410 -14.43 34.83 4.90
CA ASN B 410 -13.62 34.46 6.06
C ASN B 410 -12.65 33.36 5.66
N LEU B 411 -11.38 33.69 5.61
CA LEU B 411 -10.30 32.80 5.25
C LEU B 411 -9.58 32.31 6.50
N PRO B 412 -8.95 31.14 6.45
CA PRO B 412 -8.17 30.66 7.60
C PRO B 412 -7.03 31.61 7.94
N GLY B 413 -6.74 31.73 9.22
CA GLY B 413 -5.72 32.65 9.69
C GLY B 413 -4.62 31.96 10.47
N CYS B 414 -3.98 32.72 11.36
CA CYS B 414 -2.86 32.20 12.14
C CYS B 414 -3.29 31.85 13.55
N ASP B 415 -2.78 30.71 14.03
CA ASP B 415 -2.96 30.25 15.41
C ASP B 415 -4.43 30.12 15.80
N GLY B 416 -5.25 29.59 14.89
CA GLY B 416 -6.64 29.37 15.16
C GLY B 416 -7.56 30.51 14.86
N GLY B 417 -7.05 31.71 14.63
CA GLY B 417 -7.87 32.84 14.23
C GLY B 417 -8.25 32.74 12.77
N SER B 418 -8.94 33.77 12.29
CA SER B 418 -9.33 33.81 10.90
C SER B 418 -9.23 35.23 10.37
N LEU B 419 -8.97 35.33 9.07
CA LEU B 419 -8.86 36.61 8.39
C LEU B 419 -10.19 36.88 7.69
N TYR B 420 -10.94 37.84 8.20
CA TYR B 420 -12.24 38.21 7.67
C TYR B 420 -12.05 39.41 6.76
N VAL B 421 -12.41 39.27 5.49
CA VAL B 421 -12.20 40.30 4.49
C VAL B 421 -13.55 40.85 4.09
N ASN B 422 -13.88 42.03 4.62
CA ASN B 422 -15.11 42.74 4.26
C ASN B 422 -14.72 44.21 4.09
N LYS B 423 -14.30 44.56 2.87
CA LYS B 423 -13.86 45.88 2.44
C LYS B 423 -12.51 46.21 3.08
N HIS B 424 -12.11 45.38 4.04
CA HIS B 424 -10.83 45.45 4.74
C HIS B 424 -10.51 44.07 5.28
N ALA B 425 -9.24 43.86 5.64
CA ALA B 425 -8.82 42.59 6.21
C ALA B 425 -8.67 42.75 7.71
N PHE B 426 -9.49 42.02 8.47
CA PHE B 426 -9.43 42.00 9.93
C PHE B 426 -9.03 40.61 10.37
N HIS B 427 -7.91 40.49 11.08
CA HIS B 427 -7.52 39.21 11.66
C HIS B 427 -8.15 39.11 13.04
N THR B 428 -8.97 38.09 13.25
CA THR B 428 -9.68 37.91 14.49
C THR B 428 -9.14 36.69 15.22
N PRO B 429 -8.90 36.78 16.53
CA PRO B 429 -8.39 35.62 17.27
C PRO B 429 -9.43 34.52 17.36
N ALA B 430 -8.96 33.34 17.80
CA ALA B 430 -9.80 32.14 17.82
C ALA B 430 -10.98 32.32 18.76
N PHE B 431 -12.12 31.80 18.33
CA PHE B 431 -13.36 31.89 19.10
C PHE B 431 -13.30 30.92 20.28
N ASP B 432 -13.66 31.40 21.46
CA ASP B 432 -13.80 30.57 22.65
C ASP B 432 -15.12 30.90 23.33
N LYS B 433 -15.87 29.86 23.71
CA LYS B 433 -17.15 30.07 24.37
C LYS B 433 -16.98 30.39 25.85
N SER B 434 -15.76 30.31 26.38
CA SER B 434 -15.49 30.63 27.77
C SER B 434 -15.50 32.13 28.06
N ALA B 435 -15.56 32.97 27.03
CA ALA B 435 -15.59 34.41 27.23
C ALA B 435 -16.98 34.95 27.48
N PHE B 436 -18.01 34.11 27.37
CA PHE B 436 -19.40 34.53 27.52
C PHE B 436 -20.08 33.89 28.72
N VAL B 437 -19.32 33.61 29.79
CA VAL B 437 -19.89 32.91 30.94
C VAL B 437 -20.84 33.80 31.74
N ASN B 438 -20.77 35.11 31.56
CA ASN B 438 -21.63 36.03 32.27
C ASN B 438 -22.81 36.52 31.42
N LEU B 439 -22.98 35.99 30.21
CA LEU B 439 -23.99 36.47 29.28
C LEU B 439 -24.87 35.31 28.84
N LYS B 440 -25.83 35.62 27.96
CA LYS B 440 -26.73 34.64 27.40
C LYS B 440 -27.02 35.00 25.95
N GLN B 441 -27.40 34.00 25.16
CA GLN B 441 -27.68 34.23 23.75
C GLN B 441 -28.88 35.15 23.57
N LEU B 442 -28.74 36.13 22.69
CA LEU B 442 -29.78 37.12 22.47
C LEU B 442 -30.92 36.51 21.66
N PRO B 443 -32.14 36.51 22.16
CA PRO B 443 -33.26 35.98 21.38
C PRO B 443 -33.59 36.86 20.18
N PHE B 444 -34.11 36.23 19.13
CA PHE B 444 -34.56 36.98 17.96
C PHE B 444 -35.89 37.67 18.27
N PHE B 445 -35.96 38.96 17.99
CA PHE B 445 -37.16 39.74 18.26
C PHE B 445 -37.16 40.99 17.40
N TYR B 446 -38.34 41.60 17.29
CA TYR B 446 -38.51 42.88 16.62
C TYR B 446 -39.26 43.82 17.54
N TYR B 447 -38.87 45.10 17.51
CA TYR B 447 -39.56 46.14 18.26
C TYR B 447 -39.87 47.31 17.33
N SER B 448 -41.02 47.93 17.54
CA SER B 448 -41.45 49.07 16.74
C SER B 448 -41.76 50.25 17.65
N ASP B 449 -41.11 51.38 17.39
CA ASP B 449 -41.43 52.63 18.07
C ASP B 449 -41.91 53.71 17.12
N SER B 450 -41.79 53.49 15.82
CA SER B 450 -42.28 54.44 14.83
C SER B 450 -43.81 54.45 14.82
N PRO B 451 -44.42 55.54 14.34
CA PRO B 451 -45.89 55.56 14.22
C PRO B 451 -46.39 54.48 13.28
N CYS B 452 -47.58 53.96 13.59
CA CYS B 452 -48.15 52.81 12.90
C CYS B 452 -49.02 53.21 11.71
N GLU B 453 -48.73 54.35 11.08
CA GLU B 453 -49.51 54.78 9.93
C GLU B 453 -49.20 53.90 8.73
N SER B 454 -50.25 53.34 8.13
CA SER B 454 -50.09 52.47 6.97
C SER B 454 -50.98 52.92 5.82
N TYR B 465 -48.45 39.63 2.11
CA TYR B 465 -49.86 40.00 2.30
C TYR B 465 -50.53 39.07 3.31
N VAL B 466 -49.89 37.94 3.58
CA VAL B 466 -50.39 37.00 4.59
C VAL B 466 -50.26 37.65 5.98
N PRO B 467 -51.29 37.59 6.81
CA PRO B 467 -51.18 38.16 8.16
C PRO B 467 -50.09 37.47 8.98
N LEU B 468 -49.38 38.27 9.78
CA LEU B 468 -48.29 37.74 10.59
C LEU B 468 -48.83 37.06 11.84
N LYS B 469 -48.30 35.89 12.15
CA LYS B 469 -48.73 35.14 13.33
C LYS B 469 -47.53 34.76 14.19
N SER B 470 -46.65 35.72 14.47
CA SER B 470 -45.50 35.50 15.33
C SER B 470 -45.60 36.43 16.54
N ALA B 471 -45.26 35.90 17.71
CA ALA B 471 -45.42 36.65 18.94
C ALA B 471 -44.17 37.44 19.33
N THR B 472 -43.12 37.39 18.52
CA THR B 472 -41.90 38.13 18.81
C THR B 472 -41.91 39.55 18.25
N CYS B 473 -42.98 39.94 17.55
CA CYS B 473 -43.07 41.27 16.94
C CYS B 473 -43.66 42.21 17.98
N ILE B 474 -42.79 42.89 18.73
CA ILE B 474 -43.22 43.77 19.82
C ILE B 474 -43.63 45.08 19.18
N THR B 475 -44.91 45.19 18.85
CA THR B 475 -45.43 46.38 18.20
C THR B 475 -46.86 46.63 18.66
N ARG B 476 -47.35 47.85 18.41
CA ARG B 476 -48.70 48.23 18.85
C ARG B 476 -49.77 47.40 18.15
N CYS B 477 -49.63 47.16 16.86
CA CYS B 477 -50.65 46.43 16.11
C CYS B 477 -50.65 44.94 16.40
N ASN B 478 -49.66 44.42 17.10
CA ASN B 478 -49.68 43.01 17.50
C ASN B 478 -50.66 42.76 18.65
N LEU B 479 -51.05 43.80 19.38
CA LEU B 479 -52.07 43.69 20.41
C LEU B 479 -53.45 43.82 19.76
N GLY B 480 -53.77 42.94 18.84
CA GLY B 480 -55.03 43.02 18.11
C GLY B 480 -55.22 41.78 17.26
N GLY B 481 -56.16 41.90 16.31
CA GLY B 481 -56.47 40.77 15.45
C GLY B 481 -55.32 40.37 14.55
N ALA B 482 -54.66 41.34 13.92
CA ALA B 482 -53.59 41.04 13.00
C ALA B 482 -52.62 42.22 12.94
N VAL B 483 -51.37 41.92 12.57
CA VAL B 483 -50.36 42.94 12.38
C VAL B 483 -50.56 43.59 11.01
N CYS B 484 -50.46 44.92 10.97
CA CYS B 484 -50.62 45.65 9.72
C CYS B 484 -49.50 45.29 8.75
N ARG B 485 -49.80 45.41 7.46
CA ARG B 485 -48.90 44.92 6.41
C ARG B 485 -47.61 45.72 6.29
N HIS B 486 -47.54 46.90 6.89
CA HIS B 486 -46.28 47.63 6.96
C HIS B 486 -45.32 46.89 7.89
N HIS B 487 -45.73 46.74 9.15
CA HIS B 487 -44.92 46.00 10.11
C HIS B 487 -44.80 44.53 9.74
N ALA B 488 -45.81 43.98 9.08
CA ALA B 488 -45.74 42.58 8.67
C ALA B 488 -44.64 42.31 7.64
N ASN B 489 -44.30 43.30 6.81
CA ASN B 489 -43.20 43.13 5.88
C ASN B 489 -41.88 43.62 6.47
N GLU B 490 -41.93 44.62 7.36
CA GLU B 490 -40.70 45.09 7.99
C GLU B 490 -40.14 44.03 8.94
N TYR B 491 -41.01 43.27 9.61
CA TYR B 491 -40.56 42.16 10.45
C TYR B 491 -39.91 41.08 9.60
N ARG B 492 -40.47 40.81 8.41
CA ARG B 492 -39.86 39.84 7.52
C ARG B 492 -38.49 40.30 7.03
N LEU B 493 -38.36 41.59 6.72
CA LEU B 493 -37.06 42.13 6.32
C LEU B 493 -36.05 42.01 7.46
N TYR B 494 -36.46 42.32 8.69
CA TYR B 494 -35.56 42.20 9.82
C TYR B 494 -35.21 40.74 10.11
N LEU B 495 -36.15 39.83 9.92
CA LEU B 495 -35.86 38.41 10.09
C LEU B 495 -34.84 37.93 9.06
N ASP B 496 -34.99 38.38 7.81
CA ASP B 496 -34.01 38.04 6.79
C ASP B 496 -32.64 38.61 7.13
N ALA B 497 -32.59 39.85 7.61
CA ALA B 497 -31.32 40.46 8.01
C ALA B 497 -30.68 39.70 9.17
N TYR B 498 -31.48 39.29 10.15
CA TYR B 498 -30.97 38.55 11.29
C TYR B 498 -30.43 37.19 10.86
N ASN B 499 -31.16 36.49 9.99
CA ASN B 499 -30.71 35.18 9.53
C ASN B 499 -29.43 35.29 8.71
N MET B 500 -29.34 36.31 7.84
CA MET B 500 -28.12 36.53 7.07
C MET B 500 -26.94 36.82 7.99
N MET B 501 -27.15 37.68 9.00
CA MET B 501 -26.07 38.06 9.89
C MET B 501 -25.57 36.87 10.71
N ILE B 502 -26.50 36.07 11.26
CA ILE B 502 -26.06 34.96 12.09
C ILE B 502 -25.59 33.77 11.26
N SER B 503 -25.93 33.72 9.97
CA SER B 503 -25.33 32.73 9.09
C SER B 503 -23.93 33.15 8.64
N ALA B 504 -23.67 34.46 8.57
CA ALA B 504 -22.35 34.95 8.22
C ALA B 504 -21.29 34.67 9.27
N GLY B 505 -21.68 34.28 10.48
CA GLY B 505 -20.75 33.96 11.54
C GLY B 505 -20.83 34.85 12.76
N PHE B 506 -21.76 35.79 12.80
CA PHE B 506 -21.86 36.71 13.93
C PHE B 506 -22.74 36.12 15.03
N SER B 507 -22.26 36.17 16.26
CA SER B 507 -22.97 35.67 17.43
C SER B 507 -23.30 36.84 18.33
N LEU B 508 -24.55 36.91 18.78
CA LEU B 508 -25.03 38.01 19.60
C LEU B 508 -25.26 37.52 21.03
N TRP B 509 -24.75 38.28 21.99
CA TRP B 509 -24.88 37.95 23.41
C TRP B 509 -25.36 39.18 24.16
N VAL B 510 -26.13 38.94 25.21
CA VAL B 510 -26.67 40.02 26.02
C VAL B 510 -26.54 39.63 27.49
N TYR B 511 -26.53 40.64 28.36
CA TYR B 511 -26.52 40.38 29.80
C TYR B 511 -27.72 39.54 30.22
N LYS B 512 -27.53 38.73 31.27
CA LYS B 512 -28.48 37.66 31.58
C LYS B 512 -29.83 38.18 32.05
N GLN B 513 -29.89 39.42 32.54
CA GLN B 513 -31.15 39.96 33.04
C GLN B 513 -31.96 40.67 31.95
N PHE B 514 -31.61 40.50 30.68
CA PHE B 514 -32.41 41.06 29.60
C PHE B 514 -33.71 40.29 29.46
N ASP B 515 -34.81 41.03 29.30
CA ASP B 515 -36.12 40.44 29.05
C ASP B 515 -36.93 41.36 28.16
N THR B 516 -37.74 40.77 27.27
CA THR B 516 -38.51 41.56 26.33
C THR B 516 -39.78 42.13 26.94
N TYR B 517 -40.23 41.62 28.09
CA TYR B 517 -41.50 42.04 28.66
C TYR B 517 -41.48 43.51 29.08
N ASN B 518 -40.31 44.01 29.50
CA ASN B 518 -40.19 45.43 29.84
C ASN B 518 -40.45 46.31 28.63
N LEU B 519 -40.21 45.81 27.42
CA LEU B 519 -40.56 46.55 26.22
C LEU B 519 -42.08 46.62 26.05
N TRP B 520 -42.78 45.54 26.43
CA TRP B 520 -44.22 45.47 26.19
C TRP B 520 -44.99 46.49 27.02
N ASN B 521 -44.40 46.96 28.12
CA ASN B 521 -45.04 47.99 28.92
C ASN B 521 -44.83 49.39 28.34
N THR B 522 -44.04 49.53 27.27
CA THR B 522 -43.81 50.85 26.68
C THR B 522 -45.06 51.42 26.04
N PHE B 523 -45.86 50.58 25.40
CA PHE B 523 -47.07 51.04 24.73
C PHE B 523 -48.15 51.45 25.73
N ALA C 1 35.37 -11.17 -4.50
CA ALA C 1 36.43 -12.15 -4.61
C ALA C 1 37.22 -11.94 -5.90
N GLY C 2 38.40 -12.54 -5.98
CA GLY C 2 39.22 -12.43 -7.17
C GLY C 2 39.98 -11.12 -7.21
N ASN C 3 40.87 -11.03 -8.21
CA ASN C 3 41.73 -9.87 -8.40
C ASN C 3 41.36 -9.19 -9.72
N ALA C 4 41.00 -7.91 -9.65
CA ALA C 4 40.70 -7.15 -10.85
C ALA C 4 41.96 -6.92 -11.66
N THR C 5 41.86 -7.11 -12.98
CA THR C 5 43.03 -7.09 -13.86
C THR C 5 42.95 -6.10 -15.00
N GLU C 6 41.87 -5.32 -15.12
CA GLU C 6 41.69 -4.44 -16.27
C GLU C 6 41.22 -3.07 -15.82
N VAL C 7 41.53 -2.06 -16.61
CA VAL C 7 41.15 -0.67 -16.32
C VAL C 7 39.84 -0.34 -17.03
N PRO C 8 39.03 0.57 -16.49
CA PRO C 8 37.75 0.93 -17.15
C PRO C 8 37.88 1.50 -18.54
N ALA C 9 38.98 2.21 -18.83
CA ALA C 9 39.16 2.80 -20.16
C ALA C 9 39.28 1.76 -21.26
N ASN C 10 39.60 0.51 -20.91
CA ASN C 10 39.63 -0.57 -21.88
C ASN C 10 38.32 -1.34 -21.96
N SER C 11 37.29 -0.90 -21.25
CA SER C 11 36.06 -1.70 -21.14
C SER C 11 35.32 -1.78 -22.46
N THR C 12 35.36 -0.72 -23.26
CA THR C 12 34.59 -0.69 -24.50
C THR C 12 35.21 -1.62 -25.55
N VAL C 13 36.45 -1.34 -25.93
CA VAL C 13 37.08 -2.07 -27.05
C VAL C 13 37.21 -3.55 -26.73
N LEU C 14 37.56 -3.90 -25.49
CA LEU C 14 37.67 -5.31 -25.13
C LEU C 14 36.31 -5.98 -25.12
N SER C 15 35.24 -5.23 -24.85
CA SER C 15 33.90 -5.80 -25.01
C SER C 15 33.55 -5.94 -26.47
N PHE C 16 34.09 -5.06 -27.32
CA PHE C 16 33.82 -5.12 -28.75
C PHE C 16 34.50 -6.32 -29.38
N CYS C 17 35.83 -6.36 -29.30
CA CYS C 17 36.61 -7.39 -29.99
C CYS C 17 36.37 -8.79 -29.43
N ALA C 18 35.85 -8.89 -28.21
CA ALA C 18 35.48 -10.20 -27.68
C ALA C 18 34.29 -10.79 -28.41
N PHE C 19 33.33 -9.95 -28.82
CA PHE C 19 32.15 -10.45 -29.51
C PHE C 19 32.32 -10.54 -31.01
N ALA C 20 33.34 -9.91 -31.57
CA ALA C 20 33.47 -9.82 -33.01
C ALA C 20 33.94 -11.15 -33.60
N VAL C 21 33.46 -11.43 -34.81
CA VAL C 21 33.94 -12.59 -35.56
C VAL C 21 35.43 -12.43 -35.88
N ASP C 22 35.81 -11.25 -36.34
CA ASP C 22 37.19 -10.94 -36.74
C ASP C 22 37.68 -9.83 -35.81
N ALA C 23 38.44 -10.22 -34.79
CA ALA C 23 38.90 -9.24 -33.80
C ALA C 23 39.95 -8.31 -34.36
N ALA C 24 40.83 -8.80 -35.24
CA ALA C 24 41.84 -7.95 -35.83
C ALA C 24 41.25 -6.84 -36.69
N LYS C 25 40.25 -7.16 -37.51
CA LYS C 25 39.51 -6.18 -38.28
C LYS C 25 38.72 -5.24 -37.38
N ALA C 26 38.12 -5.77 -36.32
CA ALA C 26 37.32 -4.96 -35.41
C ALA C 26 38.18 -3.93 -34.69
N TYR C 27 39.39 -4.30 -34.29
CA TYR C 27 40.27 -3.36 -33.61
C TYR C 27 40.70 -2.23 -34.54
N LYS C 28 41.03 -2.56 -35.78
CA LYS C 28 41.44 -1.54 -36.75
C LYS C 28 40.28 -0.61 -37.10
N ASP C 29 39.07 -1.16 -37.19
CA ASP C 29 37.91 -0.31 -37.46
C ASP C 29 37.54 0.53 -36.25
N TYR C 30 37.80 0.02 -35.04
CA TYR C 30 37.61 0.82 -33.83
C TYR C 30 38.59 1.97 -33.78
N LEU C 31 39.85 1.73 -34.15
CA LEU C 31 40.84 2.79 -34.19
C LEU C 31 40.52 3.81 -35.26
N ALA C 32 40.06 3.36 -36.42
CA ALA C 32 39.81 4.26 -37.53
C ALA C 32 38.57 5.13 -37.33
N SER C 33 37.75 4.84 -36.32
CA SER C 33 36.57 5.63 -36.02
C SER C 33 36.77 6.57 -34.86
N GLY C 34 38.01 6.79 -34.43
CA GLY C 34 38.30 7.71 -33.36
C GLY C 34 38.48 7.11 -31.99
N GLY C 35 38.52 5.79 -31.88
CA GLY C 35 38.72 5.17 -30.58
C GLY C 35 40.17 5.18 -30.15
N GLN C 36 40.37 5.16 -28.84
CA GLN C 36 41.70 5.16 -28.27
C GLN C 36 42.25 3.73 -28.22
N PRO C 37 43.57 3.56 -28.30
CA PRO C 37 44.14 2.21 -28.30
C PRO C 37 44.03 1.54 -26.94
N ILE C 38 44.57 0.32 -26.87
CA ILE C 38 44.55 -0.44 -25.63
C ILE C 38 45.65 0.06 -24.71
N THR C 39 45.30 0.35 -23.46
CA THR C 39 46.25 0.79 -22.46
C THR C 39 46.63 -0.37 -21.54
N ASN C 40 47.32 -0.04 -20.46
CA ASN C 40 47.63 -0.93 -19.34
C ASN C 40 48.52 -2.11 -19.76
N CYS C 41 49.38 -1.91 -20.74
CA CYS C 41 50.33 -2.96 -21.11
C CYS C 41 51.52 -2.96 -20.15
N VAL C 42 52.19 -4.10 -20.07
CA VAL C 42 53.39 -4.21 -19.24
C VAL C 42 54.60 -3.74 -20.04
N LYS C 43 55.32 -2.78 -19.47
CA LYS C 43 56.48 -2.17 -20.13
C LYS C 43 57.74 -2.51 -19.35
N MET C 44 58.75 -3.02 -20.04
CA MET C 44 59.96 -3.47 -19.38
C MET C 44 60.95 -2.34 -19.21
N LEU C 45 61.84 -2.48 -18.23
CA LEU C 45 62.90 -1.54 -17.97
C LEU C 45 64.24 -2.22 -18.23
N CYS C 46 65.07 -1.60 -19.06
CA CYS C 46 66.34 -2.20 -19.44
C CYS C 46 67.32 -1.11 -19.82
N THR C 47 68.54 -1.52 -20.18
CA THR C 47 69.59 -0.59 -20.55
C THR C 47 69.54 -0.20 -22.02
N HIS C 48 68.60 -0.76 -22.80
CA HIS C 48 68.44 -0.50 -24.23
C HIS C 48 69.71 -0.79 -25.01
N THR C 49 70.44 -1.84 -24.62
CA THR C 49 71.65 -2.26 -25.31
C THR C 49 71.54 -3.70 -25.79
N GLY C 50 70.32 -4.12 -26.17
CA GLY C 50 70.07 -5.48 -26.59
C GLY C 50 70.34 -5.68 -28.08
N THR C 51 70.00 -6.90 -28.54
CA THR C 51 70.19 -7.25 -29.94
C THR C 51 69.20 -6.55 -30.86
N GLY C 52 67.95 -6.37 -30.43
CA GLY C 52 66.94 -5.73 -31.24
C GLY C 52 66.00 -6.67 -31.95
N GLN C 53 66.01 -7.96 -31.62
CA GLN C 53 65.13 -8.91 -32.28
C GLN C 53 63.68 -8.64 -31.88
N ALA C 54 62.75 -9.10 -32.73
CA ALA C 54 61.34 -8.81 -32.52
C ALA C 54 60.80 -9.50 -31.28
N ILE C 55 61.04 -10.80 -31.14
CA ILE C 55 60.62 -11.56 -29.98
C ILE C 55 61.82 -12.30 -29.41
N THR C 56 62.02 -12.17 -28.09
CA THR C 56 63.16 -12.77 -27.42
C THR C 56 62.75 -13.34 -26.08
N VAL C 57 63.59 -14.24 -25.56
CA VAL C 57 63.38 -14.80 -24.24
C VAL C 57 63.59 -13.76 -23.15
N THR C 58 64.53 -12.84 -23.35
CA THR C 58 64.90 -11.81 -22.39
C THR C 58 64.74 -10.46 -23.07
N PRO C 59 64.52 -9.39 -22.29
CA PRO C 59 64.45 -8.04 -22.91
C PRO C 59 65.74 -7.69 -23.63
N GLU C 60 65.61 -7.46 -24.93
CA GLU C 60 66.75 -7.22 -25.81
C GLU C 60 66.49 -6.05 -26.76
N ALA C 61 65.93 -4.96 -26.26
CA ALA C 61 65.57 -3.84 -27.12
C ALA C 61 66.80 -3.05 -27.56
N ASN C 62 66.68 -2.40 -28.71
CA ASN C 62 67.72 -1.50 -29.19
C ASN C 62 67.56 -0.12 -28.54
N MET C 63 68.31 0.84 -29.08
CA MET C 63 68.26 2.20 -28.56
C MET C 63 66.91 2.87 -28.85
N ASP C 64 66.31 2.55 -29.99
CA ASP C 64 65.04 3.15 -30.39
C ASP C 64 63.84 2.23 -30.14
N GLN C 65 64.03 1.13 -29.41
CA GLN C 65 62.97 0.18 -29.12
C GLN C 65 62.73 0.08 -27.63
N GLU C 66 61.49 -0.21 -27.26
CA GLU C 66 61.09 -0.47 -25.89
C GLU C 66 60.56 -1.89 -25.82
N SER C 67 60.93 -2.62 -24.77
CA SER C 67 60.46 -3.98 -24.62
C SER C 67 59.16 -4.01 -23.82
N PHE C 68 58.23 -4.86 -24.26
CA PHE C 68 56.99 -5.13 -23.56
C PHE C 68 56.89 -6.63 -23.34
N GLY C 69 56.09 -7.01 -22.35
CA GLY C 69 55.74 -8.41 -22.18
C GLY C 69 54.85 -8.86 -23.32
N GLY C 70 55.11 -10.06 -23.86
CA GLY C 70 54.43 -10.48 -25.07
C GLY C 70 52.96 -10.76 -24.88
N ALA C 71 52.55 -11.08 -23.66
CA ALA C 71 51.14 -11.39 -23.42
C ALA C 71 50.27 -10.14 -23.49
N SER C 72 50.84 -8.97 -23.24
CA SER C 72 50.07 -7.73 -23.23
C SER C 72 49.96 -7.08 -24.60
N CYS C 73 50.74 -7.53 -25.59
CA CYS C 73 50.67 -6.95 -26.92
C CYS C 73 49.91 -7.81 -27.90
N CYS C 74 49.57 -9.04 -27.51
CA CYS C 74 48.68 -9.87 -28.31
C CYS C 74 47.24 -9.49 -28.04
N LEU C 75 46.47 -9.18 -29.09
CA LEU C 75 45.08 -8.77 -28.90
C LEU C 75 44.25 -9.89 -28.32
N TYR C 76 44.49 -11.12 -28.76
CA TYR C 76 43.67 -12.24 -28.34
C TYR C 76 43.94 -12.62 -26.89
N CYS C 77 45.17 -12.43 -26.41
CA CYS C 77 45.45 -12.64 -25.00
C CYS C 77 44.77 -11.60 -24.11
N ARG C 78 44.55 -10.40 -24.64
CA ARG C 78 43.81 -9.35 -23.94
C ARG C 78 42.30 -9.61 -23.94
N CYS C 79 41.78 -10.10 -25.06
CA CYS C 79 40.35 -10.37 -25.18
C CYS C 79 39.97 -11.78 -24.76
N HIS C 80 40.96 -12.65 -24.51
CA HIS C 80 40.74 -14.04 -24.07
C HIS C 80 39.89 -14.82 -25.07
N ILE C 81 40.34 -14.81 -26.33
CA ILE C 81 39.64 -15.45 -27.42
C ILE C 81 40.59 -16.37 -28.18
N ASP C 82 40.07 -17.01 -29.22
CA ASP C 82 40.82 -18.01 -29.95
C ASP C 82 41.89 -17.37 -30.82
N HIS C 83 43.11 -17.89 -30.72
CA HIS C 83 44.16 -17.46 -31.63
C HIS C 83 43.97 -18.12 -33.00
N PRO C 84 44.13 -17.36 -34.09
CA PRO C 84 44.05 -17.97 -35.43
C PRO C 84 45.31 -18.70 -35.85
N ASN C 85 46.25 -18.94 -34.92
CA ASN C 85 47.46 -19.68 -35.22
C ASN C 85 47.12 -21.13 -35.55
N PRO C 86 48.02 -21.85 -36.26
CA PRO C 86 47.69 -23.21 -36.72
C PRO C 86 47.33 -24.19 -35.61
N LYS C 87 47.90 -24.06 -34.42
CA LYS C 87 47.56 -24.94 -33.32
C LYS C 87 46.92 -24.20 -32.15
N GLY C 88 46.63 -22.91 -32.31
CA GLY C 88 46.05 -22.13 -31.24
C GLY C 88 47.02 -21.62 -30.21
N PHE C 89 48.31 -21.90 -30.37
CA PHE C 89 49.32 -21.38 -29.47
C PHE C 89 49.59 -19.91 -29.78
N CYS C 90 50.27 -19.24 -28.85
CA CYS C 90 50.64 -17.84 -29.02
C CYS C 90 52.15 -17.73 -29.25
N ASP C 91 52.54 -16.85 -30.16
CA ASP C 91 53.95 -16.63 -30.42
C ASP C 91 54.54 -15.55 -29.51
N LEU C 92 53.74 -14.55 -29.15
CA LEU C 92 54.23 -13.48 -28.28
C LEU C 92 54.31 -13.92 -26.82
N LYS C 93 53.33 -14.69 -26.34
CA LYS C 93 53.28 -15.06 -24.93
C LYS C 93 54.44 -15.98 -24.57
N GLY C 94 55.03 -15.75 -23.41
CA GLY C 94 56.26 -16.42 -23.04
C GLY C 94 57.51 -15.79 -23.61
N LYS C 95 57.37 -14.69 -24.35
CA LYS C 95 58.49 -13.97 -24.94
C LYS C 95 58.34 -12.48 -24.67
N TYR C 96 59.41 -11.74 -24.92
CA TYR C 96 59.41 -10.29 -24.83
C TYR C 96 59.41 -9.70 -26.24
N VAL C 97 58.54 -8.72 -26.47
CA VAL C 97 58.33 -8.15 -27.80
C VAL C 97 58.96 -6.76 -27.82
N GLN C 98 59.57 -6.41 -28.95
CA GLN C 98 60.24 -5.11 -29.10
C GLN C 98 59.35 -4.20 -29.95
N ILE C 99 58.94 -3.07 -29.39
CA ILE C 99 58.09 -2.10 -30.07
C ILE C 99 58.91 -0.85 -30.32
N PRO C 100 58.91 -0.31 -31.53
CA PRO C 100 59.60 0.98 -31.77
C PRO C 100 58.99 2.09 -30.93
N THR C 101 59.84 3.05 -30.57
CA THR C 101 59.44 4.10 -29.62
C THR C 101 58.30 4.95 -30.16
N THR C 102 58.33 5.27 -31.45
CA THR C 102 57.26 6.04 -32.06
C THR C 102 55.95 5.27 -32.10
N CYS C 103 56.00 3.94 -32.13
CA CYS C 103 54.79 3.12 -32.14
C CYS C 103 54.40 2.60 -30.76
N ALA C 104 55.07 3.07 -29.70
CA ALA C 104 54.82 2.57 -28.35
C ALA C 104 53.46 3.00 -27.80
N ASN C 105 52.77 3.93 -28.45
CA ASN C 105 51.44 4.32 -28.00
C ASN C 105 50.42 3.21 -28.20
N ASP C 106 50.54 2.44 -29.28
CA ASP C 106 49.62 1.34 -29.57
C ASP C 106 50.44 0.09 -29.84
N PRO C 107 50.94 -0.58 -28.80
CA PRO C 107 51.72 -1.80 -29.01
C PRO C 107 50.88 -2.97 -29.52
N VAL C 108 49.58 -2.99 -29.23
CA VAL C 108 48.73 -4.08 -29.70
C VAL C 108 48.54 -3.97 -31.21
N GLY C 109 48.27 -2.75 -31.69
CA GLY C 109 48.07 -2.54 -33.11
C GLY C 109 49.33 -2.80 -33.92
N PHE C 110 50.49 -2.46 -33.35
CA PHE C 110 51.74 -2.71 -34.06
C PHE C 110 51.98 -4.20 -34.26
N THR C 111 51.70 -5.00 -33.23
CA THR C 111 51.82 -6.44 -33.38
C THR C 111 50.77 -7.03 -34.30
N LEU C 112 49.57 -6.45 -34.36
CA LEU C 112 48.59 -6.92 -35.32
C LEU C 112 49.02 -6.63 -36.76
N LYS C 113 49.42 -5.39 -37.05
CA LYS C 113 49.67 -4.98 -38.42
C LYS C 113 50.98 -5.52 -38.96
N ASN C 114 52.05 -5.48 -38.17
CA ASN C 114 53.39 -5.77 -38.67
C ASN C 114 53.69 -7.26 -38.64
N THR C 115 54.80 -7.62 -39.26
CA THR C 115 55.26 -9.01 -39.31
C THR C 115 56.76 -9.04 -39.07
N VAL C 116 57.28 -10.25 -38.88
CA VAL C 116 58.68 -10.47 -38.54
C VAL C 116 59.39 -11.12 -39.73
N CYS C 117 60.71 -10.98 -39.78
CA CYS C 117 61.51 -11.61 -40.82
C CYS C 117 62.12 -12.90 -40.28
N THR C 118 61.84 -14.02 -40.93
CA THR C 118 62.20 -15.32 -40.39
C THR C 118 63.70 -15.60 -40.47
N VAL C 119 64.42 -14.93 -41.36
CA VAL C 119 65.85 -15.20 -41.55
C VAL C 119 66.72 -14.19 -40.82
N CYS C 120 66.14 -13.18 -40.19
CA CYS C 120 66.92 -12.20 -39.45
C CYS C 120 66.40 -12.04 -38.03
N GLY C 121 65.11 -12.27 -37.83
CA GLY C 121 64.53 -12.26 -36.51
C GLY C 121 64.05 -10.91 -36.00
N MET C 122 63.84 -9.94 -36.87
CA MET C 122 63.38 -8.63 -36.45
C MET C 122 62.31 -8.12 -37.41
N TRP C 123 61.72 -6.99 -37.07
CA TRP C 123 60.55 -6.49 -37.78
C TRP C 123 60.90 -6.06 -39.20
N LYS C 124 60.02 -6.38 -40.14
CA LYS C 124 60.20 -5.94 -41.51
C LYS C 124 59.86 -4.46 -41.64
N GLY C 125 60.78 -3.71 -42.25
CA GLY C 125 60.55 -2.31 -42.51
C GLY C 125 60.88 -1.41 -41.34
N TYR C 126 61.04 -2.00 -40.16
CA TYR C 126 61.31 -1.26 -38.94
C TYR C 126 62.67 -1.60 -38.33
N GLY C 127 63.67 -1.91 -39.16
CA GLY C 127 65.00 -2.17 -38.64
C GLY C 127 65.75 -3.29 -39.32
N CYS C 128 65.05 -4.12 -40.08
CA CYS C 128 65.67 -5.26 -40.73
C CYS C 128 66.50 -4.79 -41.92
N SER C 129 67.77 -5.20 -41.96
CA SER C 129 68.70 -4.70 -42.96
C SER C 129 68.85 -5.61 -44.17
N CYS C 130 68.18 -6.76 -44.20
CA CYS C 130 68.32 -7.66 -45.33
C CYS C 130 67.60 -7.19 -46.58
N ASP C 131 66.64 -6.27 -46.44
CA ASP C 131 65.92 -5.75 -47.58
C ASP C 131 66.44 -4.37 -47.99
N GLU D 2 37.34 3.82 -8.22
CA GLU D 2 38.62 3.14 -8.35
C GLU D 2 38.83 2.72 -9.81
N ASN D 3 40.09 2.71 -10.24
CA ASN D 3 40.42 2.45 -11.64
C ASN D 3 40.53 0.96 -11.93
N VAL D 4 39.50 0.18 -11.56
CA VAL D 4 39.45 -1.25 -11.86
C VAL D 4 38.05 -1.61 -12.34
N THR D 5 37.96 -2.74 -13.05
CA THR D 5 36.70 -3.30 -13.49
C THR D 5 36.68 -4.81 -13.26
N GLY D 6 35.48 -5.35 -13.10
CA GLY D 6 35.33 -6.79 -12.95
C GLY D 6 35.37 -7.54 -14.26
N LEU D 7 35.45 -6.84 -15.38
CA LEU D 7 35.63 -7.50 -16.67
C LEU D 7 37.02 -8.10 -16.75
N PHE D 8 37.10 -9.35 -17.21
CA PHE D 8 38.33 -10.12 -17.30
C PHE D 8 39.05 -10.24 -15.95
N LYS D 9 38.27 -10.33 -14.86
CA LYS D 9 38.84 -10.48 -13.53
C LYS D 9 39.45 -11.87 -13.36
N ASP D 10 40.60 -11.92 -12.69
CA ASP D 10 41.25 -13.19 -12.37
C ASP D 10 40.61 -13.77 -11.12
N CYS D 11 39.96 -14.93 -11.27
CA CYS D 11 39.26 -15.57 -10.17
C CYS D 11 40.03 -16.71 -9.54
N SER D 12 41.26 -16.95 -9.98
CA SER D 12 42.05 -18.06 -9.46
C SER D 12 42.46 -17.80 -8.02
N LYS D 13 42.71 -18.89 -7.28
CA LYS D 13 43.02 -18.84 -5.87
C LYS D 13 44.51 -18.77 -5.57
N VAL D 14 45.35 -18.63 -6.60
CA VAL D 14 46.79 -18.47 -6.38
C VAL D 14 47.05 -17.10 -5.77
N ILE D 15 47.84 -17.09 -4.68
CA ILE D 15 48.07 -15.84 -3.96
C ILE D 15 48.99 -14.91 -4.75
N THR D 16 49.80 -15.45 -5.66
CA THR D 16 50.76 -14.66 -6.40
C THR D 16 50.22 -14.31 -7.78
N GLY D 17 50.85 -13.31 -8.40
CA GLY D 17 50.47 -12.88 -9.73
C GLY D 17 51.18 -13.70 -10.80
N LEU D 18 51.24 -13.12 -11.99
CA LEU D 18 51.85 -13.75 -13.14
C LEU D 18 53.17 -13.09 -13.51
N HIS D 19 53.96 -13.80 -14.30
CA HIS D 19 55.24 -13.31 -14.77
C HIS D 19 55.02 -12.16 -15.76
N PRO D 20 55.98 -11.24 -15.88
CA PRO D 20 55.85 -10.16 -16.88
C PRO D 20 55.68 -10.64 -18.30
N THR D 21 56.21 -11.83 -18.62
CA THR D 21 56.12 -12.37 -20.00
C THR D 21 54.84 -13.18 -20.16
N GLN D 22 54.06 -13.34 -19.09
CA GLN D 22 52.80 -14.06 -19.15
C GLN D 22 51.59 -13.27 -18.70
N ALA D 23 51.76 -12.22 -17.90
CA ALA D 23 50.62 -11.46 -17.40
C ALA D 23 49.99 -10.66 -18.53
N PRO D 24 48.67 -10.77 -18.74
CA PRO D 24 48.04 -10.02 -19.83
C PRO D 24 48.02 -8.51 -19.62
N THR D 25 47.91 -8.02 -18.39
CA THR D 25 47.88 -6.59 -18.14
C THR D 25 48.89 -6.23 -17.06
N HIS D 26 48.98 -4.93 -16.77
CA HIS D 26 49.90 -4.47 -15.73
C HIS D 26 49.37 -4.77 -14.34
N LEU D 27 48.04 -4.86 -14.18
CA LEU D 27 47.47 -5.23 -12.90
C LEU D 27 47.53 -6.73 -12.64
N SER D 28 47.95 -7.52 -13.63
CA SER D 28 48.06 -8.97 -13.48
C SER D 28 49.47 -9.43 -13.14
N VAL D 29 50.46 -8.57 -13.28
CA VAL D 29 51.85 -8.96 -13.02
C VAL D 29 52.08 -9.04 -11.51
N ASP D 30 53.03 -9.88 -11.11
CA ASP D 30 53.29 -10.09 -9.70
C ASP D 30 53.97 -8.87 -9.09
N THR D 31 53.82 -8.73 -7.77
CA THR D 31 54.38 -7.59 -7.06
C THR D 31 55.90 -7.61 -7.02
N LYS D 32 56.51 -8.80 -7.09
CA LYS D 32 57.96 -8.91 -7.02
C LYS D 32 58.64 -8.29 -8.23
N PHE D 33 57.91 -8.12 -9.34
CA PHE D 33 58.51 -7.64 -10.57
C PHE D 33 58.33 -6.14 -10.79
N LYS D 34 57.36 -5.51 -10.12
CA LYS D 34 57.12 -4.09 -10.32
C LYS D 34 58.26 -3.26 -9.74
N THR D 35 58.66 -2.22 -10.47
CA THR D 35 59.72 -1.32 -10.01
C THR D 35 59.52 0.02 -10.68
N GLU D 36 59.20 1.05 -9.88
CA GLU D 36 59.02 2.43 -10.34
C GLU D 36 57.95 2.53 -11.43
N GLY D 37 56.89 1.72 -11.31
CA GLY D 37 55.81 1.72 -12.27
C GLY D 37 56.01 0.82 -13.47
N LEU D 38 57.22 0.35 -13.73
CA LEU D 38 57.51 -0.59 -14.79
C LEU D 38 57.69 -1.98 -14.20
N CYS D 39 58.11 -2.91 -15.04
CA CYS D 39 58.45 -4.26 -14.62
C CYS D 39 59.86 -4.61 -15.08
N VAL D 40 60.61 -5.27 -14.21
CA VAL D 40 62.01 -5.60 -14.46
C VAL D 40 62.15 -7.11 -14.47
N ASP D 41 62.80 -7.63 -15.51
CA ASP D 41 62.98 -9.07 -15.64
C ASP D 41 63.95 -9.58 -14.57
N ILE D 42 63.49 -10.52 -13.76
CA ILE D 42 64.29 -11.13 -12.70
C ILE D 42 64.57 -12.58 -13.11
N PRO D 43 65.83 -12.94 -13.36
CA PRO D 43 66.13 -14.33 -13.75
C PRO D 43 65.84 -15.35 -12.65
N GLY D 44 65.77 -14.92 -11.39
CA GLY D 44 65.58 -15.84 -10.29
C GLY D 44 64.20 -16.42 -10.13
N ILE D 45 63.20 -15.90 -10.84
CA ILE D 45 61.84 -16.42 -10.76
C ILE D 45 61.43 -16.98 -12.10
N PRO D 46 61.48 -18.30 -12.30
CA PRO D 46 61.03 -18.87 -13.58
C PRO D 46 59.53 -18.70 -13.75
N LYS D 47 59.11 -18.58 -15.02
CA LYS D 47 57.70 -18.41 -15.32
C LYS D 47 56.95 -19.72 -15.09
N ASP D 48 55.68 -19.61 -14.72
CA ASP D 48 54.85 -20.78 -14.46
C ASP D 48 54.42 -21.38 -15.80
N MET D 49 54.43 -22.71 -15.88
CA MET D 49 54.09 -23.42 -17.10
C MET D 49 52.95 -24.42 -16.88
N THR D 50 52.33 -24.40 -15.70
CA THR D 50 51.27 -25.35 -15.38
C THR D 50 50.04 -24.71 -14.75
N TYR D 51 49.99 -23.38 -14.63
CA TYR D 51 48.89 -22.72 -13.95
C TYR D 51 47.61 -22.78 -14.78
N ARG D 52 46.48 -22.68 -14.08
CA ARG D 52 45.16 -22.52 -14.69
C ARG D 52 44.41 -21.44 -13.93
N ARG D 53 44.02 -20.38 -14.62
CA ARG D 53 43.41 -19.22 -13.98
C ARG D 53 42.08 -18.94 -14.66
N LEU D 54 41.00 -18.96 -13.88
CA LEU D 54 39.68 -18.67 -14.44
C LEU D 54 39.52 -17.17 -14.64
N ILE D 55 38.88 -16.79 -15.74
CA ILE D 55 38.69 -15.40 -16.11
C ILE D 55 37.21 -15.08 -16.09
N SER D 56 36.85 -13.96 -15.45
CA SER D 56 35.46 -13.56 -15.34
C SER D 56 35.00 -12.89 -16.63
N MET D 57 33.84 -13.31 -17.14
CA MET D 57 33.22 -12.71 -18.31
C MET D 57 32.07 -11.78 -17.92
N MET D 58 32.19 -11.11 -16.78
CA MET D 58 31.13 -10.28 -16.25
C MET D 58 31.54 -8.82 -16.26
N GLY D 59 30.68 -7.97 -16.81
CA GLY D 59 30.96 -6.55 -16.90
C GLY D 59 31.20 -6.03 -18.28
N PHE D 60 30.57 -6.63 -19.29
CA PHE D 60 30.70 -6.15 -20.67
C PHE D 60 30.00 -4.81 -20.83
N LYS D 61 30.52 -4.00 -21.75
CA LYS D 61 29.95 -2.68 -22.07
C LYS D 61 29.85 -2.55 -23.58
N MET D 62 28.67 -2.82 -24.12
CA MET D 62 28.48 -2.81 -25.57
C MET D 62 28.05 -1.43 -26.04
N ASN D 63 28.85 -0.40 -25.72
CA ASN D 63 28.57 0.98 -26.10
C ASN D 63 29.55 1.49 -27.14
N TYR D 64 30.07 0.59 -27.98
CA TYR D 64 30.97 0.97 -29.05
C TYR D 64 30.25 1.81 -30.10
N GLN D 65 30.98 2.74 -30.69
CA GLN D 65 30.49 3.56 -31.81
C GLN D 65 31.49 3.40 -32.95
N VAL D 66 31.30 2.35 -33.75
CA VAL D 66 32.17 2.03 -34.88
C VAL D 66 31.38 2.27 -36.15
N ASN D 67 32.07 2.69 -37.22
CA ASN D 67 31.40 3.28 -38.36
C ASN D 67 30.55 2.28 -39.13
N GLY D 68 31.10 1.12 -39.47
CA GLY D 68 30.38 0.15 -40.27
C GLY D 68 29.72 -0.99 -39.50
N TYR D 69 29.50 -0.83 -38.20
CA TYR D 69 28.99 -1.89 -37.37
C TYR D 69 27.64 -1.50 -36.78
N PRO D 70 26.62 -2.36 -36.86
CA PRO D 70 25.36 -2.04 -36.20
C PRO D 70 25.49 -2.12 -34.69
N ASN D 71 24.65 -1.33 -34.01
CA ASN D 71 24.68 -1.30 -32.56
C ASN D 71 23.70 -2.32 -31.99
N MET D 72 24.15 -3.06 -30.98
CA MET D 72 23.36 -4.15 -30.43
C MET D 72 22.15 -3.62 -29.66
N PHE D 73 22.32 -2.58 -28.88
CA PHE D 73 21.21 -2.00 -28.13
C PHE D 73 20.53 -0.93 -28.97
N ILE D 74 19.20 -0.99 -29.03
CA ILE D 74 18.41 -0.13 -29.89
C ILE D 74 17.45 0.69 -29.03
N THR D 75 16.86 1.71 -29.66
CA THR D 75 15.91 2.56 -28.98
C THR D 75 14.54 1.88 -28.91
N ARG D 76 13.64 2.48 -28.12
CA ARG D 76 12.34 1.87 -27.91
C ARG D 76 11.47 1.96 -29.15
N GLU D 77 11.65 3.01 -29.96
CA GLU D 77 10.85 3.15 -31.17
C GLU D 77 11.18 2.06 -32.19
N GLU D 78 12.47 1.71 -32.31
CA GLU D 78 12.84 0.61 -33.20
C GLU D 78 12.33 -0.73 -32.69
N ALA D 79 12.30 -0.92 -31.38
CA ALA D 79 11.71 -2.14 -30.82
C ALA D 79 10.20 -2.20 -31.09
N ILE D 80 9.51 -1.07 -30.99
CA ILE D 80 8.09 -1.03 -31.32
C ILE D 80 7.89 -1.35 -32.80
N ARG D 81 8.80 -0.88 -33.64
CA ARG D 81 8.75 -1.23 -35.06
C ARG D 81 8.96 -2.73 -35.29
N HIS D 82 9.85 -3.35 -34.53
CA HIS D 82 10.22 -4.75 -34.73
C HIS D 82 9.67 -5.67 -33.63
N VAL D 83 8.49 -5.32 -33.10
CA VAL D 83 7.80 -6.16 -32.13
C VAL D 83 7.57 -7.59 -32.59
N ARG D 84 7.54 -7.84 -33.91
CA ARG D 84 7.41 -9.21 -34.38
C ARG D 84 8.66 -10.03 -34.10
N ALA D 85 9.78 -9.38 -33.86
CA ALA D 85 11.05 -10.06 -33.60
C ALA D 85 11.36 -10.18 -32.11
N TRP D 86 10.46 -9.78 -31.23
CA TRP D 86 10.74 -9.80 -29.80
C TRP D 86 10.78 -11.21 -29.28
N ILE D 87 11.91 -11.58 -28.66
CA ILE D 87 12.04 -12.84 -27.92
C ILE D 87 12.56 -12.48 -26.54
N GLY D 88 11.76 -12.75 -25.52
CA GLY D 88 12.24 -12.60 -24.16
C GLY D 88 13.36 -13.58 -23.87
N PHE D 89 14.26 -13.18 -22.96
CA PHE D 89 15.44 -13.98 -22.69
C PHE D 89 15.86 -13.78 -21.23
N ASP D 90 16.08 -14.90 -20.54
CA ASP D 90 16.57 -14.87 -19.17
C ASP D 90 17.59 -15.99 -18.98
N VAL D 91 18.49 -15.79 -18.02
CA VAL D 91 19.51 -16.78 -17.66
C VAL D 91 19.53 -16.94 -16.15
N GLU D 92 19.53 -18.19 -15.68
CA GLU D 92 19.83 -18.51 -14.30
C GLU D 92 21.21 -19.15 -14.23
N GLY D 93 22.01 -18.75 -13.25
CA GLY D 93 23.41 -19.09 -13.22
C GLY D 93 23.80 -19.89 -12.00
N CYS D 94 25.08 -20.27 -11.98
CA CYS D 94 25.70 -21.01 -10.88
C CYS D 94 27.06 -20.40 -10.57
N HIS D 95 27.54 -20.61 -9.35
CA HIS D 95 28.71 -19.93 -8.83
C HIS D 95 29.93 -20.85 -8.91
N ALA D 96 31.06 -20.30 -9.33
CA ALA D 96 32.30 -21.06 -9.30
C ALA D 96 32.78 -21.22 -7.86
N THR D 97 33.10 -22.47 -7.49
CA THR D 97 33.34 -22.73 -6.07
C THR D 97 34.72 -23.29 -5.70
N ARG D 98 35.20 -24.35 -6.38
CA ARG D 98 36.32 -25.11 -5.82
C ARG D 98 37.68 -24.49 -6.15
N GLU D 99 38.04 -24.45 -7.43
CA GLU D 99 39.36 -23.95 -7.80
C GLU D 99 39.36 -22.45 -8.05
N ALA D 100 38.19 -21.84 -8.13
CA ALA D 100 38.10 -20.41 -8.39
C ALA D 100 36.80 -19.88 -7.81
N VAL D 101 36.88 -18.67 -7.26
CA VAL D 101 35.71 -17.99 -6.69
C VAL D 101 35.72 -16.55 -7.20
N GLY D 102 34.56 -16.08 -7.65
CA GLY D 102 34.45 -14.69 -8.08
C GLY D 102 33.77 -14.46 -9.41
N THR D 103 33.07 -15.46 -9.93
CA THR D 103 32.34 -15.29 -11.17
C THR D 103 31.16 -16.25 -11.20
N ASN D 104 30.21 -15.95 -12.07
CA ASN D 104 29.04 -16.79 -12.29
C ASN D 104 29.04 -17.35 -13.71
N LEU D 105 28.45 -18.55 -13.85
CA LEU D 105 28.45 -19.22 -15.18
C LEU D 105 27.00 -19.50 -15.60
N PRO D 106 26.65 -19.39 -16.90
CA PRO D 106 25.29 -19.69 -17.34
C PRO D 106 24.90 -21.14 -17.08
N LEU D 107 23.73 -21.35 -16.48
CA LEU D 107 23.25 -22.70 -16.20
C LEU D 107 21.98 -23.03 -16.98
N GLN D 108 20.94 -22.22 -16.85
CA GLN D 108 19.66 -22.47 -17.51
C GLN D 108 19.24 -21.24 -18.28
N LEU D 109 19.17 -21.36 -19.61
CA LEU D 109 18.82 -20.26 -20.49
C LEU D 109 17.39 -20.46 -20.99
N GLY D 110 16.54 -19.46 -20.78
CA GLY D 110 15.15 -19.58 -21.13
C GLY D 110 14.71 -18.45 -22.03
N PHE D 111 13.75 -18.78 -22.91
CA PHE D 111 13.26 -17.88 -23.93
C PHE D 111 11.74 -17.79 -23.82
N SER D 112 11.18 -16.69 -24.34
CA SER D 112 9.74 -16.49 -24.27
C SER D 112 8.97 -17.45 -25.14
N THR D 113 9.64 -18.16 -26.05
CA THR D 113 8.98 -19.22 -26.81
C THR D 113 8.52 -20.36 -25.91
N GLY D 114 9.15 -20.54 -24.75
CA GLY D 114 8.73 -21.51 -23.78
C GLY D 114 9.75 -22.58 -23.45
N VAL D 115 10.96 -22.49 -24.01
CA VAL D 115 11.94 -23.56 -23.83
C VAL D 115 12.95 -23.15 -22.76
N ASN D 116 13.54 -24.17 -22.13
CA ASN D 116 14.66 -24.01 -21.21
C ASN D 116 15.77 -24.95 -21.66
N LEU D 117 16.96 -24.40 -21.86
CA LEU D 117 18.13 -25.19 -22.22
C LEU D 117 19.13 -25.13 -21.07
N VAL D 118 19.54 -26.30 -20.59
CA VAL D 118 20.47 -26.41 -19.47
C VAL D 118 21.84 -26.74 -20.03
N ALA D 119 22.85 -25.98 -19.60
CA ALA D 119 24.20 -26.10 -20.12
C ALA D 119 25.15 -26.53 -19.01
N VAL D 120 26.17 -27.31 -19.38
CA VAL D 120 27.22 -27.68 -18.45
C VAL D 120 27.98 -26.43 -18.03
N PRO D 121 28.26 -26.22 -16.73
CA PRO D 121 29.06 -25.05 -16.33
C PRO D 121 30.43 -25.02 -16.97
N THR D 122 30.64 -24.02 -17.83
CA THR D 122 31.83 -23.92 -18.66
C THR D 122 32.37 -22.51 -18.59
N GLY D 123 33.70 -22.38 -18.55
CA GLY D 123 34.33 -21.09 -18.41
C GLY D 123 35.55 -20.97 -19.30
N TYR D 124 36.17 -19.79 -19.23
CA TYR D 124 37.36 -19.44 -20.01
C TYR D 124 38.52 -19.36 -19.02
N VAL D 125 39.40 -20.36 -19.05
CA VAL D 125 40.52 -20.44 -18.13
C VAL D 125 41.78 -19.98 -18.85
N ASP D 126 42.69 -19.37 -18.09
CA ASP D 126 43.91 -18.83 -18.68
C ASP D 126 45.08 -19.79 -18.45
N THR D 127 45.61 -20.31 -19.55
CA THR D 127 46.71 -21.26 -19.54
C THR D 127 47.94 -20.55 -20.10
N PRO D 128 49.15 -21.07 -19.83
CA PRO D 128 50.35 -20.41 -20.36
C PRO D 128 50.44 -20.37 -21.87
N ASN D 129 49.72 -21.22 -22.59
CA ASN D 129 49.69 -21.17 -24.04
C ASN D 129 48.56 -20.29 -24.57
N ASN D 130 47.32 -20.61 -24.20
CA ASN D 130 46.16 -19.93 -24.74
C ASN D 130 44.99 -20.08 -23.78
N THR D 131 44.00 -19.23 -23.97
CA THR D 131 42.77 -19.34 -23.18
C THR D 131 41.99 -20.57 -23.62
N ASP D 132 41.59 -21.38 -22.64
CA ASP D 132 40.93 -22.66 -22.89
C ASP D 132 39.47 -22.55 -22.44
N PHE D 133 38.56 -22.95 -23.33
CA PHE D 133 37.14 -22.99 -22.99
C PHE D 133 36.80 -24.38 -22.48
N SER D 134 36.65 -24.51 -21.16
CA SER D 134 36.57 -25.83 -20.56
C SER D 134 35.63 -25.81 -19.35
N ARG D 135 35.21 -27.01 -18.95
CA ARG D 135 34.31 -27.16 -17.81
C ARG D 135 35.00 -26.75 -16.52
N VAL D 136 34.25 -26.11 -15.62
CA VAL D 136 34.75 -25.69 -14.32
C VAL D 136 33.78 -26.18 -13.24
N SER D 137 34.31 -26.30 -12.02
CA SER D 137 33.49 -26.72 -10.89
C SER D 137 32.58 -25.58 -10.46
N ALA D 138 31.34 -25.91 -10.12
CA ALA D 138 30.36 -24.90 -9.76
C ALA D 138 29.33 -25.48 -8.82
N LYS D 139 28.63 -24.58 -8.12
CA LYS D 139 27.62 -24.88 -7.13
C LYS D 139 26.38 -24.01 -7.36
N PRO D 140 25.20 -24.48 -6.95
CA PRO D 140 24.01 -23.64 -7.07
C PRO D 140 24.09 -22.46 -6.13
N PRO D 141 23.39 -21.37 -6.45
CA PRO D 141 23.40 -20.18 -5.59
C PRO D 141 22.83 -20.49 -4.21
N PRO D 142 23.38 -19.88 -3.16
CA PRO D 142 22.90 -20.18 -1.80
C PRO D 142 21.58 -19.49 -1.48
N GLY D 143 20.46 -20.11 -1.89
CA GLY D 143 19.16 -19.55 -1.58
C GLY D 143 18.05 -20.57 -1.73
N ASP D 144 16.96 -20.39 -0.98
CA ASP D 144 15.81 -21.28 -1.10
C ASP D 144 15.14 -21.12 -2.46
N GLN D 145 15.09 -19.87 -2.94
CA GLN D 145 14.45 -19.52 -4.23
C GLN D 145 15.13 -20.20 -5.39
N PHE D 146 16.37 -20.60 -5.20
CA PHE D 146 17.17 -21.24 -6.23
C PHE D 146 17.28 -22.74 -6.04
N LYS D 147 16.55 -23.32 -5.09
CA LYS D 147 16.71 -24.75 -4.81
C LYS D 147 16.26 -25.62 -5.99
N HIS D 148 15.33 -25.13 -6.81
CA HIS D 148 14.92 -25.86 -8.00
C HIS D 148 16.02 -25.94 -9.06
N LEU D 149 17.11 -25.19 -8.89
CA LEU D 149 18.27 -25.33 -9.76
C LEU D 149 19.22 -26.41 -9.29
N ILE D 150 18.95 -27.04 -8.14
CA ILE D 150 19.88 -28.06 -7.62
C ILE D 150 20.00 -29.28 -8.53
N PRO D 151 18.92 -29.89 -9.03
CA PRO D 151 19.11 -31.03 -9.96
C PRO D 151 19.81 -30.66 -11.26
N LEU D 152 19.59 -29.43 -11.76
CA LEU D 152 20.04 -29.06 -13.10
C LEU D 152 21.56 -29.03 -13.22
N MET D 153 22.28 -29.07 -12.10
CA MET D 153 23.72 -29.14 -12.16
C MET D 153 24.19 -30.46 -12.75
N TYR D 154 23.38 -31.50 -12.68
CA TYR D 154 23.73 -32.81 -13.22
C TYR D 154 22.96 -33.14 -14.48
N LYS D 155 22.37 -32.14 -15.14
CA LYS D 155 21.51 -32.37 -16.29
C LYS D 155 21.86 -31.46 -17.47
N GLY D 156 23.07 -30.90 -17.50
CA GLY D 156 23.43 -29.98 -18.55
C GLY D 156 23.97 -30.67 -19.79
N LEU D 157 24.06 -29.91 -20.86
CA LEU D 157 24.56 -30.26 -22.17
C LEU D 157 25.82 -29.47 -22.50
N PRO D 158 26.70 -29.98 -23.35
CA PRO D 158 27.83 -29.18 -23.81
C PRO D 158 27.35 -28.01 -24.64
N TRP D 159 28.10 -26.91 -24.60
CA TRP D 159 27.65 -25.67 -25.22
C TRP D 159 27.58 -25.77 -26.73
N ASN D 160 28.33 -26.70 -27.32
CA ASN D 160 28.19 -26.98 -28.75
C ASN D 160 26.78 -27.42 -29.09
N VAL D 161 26.18 -28.26 -28.26
CA VAL D 161 24.79 -28.65 -28.45
C VAL D 161 23.85 -27.50 -28.13
N VAL D 162 24.15 -26.76 -27.06
CA VAL D 162 23.23 -25.74 -26.56
C VAL D 162 23.06 -24.61 -27.57
N ARG D 163 24.16 -24.13 -28.14
CA ARG D 163 24.05 -22.99 -29.03
C ARG D 163 23.45 -23.38 -30.39
N ILE D 164 23.70 -24.61 -30.85
CA ILE D 164 23.03 -25.09 -32.05
C ILE D 164 21.53 -25.20 -31.82
N LYS D 165 21.13 -25.68 -30.63
CA LYS D 165 19.71 -25.72 -30.30
C LYS D 165 19.10 -24.33 -30.21
N ILE D 166 19.86 -23.36 -29.68
CA ILE D 166 19.39 -21.97 -29.63
C ILE D 166 19.13 -21.44 -31.03
N VAL D 167 20.08 -21.66 -31.94
CA VAL D 167 19.94 -21.15 -33.31
C VAL D 167 18.77 -21.83 -34.00
N GLN D 168 18.61 -23.15 -33.82
CA GLN D 168 17.49 -23.88 -34.40
C GLN D 168 16.16 -23.34 -33.90
N MET D 169 16.04 -23.13 -32.59
CA MET D 169 14.79 -22.65 -32.01
C MET D 169 14.45 -21.24 -32.49
N LEU D 170 15.45 -20.34 -32.53
CA LEU D 170 15.22 -18.98 -32.97
C LEU D 170 14.81 -18.94 -34.44
N SER D 171 15.47 -19.72 -35.29
CA SER D 171 15.13 -19.73 -36.71
C SER D 171 13.75 -20.32 -36.94
N ASP D 172 13.41 -21.39 -36.23
CA ASP D 172 12.09 -21.99 -36.37
C ASP D 172 10.98 -21.10 -35.84
N THR D 173 11.30 -20.23 -34.87
CA THR D 173 10.29 -19.31 -34.36
C THR D 173 10.10 -18.10 -35.27
N LEU D 174 11.19 -17.54 -35.79
CA LEU D 174 11.13 -16.19 -36.36
C LEU D 174 11.14 -16.14 -37.89
N LYS D 175 11.26 -17.27 -38.58
CA LYS D 175 11.50 -17.22 -40.01
C LYS D 175 10.29 -16.71 -40.79
N ASN D 176 9.09 -16.86 -40.24
CA ASN D 176 7.88 -16.37 -40.89
C ASN D 176 7.33 -15.10 -40.25
N LEU D 177 8.12 -14.43 -39.42
CA LEU D 177 7.70 -13.23 -38.71
C LEU D 177 8.60 -12.02 -38.94
N SER D 178 9.92 -12.22 -38.99
CA SER D 178 10.85 -11.10 -39.06
C SER D 178 12.16 -11.58 -39.66
N ASP D 179 13.01 -10.61 -39.98
CA ASP D 179 14.35 -10.87 -40.51
C ASP D 179 15.44 -10.65 -39.46
N ARG D 180 15.07 -10.56 -38.19
CA ARG D 180 16.04 -10.30 -37.13
C ARG D 180 15.46 -10.84 -35.82
N VAL D 181 16.24 -10.71 -34.76
CA VAL D 181 15.83 -11.08 -33.42
C VAL D 181 16.09 -9.89 -32.49
N VAL D 182 15.11 -9.58 -31.66
CA VAL D 182 15.26 -8.58 -30.60
C VAL D 182 15.13 -9.30 -29.26
N PHE D 183 16.16 -9.22 -28.43
CA PHE D 183 16.13 -9.86 -27.12
C PHE D 183 15.57 -8.88 -26.09
N VAL D 184 14.47 -9.26 -25.46
CA VAL D 184 13.84 -8.46 -24.42
C VAL D 184 14.39 -8.93 -23.08
N LEU D 185 15.23 -8.10 -22.47
CA LEU D 185 15.95 -8.44 -21.26
C LEU D 185 15.44 -7.61 -20.10
N TRP D 186 15.67 -8.07 -18.86
CA TRP D 186 15.33 -7.23 -17.68
C TRP D 186 16.64 -6.64 -17.16
N ALA D 187 17.56 -7.47 -16.66
CA ALA D 187 18.90 -6.98 -16.28
C ALA D 187 19.87 -7.55 -17.32
N HIS D 188 20.55 -6.68 -18.08
CA HIS D 188 21.36 -7.18 -19.22
C HIS D 188 22.77 -7.67 -18.83
N GLY D 189 23.19 -7.53 -17.56
CA GLY D 189 24.56 -7.91 -17.28
C GLY D 189 24.85 -9.39 -17.47
N PHE D 190 24.16 -10.23 -16.70
CA PHE D 190 24.31 -11.66 -16.83
C PHE D 190 23.79 -12.17 -18.18
N ALA D 191 22.81 -11.48 -18.76
CA ALA D 191 22.34 -11.81 -20.11
C ALA D 191 23.46 -11.62 -21.13
N LEU D 192 24.22 -10.52 -21.03
CA LEU D 192 25.35 -10.31 -21.92
C LEU D 192 26.46 -11.32 -21.66
N THR D 193 26.70 -11.64 -20.39
CA THR D 193 27.70 -12.66 -20.04
C THR D 193 27.35 -14.00 -20.68
N SER D 194 26.07 -14.34 -20.70
CA SER D 194 25.64 -15.57 -21.36
C SER D 194 25.64 -15.45 -22.88
N MET D 195 25.35 -14.26 -23.41
CA MET D 195 25.39 -14.04 -24.85
C MET D 195 26.79 -14.19 -25.40
N LYS D 196 27.81 -13.94 -24.56
CA LYS D 196 29.19 -14.17 -24.98
C LYS D 196 29.41 -15.60 -25.46
N TYR D 197 28.64 -16.56 -24.91
CA TYR D 197 28.78 -17.96 -25.26
C TYR D 197 28.20 -18.31 -26.63
N PHE D 198 27.23 -17.55 -27.14
CA PHE D 198 26.56 -17.95 -28.37
C PHE D 198 26.25 -16.82 -29.35
N VAL D 199 26.80 -15.62 -29.16
CA VAL D 199 26.50 -14.48 -30.03
C VAL D 199 27.81 -13.92 -30.56
N LYS D 200 27.88 -13.68 -31.87
CA LYS D 200 28.98 -12.99 -32.50
C LYS D 200 28.46 -11.79 -33.27
N ILE D 201 29.30 -10.76 -33.40
CA ILE D 201 28.93 -9.52 -34.06
C ILE D 201 29.93 -9.21 -35.17
N GLY D 202 29.59 -8.20 -35.96
CA GLY D 202 30.43 -7.76 -37.05
C GLY D 202 29.68 -6.80 -37.94
N PRO D 203 30.22 -6.53 -39.13
CA PRO D 203 29.48 -5.73 -40.10
C PRO D 203 28.28 -6.48 -40.64
N GLU D 204 27.32 -5.73 -41.18
CA GLU D 204 26.11 -6.34 -41.72
C GLU D 204 26.46 -7.20 -42.93
N ARG D 205 25.72 -8.29 -43.09
CA ARG D 205 26.02 -9.31 -44.08
C ARG D 205 24.77 -9.72 -44.82
N THR D 206 24.94 -10.67 -45.74
CA THR D 206 23.86 -11.23 -46.53
C THR D 206 23.94 -12.75 -46.46
N CYS D 207 22.78 -13.41 -46.53
CA CYS D 207 22.73 -14.87 -46.47
C CYS D 207 23.47 -15.48 -47.66
N CYS D 208 24.09 -16.63 -47.43
CA CYS D 208 24.89 -17.28 -48.46
C CYS D 208 24.05 -17.95 -49.54
N LEU D 209 22.74 -18.05 -49.35
CA LEU D 209 21.88 -18.70 -50.33
C LEU D 209 20.73 -17.84 -50.81
N CYS D 210 20.57 -16.63 -50.27
CA CYS D 210 19.52 -15.73 -50.74
C CYS D 210 19.95 -14.29 -50.44
N ASP D 211 19.01 -13.36 -50.64
CA ASP D 211 19.31 -11.95 -50.46
C ASP D 211 18.85 -11.40 -49.11
N ARG D 212 18.38 -12.25 -48.20
CA ARG D 212 17.92 -11.77 -46.91
C ARG D 212 19.09 -11.34 -46.03
N ARG D 213 18.77 -10.62 -44.96
CA ARG D 213 19.76 -10.26 -43.96
C ARG D 213 20.29 -11.50 -43.27
N ALA D 214 21.60 -11.55 -43.07
CA ALA D 214 22.21 -12.68 -42.38
C ALA D 214 21.94 -12.59 -40.89
N THR D 215 21.44 -13.67 -40.31
CA THR D 215 21.13 -13.73 -38.89
C THR D 215 21.93 -14.78 -38.14
N CYS D 216 22.63 -15.67 -38.84
CA CYS D 216 23.37 -16.77 -38.22
C CYS D 216 24.72 -16.91 -38.90
N PHE D 217 25.69 -17.37 -38.12
CA PHE D 217 27.07 -17.56 -38.55
C PHE D 217 27.51 -18.97 -38.19
N SER D 218 28.25 -19.62 -39.10
CA SER D 218 28.78 -20.95 -38.85
C SER D 218 30.29 -20.88 -38.71
N THR D 219 30.84 -21.54 -37.70
CA THR D 219 32.28 -21.58 -37.52
C THR D 219 32.96 -22.77 -38.16
N ALA D 220 32.20 -23.80 -38.52
CA ALA D 220 32.79 -24.92 -39.28
C ALA D 220 33.26 -24.45 -40.64
N SER D 221 32.42 -23.67 -41.33
CA SER D 221 32.82 -22.95 -42.53
C SER D 221 32.30 -21.53 -42.39
N ASP D 222 33.16 -20.54 -42.65
CA ASP D 222 32.82 -19.17 -42.31
C ASP D 222 31.73 -18.65 -43.25
N THR D 223 30.50 -19.07 -43.01
CA THR D 223 29.37 -18.70 -43.85
C THR D 223 28.28 -18.08 -42.98
N TYR D 224 27.47 -17.25 -43.64
CA TYR D 224 26.40 -16.50 -43.01
C TYR D 224 25.08 -16.89 -43.66
N ALA D 225 24.02 -16.93 -42.87
CA ALA D 225 22.72 -17.34 -43.37
C ALA D 225 21.62 -16.60 -42.65
N CYS D 226 20.42 -16.65 -43.23
CA CYS D 226 19.23 -16.11 -42.60
C CYS D 226 18.58 -17.18 -41.73
N TRP D 227 17.35 -16.91 -41.29
CA TRP D 227 16.61 -17.89 -40.51
C TRP D 227 16.25 -19.11 -41.36
N HIS D 228 15.95 -18.89 -42.65
CA HIS D 228 15.47 -19.97 -43.49
C HIS D 228 16.56 -20.97 -43.86
N HIS D 229 17.82 -20.54 -43.89
CA HIS D 229 18.91 -21.39 -44.34
C HIS D 229 19.94 -21.66 -43.24
N SER D 230 19.52 -21.63 -41.98
CA SER D 230 20.45 -21.75 -40.86
C SER D 230 20.59 -23.17 -40.35
N ILE D 231 20.42 -24.22 -41.14
CA ILE D 231 20.55 -25.57 -40.63
C ILE D 231 22.02 -25.87 -40.40
N GLY D 232 22.37 -26.27 -39.18
CA GLY D 232 23.74 -26.55 -38.83
C GLY D 232 24.54 -25.36 -38.38
N PHE D 233 23.92 -24.19 -38.23
CA PHE D 233 24.63 -22.99 -37.81
C PHE D 233 24.57 -22.86 -36.30
N ASP D 234 25.66 -22.37 -35.71
CA ASP D 234 25.82 -22.42 -34.26
C ASP D 234 25.80 -21.08 -33.56
N TYR D 235 26.02 -19.97 -34.25
CA TYR D 235 26.08 -18.67 -33.60
C TYR D 235 24.99 -17.75 -34.12
N VAL D 236 24.54 -16.86 -33.25
CA VAL D 236 23.63 -15.78 -33.63
C VAL D 236 24.47 -14.58 -34.05
N TYR D 237 24.20 -14.06 -35.24
CA TYR D 237 25.00 -13.00 -35.83
C TYR D 237 24.21 -11.70 -35.85
N ASN D 238 24.78 -10.67 -35.24
CA ASN D 238 24.16 -9.34 -35.15
C ASN D 238 22.73 -9.36 -34.60
N PRO D 239 22.54 -9.70 -33.33
CA PRO D 239 21.22 -9.57 -32.72
C PRO D 239 21.03 -8.18 -32.13
N PHE D 240 19.79 -7.88 -31.77
CA PHE D 240 19.44 -6.64 -31.14
C PHE D 240 18.79 -6.92 -29.80
N MET D 241 18.85 -5.94 -28.90
CA MET D 241 18.33 -6.16 -27.56
C MET D 241 17.83 -4.84 -26.97
N ILE D 242 16.93 -4.98 -25.99
CA ILE D 242 16.42 -3.86 -25.22
C ILE D 242 16.35 -4.27 -23.76
N ASP D 243 16.77 -3.37 -22.88
CA ASP D 243 16.72 -3.57 -21.44
C ASP D 243 15.48 -2.86 -20.91
N VAL D 244 14.57 -3.62 -20.30
CA VAL D 244 13.30 -3.05 -19.87
C VAL D 244 13.44 -2.34 -18.52
N GLN D 245 14.36 -2.77 -17.66
CA GLN D 245 14.52 -2.14 -16.36
C GLN D 245 14.99 -0.69 -16.47
N GLN D 246 15.65 -0.35 -17.58
CA GLN D 246 16.10 1.01 -17.85
C GLN D 246 14.98 1.94 -18.25
N TRP D 247 13.72 1.51 -18.19
CA TRP D 247 12.57 2.36 -18.47
C TRP D 247 11.95 2.93 -17.20
N GLY D 248 12.73 3.11 -16.15
CA GLY D 248 12.22 3.66 -14.91
C GLY D 248 11.32 2.73 -14.13
N PHE D 249 11.91 1.65 -13.59
CA PHE D 249 11.15 0.67 -12.82
C PHE D 249 11.77 0.52 -11.45
N THR D 250 10.92 0.32 -10.44
CA THR D 250 11.36 0.06 -9.08
C THR D 250 10.95 -1.34 -8.66
N GLY D 251 11.78 -1.95 -7.81
CA GLY D 251 11.56 -3.32 -7.43
C GLY D 251 12.12 -4.30 -8.46
N ASN D 252 11.68 -5.54 -8.35
CA ASN D 252 12.13 -6.60 -9.22
C ASN D 252 11.11 -6.84 -10.35
N LEU D 253 11.37 -7.86 -11.16
CA LEU D 253 10.59 -8.10 -12.36
C LEU D 253 9.16 -8.52 -12.03
N GLN D 254 8.98 -9.39 -11.04
CA GLN D 254 7.65 -9.91 -10.74
C GLN D 254 6.76 -8.84 -10.13
N SER D 255 7.34 -7.98 -9.28
CA SER D 255 6.57 -6.90 -8.66
C SER D 255 6.01 -5.95 -9.70
N ASN D 256 6.69 -5.79 -10.83
CA ASN D 256 6.22 -4.90 -11.88
C ASN D 256 5.32 -5.61 -12.87
N HIS D 257 5.55 -6.90 -13.11
CA HIS D 257 4.68 -7.66 -14.01
C HIS D 257 3.30 -7.86 -13.38
N ASP D 258 3.25 -8.15 -12.08
CA ASP D 258 2.00 -8.48 -11.42
C ASP D 258 1.04 -7.31 -11.33
N LEU D 259 1.51 -6.07 -11.51
CA LEU D 259 0.62 -4.92 -11.50
C LEU D 259 -0.29 -4.88 -12.72
N TYR D 260 0.09 -5.55 -13.82
CA TYR D 260 -0.61 -5.45 -15.07
C TYR D 260 -1.10 -6.78 -15.63
N CYS D 261 -0.60 -7.90 -15.12
CA CYS D 261 -0.94 -9.21 -15.67
C CYS D 261 -1.14 -10.20 -14.52
N GLN D 262 -1.98 -11.21 -14.78
CA GLN D 262 -2.25 -12.26 -13.80
C GLN D 262 -2.05 -13.66 -14.35
N VAL D 263 -1.81 -13.82 -15.65
CA VAL D 263 -1.74 -15.16 -16.24
C VAL D 263 -0.33 -15.72 -16.31
N HIS D 264 0.69 -14.97 -15.89
CA HIS D 264 2.05 -15.46 -15.83
C HIS D 264 2.59 -15.37 -14.41
N GLY D 265 3.39 -16.35 -14.04
CA GLY D 265 3.99 -16.39 -12.72
C GLY D 265 5.24 -17.24 -12.72
N ASN D 266 5.42 -17.99 -11.63
CA ASN D 266 6.47 -19.00 -11.50
C ASN D 266 7.88 -18.39 -11.63
N ALA D 267 8.22 -17.52 -10.69
CA ALA D 267 9.46 -16.77 -10.75
C ALA D 267 10.67 -17.67 -10.61
N HIS D 268 11.84 -17.13 -11.00
CA HIS D 268 13.15 -17.76 -10.97
C HIS D 268 13.29 -18.97 -11.88
N VAL D 269 12.35 -19.18 -12.79
CA VAL D 269 12.51 -20.09 -13.91
C VAL D 269 12.79 -19.24 -15.14
N ALA D 270 13.81 -19.63 -15.91
CA ALA D 270 14.32 -18.75 -16.95
C ALA D 270 13.28 -18.49 -18.05
N SER D 271 12.57 -19.53 -18.47
CA SER D 271 11.53 -19.35 -19.48
C SER D 271 10.39 -18.49 -18.96
N CYS D 272 10.00 -18.70 -17.69
CA CYS D 272 8.91 -17.93 -17.11
C CYS D 272 9.27 -16.46 -16.96
N ASP D 273 10.50 -16.18 -16.54
CA ASP D 273 10.94 -14.79 -16.44
C ASP D 273 11.10 -14.14 -17.80
N ALA D 274 11.51 -14.92 -18.82
CA ALA D 274 11.53 -14.38 -20.19
C ALA D 274 10.14 -14.01 -20.66
N ILE D 275 9.16 -14.86 -20.38
CA ILE D 275 7.77 -14.57 -20.74
C ILE D 275 7.27 -13.34 -19.99
N MET D 276 7.62 -13.23 -18.70
CA MET D 276 7.25 -12.06 -17.91
C MET D 276 7.87 -10.78 -18.46
N THR D 277 9.14 -10.85 -18.86
CA THR D 277 9.83 -9.68 -19.41
C THR D 277 9.16 -9.22 -20.70
N ARG D 278 8.88 -10.16 -21.60
CA ARG D 278 8.23 -9.78 -22.85
C ARG D 278 6.82 -9.25 -22.60
N CYS D 279 6.10 -9.82 -21.64
CA CYS D 279 4.76 -9.36 -21.32
C CYS D 279 4.78 -7.94 -20.77
N LEU D 280 5.73 -7.64 -19.87
CA LEU D 280 5.86 -6.29 -19.34
C LEU D 280 6.23 -5.30 -20.43
N ALA D 281 7.13 -5.67 -21.34
CA ALA D 281 7.49 -4.78 -22.44
C ALA D 281 6.31 -4.52 -23.36
N VAL D 282 5.53 -5.57 -23.68
CA VAL D 282 4.37 -5.40 -24.56
C VAL D 282 3.33 -4.52 -23.90
N HIS D 283 3.11 -4.69 -22.60
CA HIS D 283 2.19 -3.83 -21.87
C HIS D 283 2.66 -2.38 -21.91
N GLU D 284 3.95 -2.15 -21.67
CA GLU D 284 4.45 -0.79 -21.59
C GLU D 284 4.48 -0.10 -22.95
N CYS D 285 4.60 -0.86 -24.03
CA CYS D 285 4.73 -0.23 -25.34
C CYS D 285 3.45 -0.23 -26.16
N PHE D 286 2.46 -1.05 -25.81
CA PHE D 286 1.32 -1.24 -26.70
C PHE D 286 -0.04 -1.12 -26.06
N VAL D 287 -0.21 -1.40 -24.77
CA VAL D 287 -1.54 -1.24 -24.20
C VAL D 287 -1.68 0.19 -23.69
N LYS D 288 -1.82 1.14 -24.59
CA LYS D 288 -2.36 2.45 -24.27
C LYS D 288 -3.50 2.82 -25.22
N ARG D 289 -3.19 2.80 -26.52
CA ARG D 289 -4.11 3.20 -27.59
C ARG D 289 -3.49 2.76 -28.91
N VAL D 290 -4.30 2.80 -29.97
CA VAL D 290 -3.81 2.43 -31.29
C VAL D 290 -3.06 3.60 -31.91
N ASP D 291 -1.89 3.33 -32.46
CA ASP D 291 -1.07 4.34 -33.13
C ASP D 291 -1.08 4.03 -34.61
N TRP D 292 -1.59 4.98 -35.40
CA TRP D 292 -1.62 4.83 -36.86
C TRP D 292 -0.44 5.50 -37.54
N THR D 293 0.48 6.10 -36.78
CA THR D 293 1.69 6.65 -37.37
C THR D 293 2.76 5.60 -37.58
N ILE D 294 2.60 4.41 -37.00
CA ILE D 294 3.55 3.31 -37.14
C ILE D 294 2.90 2.24 -38.01
N GLU D 295 3.57 1.87 -39.09
CA GLU D 295 3.04 0.93 -40.06
C GLU D 295 3.96 -0.27 -40.14
N TYR D 296 3.38 -1.45 -40.33
CA TYR D 296 4.14 -2.69 -40.30
C TYR D 296 4.11 -3.37 -41.66
N PRO D 297 5.18 -4.07 -42.03
CA PRO D 297 5.22 -4.70 -43.36
C PRO D 297 4.31 -5.91 -43.44
N ILE D 298 3.97 -6.28 -44.67
CA ILE D 298 3.14 -7.45 -44.91
C ILE D 298 4.02 -8.69 -44.93
N ILE D 299 3.65 -9.70 -44.12
CA ILE D 299 4.37 -10.97 -44.07
C ILE D 299 3.50 -12.15 -44.45
N GLY D 300 2.26 -11.94 -44.89
CA GLY D 300 1.38 -13.05 -45.19
C GLY D 300 0.08 -12.64 -45.84
N ASP D 301 -1.03 -13.23 -45.40
CA ASP D 301 -2.32 -13.04 -46.04
C ASP D 301 -3.11 -11.86 -45.45
N GLU D 302 -2.44 -10.78 -45.08
CA GLU D 302 -3.13 -9.62 -44.54
C GLU D 302 -4.09 -9.01 -45.55
N LEU D 303 -3.70 -8.94 -46.82
CA LEU D 303 -4.55 -8.34 -47.83
C LEU D 303 -5.83 -9.14 -48.04
N LYS D 304 -5.70 -10.48 -48.11
CA LYS D 304 -6.88 -11.32 -48.29
C LYS D 304 -7.82 -11.23 -47.09
N ILE D 305 -7.25 -11.20 -45.88
CA ILE D 305 -8.07 -11.06 -44.68
C ILE D 305 -8.80 -9.71 -44.68
N ASN D 306 -8.10 -8.64 -45.04
CA ASN D 306 -8.71 -7.31 -45.06
C ASN D 306 -9.83 -7.23 -46.10
N ALA D 307 -9.64 -7.86 -47.26
CA ALA D 307 -10.69 -7.87 -48.28
C ALA D 307 -11.88 -8.71 -47.85
N ALA D 308 -11.60 -9.88 -47.25
CA ALA D 308 -12.67 -10.79 -46.86
C ALA D 308 -13.52 -10.21 -45.74
N CYS D 309 -12.88 -9.48 -44.81
CA CYS D 309 -13.63 -8.84 -43.73
C CYS D 309 -14.62 -7.83 -44.29
N ARG D 310 -14.18 -7.00 -45.23
CA ARG D 310 -15.08 -6.02 -45.85
C ARG D 310 -16.19 -6.71 -46.64
N LYS D 311 -15.86 -7.78 -47.36
CA LYS D 311 -16.86 -8.49 -48.14
C LYS D 311 -17.96 -9.08 -47.25
N VAL D 312 -17.55 -9.74 -46.16
CA VAL D 312 -18.51 -10.32 -45.23
C VAL D 312 -19.32 -9.23 -44.54
N GLN D 313 -18.67 -8.13 -44.16
CA GLN D 313 -19.39 -7.04 -43.51
C GLN D 313 -20.44 -6.44 -44.43
N HIS D 314 -20.14 -6.33 -45.72
CA HIS D 314 -21.13 -5.85 -46.67
C HIS D 314 -22.29 -6.84 -46.80
N MET D 315 -21.97 -8.11 -47.04
CA MET D 315 -23.03 -9.08 -47.35
C MET D 315 -23.95 -9.35 -46.17
N VAL D 316 -23.39 -9.45 -44.96
CA VAL D 316 -24.21 -9.76 -43.79
C VAL D 316 -25.20 -8.65 -43.51
N VAL D 317 -24.74 -7.39 -43.56
CA VAL D 317 -25.64 -6.26 -43.30
C VAL D 317 -26.67 -6.11 -44.42
N LYS D 318 -26.25 -6.34 -45.67
CA LYS D 318 -27.19 -6.25 -46.79
C LYS D 318 -28.27 -7.31 -46.70
N ALA D 319 -27.94 -8.51 -46.21
CA ALA D 319 -28.94 -9.55 -46.03
C ALA D 319 -29.84 -9.24 -44.83
N ALA D 320 -29.24 -8.75 -43.74
CA ALA D 320 -30.01 -8.51 -42.52
C ALA D 320 -31.03 -7.38 -42.71
N LEU D 321 -30.64 -6.31 -43.42
CA LEU D 321 -31.57 -5.22 -43.65
C LEU D 321 -32.68 -5.59 -44.61
N LEU D 322 -32.52 -6.68 -45.38
CA LEU D 322 -33.59 -7.15 -46.24
C LEU D 322 -34.43 -8.23 -45.56
N ALA D 323 -33.89 -8.88 -44.53
CA ALA D 323 -34.60 -9.97 -43.88
C ALA D 323 -35.81 -9.46 -43.10
N ASP D 324 -35.61 -8.42 -42.28
CA ASP D 324 -36.68 -7.94 -41.41
C ASP D 324 -37.03 -6.47 -41.63
N LYS D 325 -36.18 -5.72 -42.34
CA LYS D 325 -36.48 -4.34 -42.76
C LYS D 325 -36.73 -3.42 -41.57
N PHE D 326 -35.71 -3.27 -40.73
CA PHE D 326 -35.77 -2.29 -39.65
C PHE D 326 -35.77 -0.88 -40.24
N PRO D 327 -36.55 0.05 -39.67
CA PRO D 327 -36.54 1.42 -40.19
C PRO D 327 -35.28 2.19 -39.84
N VAL D 328 -34.62 1.81 -38.73
CA VAL D 328 -33.41 2.56 -38.27
C VAL D 328 -32.42 1.55 -37.65
N LEU D 329 -31.12 1.78 -37.84
CA LEU D 329 -30.09 0.89 -37.22
C LEU D 329 -29.06 1.74 -36.47
N HIS D 330 -28.31 1.14 -35.56
CA HIS D 330 -27.26 1.87 -34.80
C HIS D 330 -25.89 1.26 -35.11
N ASP D 331 -24.96 2.07 -35.62
CA ASP D 331 -23.64 1.56 -35.93
C ASP D 331 -22.67 2.07 -34.86
N ILE D 332 -22.08 1.13 -34.12
CA ILE D 332 -21.26 1.44 -32.94
C ILE D 332 -19.85 0.93 -33.19
N GLY D 333 -18.86 1.77 -32.91
CA GLY D 333 -17.47 1.39 -33.05
C GLY D 333 -16.87 1.60 -34.42
N ASN D 334 -17.62 2.17 -35.36
CA ASN D 334 -17.09 2.45 -36.68
C ASN D 334 -16.12 3.63 -36.61
N PRO D 335 -14.85 3.45 -37.00
CA PRO D 335 -13.89 4.56 -36.89
C PRO D 335 -14.26 5.78 -37.71
N LYS D 336 -14.87 5.60 -38.88
CA LYS D 336 -15.24 6.72 -39.74
C LYS D 336 -16.70 6.56 -40.17
N ALA D 337 -17.33 7.69 -40.45
CA ALA D 337 -18.76 7.73 -40.74
C ALA D 337 -19.07 7.34 -42.18
N ILE D 338 -18.82 6.08 -42.53
CA ILE D 338 -19.21 5.53 -43.82
C ILE D 338 -20.02 4.27 -43.57
N LYS D 339 -21.25 4.24 -44.10
CA LYS D 339 -22.11 3.08 -43.94
C LYS D 339 -21.61 1.93 -44.80
N CYS D 340 -21.78 0.71 -44.29
CA CYS D 340 -21.33 -0.49 -45.01
C CYS D 340 -22.07 -0.69 -46.32
N VAL D 341 -23.37 -0.49 -46.35
CA VAL D 341 -24.14 -0.61 -47.59
C VAL D 341 -24.82 0.73 -47.87
N PRO D 342 -24.29 1.52 -48.82
CA PRO D 342 -24.94 2.80 -49.16
C PRO D 342 -26.33 2.66 -49.75
N GLN D 343 -26.63 1.55 -50.42
CA GLN D 343 -27.90 1.39 -51.12
C GLN D 343 -29.05 1.07 -50.17
N ALA D 344 -28.77 0.82 -48.90
CA ALA D 344 -29.83 0.49 -47.95
C ALA D 344 -30.71 1.69 -47.68
N ASP D 345 -32.03 1.44 -47.65
CA ASP D 345 -33.01 2.49 -47.37
C ASP D 345 -33.37 2.50 -45.89
N VAL D 346 -32.34 2.69 -45.06
CA VAL D 346 -32.47 2.65 -43.61
C VAL D 346 -31.72 3.82 -43.01
N GLU D 347 -32.22 4.31 -41.87
CA GLU D 347 -31.60 5.42 -41.17
C GLU D 347 -30.40 4.95 -40.36
N TRP D 348 -29.19 5.28 -40.82
CA TRP D 348 -27.98 4.95 -40.08
C TRP D 348 -27.70 6.01 -39.03
N LYS D 349 -27.53 5.59 -37.78
CA LYS D 349 -27.11 6.49 -36.72
C LYS D 349 -25.83 5.97 -36.09
N PHE D 350 -24.80 6.81 -36.04
CA PHE D 350 -23.45 6.39 -35.70
C PHE D 350 -23.10 6.82 -34.29
N TYR D 351 -22.44 5.93 -33.55
CA TYR D 351 -22.00 6.21 -32.18
C TYR D 351 -20.61 5.62 -31.98
N ASP D 352 -19.76 6.35 -31.27
CA ASP D 352 -18.43 5.87 -30.92
C ASP D 352 -17.92 6.66 -29.74
N ALA D 353 -16.94 6.08 -29.03
CA ALA D 353 -16.30 6.80 -27.93
C ALA D 353 -15.48 7.96 -28.45
N GLN D 354 -14.64 7.71 -29.46
CA GLN D 354 -13.86 8.76 -30.11
C GLN D 354 -13.51 8.31 -31.53
N PRO D 355 -13.99 9.01 -32.56
CA PRO D 355 -13.68 8.59 -33.93
C PRO D 355 -12.23 8.87 -34.29
N CYS D 356 -11.81 8.28 -35.40
CA CYS D 356 -10.42 8.37 -35.87
C CYS D 356 -10.23 9.66 -36.67
N SER D 357 -10.37 10.78 -35.96
CA SER D 357 -10.17 12.14 -36.50
C SER D 357 -11.05 12.40 -37.72
N ASP D 358 -12.29 11.91 -37.68
CA ASP D 358 -13.19 12.10 -38.81
C ASP D 358 -13.76 13.51 -38.80
N LYS D 359 -13.79 14.14 -39.98
CA LYS D 359 -14.39 15.47 -40.11
C LYS D 359 -15.88 15.45 -39.87
N ALA D 360 -16.57 14.40 -40.31
CA ALA D 360 -18.01 14.25 -40.09
C ALA D 360 -18.25 14.01 -38.60
N TYR D 361 -18.76 15.04 -37.93
CA TYR D 361 -18.98 15.00 -36.49
C TYR D 361 -20.37 14.48 -36.16
N LYS D 362 -20.99 13.77 -37.10
CA LYS D 362 -22.31 13.19 -36.85
C LYS D 362 -22.27 12.00 -35.91
N ILE D 363 -21.09 11.46 -35.61
CA ILE D 363 -20.98 10.32 -34.70
C ILE D 363 -21.15 10.82 -33.28
N GLU D 364 -22.09 10.23 -32.56
CA GLU D 364 -22.36 10.62 -31.18
C GLU D 364 -21.39 9.94 -30.21
N GLU D 365 -21.19 10.58 -29.07
CA GLU D 365 -20.32 10.01 -28.04
C GLU D 365 -20.99 8.83 -27.36
N LEU D 366 -20.25 7.73 -27.21
CA LEU D 366 -20.79 6.54 -26.55
C LEU D 366 -19.62 5.74 -25.99
N PHE D 367 -19.42 5.84 -24.67
CA PHE D 367 -18.49 4.98 -23.95
C PHE D 367 -19.28 3.80 -23.40
N TYR D 368 -19.45 2.78 -24.24
CA TYR D 368 -20.47 1.77 -24.02
C TYR D 368 -20.14 0.86 -22.84
N SER D 369 -21.19 0.50 -22.10
CA SER D 369 -21.12 -0.54 -21.08
C SER D 369 -22.51 -1.16 -20.98
N TYR D 370 -22.57 -2.46 -20.75
CA TYR D 370 -23.85 -3.17 -20.83
C TYR D 370 -24.80 -2.76 -19.71
N ALA D 371 -24.28 -2.60 -18.49
CA ALA D 371 -25.12 -2.24 -17.36
C ALA D 371 -25.59 -0.79 -17.44
N THR D 372 -24.94 0.04 -18.24
CA THR D 372 -25.29 1.45 -18.36
C THR D 372 -26.14 1.75 -19.59
N HIS D 373 -25.85 1.14 -20.73
CA HIS D 373 -26.52 1.46 -21.99
C HIS D 373 -27.50 0.38 -22.43
N SER D 374 -28.18 -0.28 -21.49
CA SER D 374 -29.15 -1.30 -21.85
C SER D 374 -30.39 -0.73 -22.51
N ASP D 375 -30.75 0.52 -22.21
CA ASP D 375 -31.92 1.16 -22.77
C ASP D 375 -31.58 2.12 -23.90
N LYS D 376 -30.33 2.15 -24.37
CA LYS D 376 -29.93 3.10 -25.39
C LYS D 376 -30.43 2.72 -26.77
N PHE D 377 -30.47 1.42 -27.08
CA PHE D 377 -30.75 0.94 -28.43
C PHE D 377 -31.82 -0.16 -28.39
N THR D 378 -32.93 0.14 -27.71
CA THR D 378 -33.99 -0.86 -27.52
C THR D 378 -34.64 -1.29 -28.83
N ASP D 379 -34.64 -0.45 -29.86
CA ASP D 379 -35.29 -0.78 -31.11
C ASP D 379 -34.29 -0.63 -32.26
N GLY D 380 -34.44 -1.49 -33.27
CA GLY D 380 -33.57 -1.49 -34.42
C GLY D 380 -32.36 -2.38 -34.22
N VAL D 381 -31.77 -2.77 -35.34
CA VAL D 381 -30.60 -3.64 -35.32
C VAL D 381 -29.35 -2.83 -35.02
N CYS D 382 -28.47 -3.38 -34.19
CA CYS D 382 -27.22 -2.75 -33.82
C CYS D 382 -26.08 -3.42 -34.56
N LEU D 383 -24.98 -2.70 -34.75
CA LEU D 383 -23.81 -3.22 -35.43
C LEU D 383 -22.60 -3.03 -34.52
N PHE D 384 -21.93 -4.13 -34.20
CA PHE D 384 -20.68 -4.12 -33.44
C PHE D 384 -19.62 -4.86 -34.26
N TRP D 385 -18.95 -4.15 -35.17
CA TRP D 385 -17.92 -4.77 -35.98
C TRP D 385 -16.55 -4.43 -35.38
N ASN D 386 -15.86 -5.45 -34.89
CA ASN D 386 -14.56 -5.33 -34.22
C ASN D 386 -14.61 -4.35 -33.06
N CYS D 387 -15.72 -4.35 -32.32
CA CYS D 387 -15.88 -3.54 -31.12
C CYS D 387 -15.87 -4.47 -29.90
N ASN D 388 -15.07 -4.12 -28.90
CA ASN D 388 -14.89 -4.97 -27.72
C ASN D 388 -15.64 -4.35 -26.55
N VAL D 389 -16.76 -4.96 -26.16
CA VAL D 389 -17.56 -4.51 -25.03
C VAL D 389 -17.72 -5.66 -24.04
N ASP D 390 -18.26 -5.34 -22.86
CA ASP D 390 -18.49 -6.36 -21.85
C ASP D 390 -19.60 -7.32 -22.25
N ARG D 391 -20.67 -6.81 -22.83
CA ARG D 391 -21.79 -7.65 -23.26
C ARG D 391 -22.58 -6.91 -24.34
N TYR D 392 -23.05 -7.68 -25.33
CA TYR D 392 -23.80 -7.19 -26.47
C TYR D 392 -25.30 -7.38 -26.25
N PRO D 393 -26.14 -6.48 -26.74
CA PRO D 393 -27.59 -6.68 -26.62
C PRO D 393 -28.10 -7.72 -27.59
N ALA D 394 -29.38 -8.06 -27.43
CA ALA D 394 -29.96 -9.21 -28.12
C ALA D 394 -30.25 -8.97 -29.59
N ASN D 395 -30.12 -7.74 -30.07
CA ASN D 395 -30.48 -7.39 -31.44
C ASN D 395 -29.28 -6.96 -32.28
N SER D 396 -28.09 -7.47 -31.97
CA SER D 396 -26.87 -6.98 -32.59
C SER D 396 -26.38 -7.90 -33.70
N ILE D 397 -25.49 -7.36 -34.53
CA ILE D 397 -24.67 -8.11 -35.46
C ILE D 397 -23.21 -7.83 -35.11
N VAL D 398 -22.50 -8.85 -34.65
CA VAL D 398 -21.21 -8.67 -33.98
C VAL D 398 -20.13 -9.43 -34.74
N CYS D 399 -19.00 -8.78 -34.96
CA CYS D 399 -17.76 -9.42 -35.35
C CYS D 399 -16.76 -9.22 -34.22
N ARG D 400 -16.21 -10.31 -33.70
CA ARG D 400 -15.29 -10.24 -32.57
C ARG D 400 -14.06 -11.09 -32.88
N PHE D 401 -12.88 -10.57 -32.54
CA PHE D 401 -11.65 -11.32 -32.78
C PHE D 401 -11.33 -12.21 -31.60
N ASP D 402 -11.03 -13.49 -31.89
CA ASP D 402 -10.69 -14.46 -30.86
C ASP D 402 -9.20 -14.33 -30.56
N THR D 403 -8.87 -13.84 -29.37
CA THR D 403 -7.47 -13.69 -28.97
C THR D 403 -6.81 -15.02 -28.64
N ARG D 404 -7.58 -16.09 -28.50
CA ARG D 404 -7.02 -17.42 -28.26
C ARG D 404 -6.48 -18.07 -29.53
N VAL D 405 -6.69 -17.44 -30.68
CA VAL D 405 -6.16 -17.96 -31.95
C VAL D 405 -4.86 -17.20 -32.20
N LEU D 406 -3.74 -17.90 -31.98
CA LEU D 406 -2.44 -17.31 -32.27
C LEU D 406 -1.98 -17.67 -33.68
N SER D 407 -1.35 -16.71 -34.35
CA SER D 407 -0.87 -16.91 -35.71
C SER D 407 0.29 -15.94 -35.94
N ASN D 408 0.68 -15.78 -37.21
CA ASN D 408 1.72 -14.81 -37.53
C ASN D 408 1.24 -13.38 -37.32
N LEU D 409 -0.06 -13.14 -37.48
CA LEU D 409 -0.63 -11.83 -37.25
C LEU D 409 -1.00 -11.59 -35.79
N ASN D 410 -1.25 -12.66 -35.03
CA ASN D 410 -1.75 -12.55 -33.66
C ASN D 410 -0.66 -13.06 -32.71
N LEU D 411 0.13 -12.13 -32.20
CA LEU D 411 1.17 -12.42 -31.22
C LEU D 411 0.56 -12.46 -29.81
N PRO D 412 1.20 -13.17 -28.88
CA PRO D 412 0.73 -13.12 -27.49
C PRO D 412 0.82 -11.73 -26.90
N GLY D 413 -0.13 -11.41 -26.01
CA GLY D 413 -0.23 -10.11 -25.41
C GLY D 413 -0.13 -10.14 -23.90
N CYS D 414 -0.68 -9.10 -23.27
CA CYS D 414 -0.64 -8.95 -21.82
C CYS D 414 -1.98 -9.28 -21.20
N ASP D 415 -1.93 -9.98 -20.07
CA ASP D 415 -3.10 -10.29 -19.24
C ASP D 415 -4.16 -11.05 -20.02
N GLY D 416 -3.71 -11.98 -20.87
CA GLY D 416 -4.61 -12.79 -21.66
C GLY D 416 -5.03 -12.18 -22.99
N GLY D 417 -4.67 -10.94 -23.26
CA GLY D 417 -4.96 -10.33 -24.54
C GLY D 417 -4.00 -10.80 -25.61
N SER D 418 -4.11 -10.17 -26.78
CA SER D 418 -3.20 -10.51 -27.86
C SER D 418 -2.89 -9.26 -28.67
N LEU D 419 -1.73 -9.26 -29.31
CA LEU D 419 -1.30 -8.17 -30.18
C LEU D 419 -1.54 -8.60 -31.62
N TYR D 420 -2.59 -8.06 -32.22
CA TYR D 420 -2.92 -8.34 -33.61
C TYR D 420 -2.20 -7.32 -34.49
N VAL D 421 -1.28 -7.79 -35.33
CA VAL D 421 -0.50 -6.91 -36.19
C VAL D 421 -0.82 -7.22 -37.65
N ASN D 422 -1.76 -6.48 -38.23
CA ASN D 422 -2.07 -6.62 -39.64
C ASN D 422 -1.42 -5.52 -40.47
N LYS D 423 -1.79 -4.26 -40.20
CA LYS D 423 -1.17 -3.11 -40.83
C LYS D 423 -0.73 -2.17 -39.71
N HIS D 424 -1.41 -2.25 -38.58
CA HIS D 424 -1.02 -1.59 -37.35
C HIS D 424 -1.06 -2.60 -36.22
N ALA D 425 -0.74 -2.15 -35.02
CA ALA D 425 -0.72 -3.03 -33.85
C ALA D 425 -1.93 -2.72 -32.97
N PHE D 426 -2.86 -3.67 -32.87
CA PHE D 426 -4.05 -3.54 -32.03
C PHE D 426 -3.91 -4.51 -30.87
N HIS D 427 -3.94 -4.01 -29.65
CA HIS D 427 -3.97 -4.89 -28.49
C HIS D 427 -5.41 -5.18 -28.11
N THR D 428 -5.79 -6.45 -28.16
CA THR D 428 -7.17 -6.86 -27.94
C THR D 428 -7.27 -7.57 -26.59
N PRO D 429 -8.22 -7.18 -25.74
CA PRO D 429 -8.38 -7.87 -24.45
C PRO D 429 -8.87 -9.29 -24.64
N ALA D 430 -8.76 -10.08 -23.56
CA ALA D 430 -9.02 -11.51 -23.63
C ALA D 430 -10.46 -11.80 -24.05
N PHE D 431 -10.61 -12.85 -24.85
CA PHE D 431 -11.92 -13.27 -25.34
C PHE D 431 -12.74 -13.85 -24.20
N ASP D 432 -14.02 -13.50 -24.15
CA ASP D 432 -14.96 -14.05 -23.18
C ASP D 432 -16.24 -14.43 -23.91
N LYS D 433 -16.64 -15.70 -23.79
CA LYS D 433 -17.86 -16.15 -24.43
C LYS D 433 -19.11 -15.68 -23.71
N SER D 434 -18.98 -15.25 -22.45
CA SER D 434 -20.12 -14.75 -21.68
C SER D 434 -20.69 -13.46 -22.27
N ALA D 435 -19.94 -12.79 -23.14
CA ALA D 435 -20.46 -11.62 -23.83
C ALA D 435 -21.43 -11.97 -24.95
N PHE D 436 -21.58 -13.25 -25.28
CA PHE D 436 -22.47 -13.67 -26.36
C PHE D 436 -23.66 -14.47 -25.87
N VAL D 437 -24.13 -14.23 -24.65
CA VAL D 437 -25.27 -14.99 -24.12
C VAL D 437 -26.57 -14.60 -24.81
N ASN D 438 -26.64 -13.42 -25.39
CA ASN D 438 -27.85 -12.91 -26.02
C ASN D 438 -27.88 -13.11 -27.52
N LEU D 439 -26.89 -13.81 -28.09
CA LEU D 439 -26.75 -13.92 -29.53
C LEU D 439 -26.51 -15.38 -29.89
N LYS D 440 -26.43 -15.64 -31.20
CA LYS D 440 -26.12 -16.97 -31.71
C LYS D 440 -25.12 -16.83 -32.86
N GLN D 441 -24.44 -17.93 -33.14
CA GLN D 441 -23.41 -17.92 -34.18
C GLN D 441 -24.05 -17.76 -35.56
N LEU D 442 -23.46 -16.89 -36.37
CA LEU D 442 -24.01 -16.59 -37.68
C LEU D 442 -23.75 -17.74 -38.65
N PRO D 443 -24.75 -18.18 -39.41
CA PRO D 443 -24.53 -19.21 -40.43
C PRO D 443 -23.89 -18.64 -41.68
N PHE D 444 -23.38 -19.55 -42.51
CA PHE D 444 -22.81 -19.16 -43.79
C PHE D 444 -23.87 -19.16 -44.87
N PHE D 445 -23.87 -18.12 -45.69
CA PHE D 445 -24.81 -17.99 -46.80
C PHE D 445 -24.27 -16.96 -47.77
N TYR D 446 -24.62 -17.12 -49.04
CA TYR D 446 -24.27 -16.18 -50.10
C TYR D 446 -25.54 -15.58 -50.67
N TYR D 447 -25.52 -14.27 -50.92
CA TYR D 447 -26.69 -13.55 -51.42
C TYR D 447 -26.26 -12.54 -52.48
N SER D 448 -27.05 -12.46 -53.55
CA SER D 448 -26.81 -11.50 -54.63
C SER D 448 -28.09 -11.32 -55.42
N ASP D 449 -28.25 -10.10 -55.95
CA ASP D 449 -29.40 -9.76 -56.78
C ASP D 449 -29.00 -9.33 -58.19
N SER D 450 -27.73 -9.48 -58.55
CA SER D 450 -27.26 -9.00 -59.84
C SER D 450 -27.75 -9.92 -60.96
N PRO D 451 -28.06 -9.38 -62.14
CA PRO D 451 -28.37 -10.22 -63.30
C PRO D 451 -27.16 -11.04 -63.73
N CYS D 452 -27.43 -12.22 -64.26
CA CYS D 452 -26.37 -13.17 -64.56
C CYS D 452 -26.57 -13.77 -65.94
N GLU D 453 -25.46 -14.17 -66.55
CA GLU D 453 -25.47 -14.88 -67.82
C GLU D 453 -24.34 -15.91 -67.79
N SER D 454 -24.67 -17.13 -68.21
CA SER D 454 -23.70 -18.23 -68.20
C SER D 454 -22.64 -18.01 -69.28
N TYR D 465 -15.59 -28.58 -61.83
CA TYR D 465 -16.34 -28.15 -63.01
C TYR D 465 -17.82 -28.51 -62.84
N VAL D 466 -18.13 -29.22 -61.77
CA VAL D 466 -19.52 -29.58 -61.47
C VAL D 466 -20.29 -28.32 -61.13
N PRO D 467 -21.51 -28.13 -61.66
CA PRO D 467 -22.29 -26.94 -61.29
C PRO D 467 -22.65 -26.95 -59.82
N LEU D 468 -22.92 -25.74 -59.29
CA LEU D 468 -23.16 -25.56 -57.87
C LEU D 468 -24.45 -26.26 -57.45
N LYS D 469 -24.36 -27.05 -56.37
CA LYS D 469 -25.51 -27.72 -55.77
C LYS D 469 -25.41 -27.48 -54.26
N SER D 470 -25.98 -26.37 -53.79
CA SER D 470 -25.94 -26.03 -52.38
C SER D 470 -27.19 -25.24 -52.01
N ALA D 471 -27.69 -25.49 -50.80
CA ALA D 471 -28.87 -24.80 -50.31
C ALA D 471 -28.56 -23.46 -49.67
N THR D 472 -27.29 -23.08 -49.61
CA THR D 472 -26.87 -21.84 -48.98
C THR D 472 -26.72 -20.69 -49.97
N CYS D 473 -26.99 -20.92 -51.26
CA CYS D 473 -26.88 -19.89 -52.29
C CYS D 473 -28.26 -19.26 -52.49
N ILE D 474 -28.52 -18.18 -51.76
CA ILE D 474 -29.81 -17.51 -51.76
C ILE D 474 -29.81 -16.52 -52.92
N THR D 475 -30.16 -17.00 -54.11
CA THR D 475 -30.22 -16.14 -55.29
C THR D 475 -31.51 -16.42 -56.03
N ARG D 476 -32.00 -15.41 -56.74
CA ARG D 476 -33.15 -15.61 -57.61
C ARG D 476 -32.85 -16.51 -58.78
N CYS D 477 -31.56 -16.66 -59.14
CA CYS D 477 -31.18 -17.65 -60.14
C CYS D 477 -31.39 -19.06 -59.59
N ASN D 478 -31.16 -19.25 -58.30
CA ASN D 478 -31.28 -20.55 -57.65
C ASN D 478 -32.72 -20.98 -57.44
N LEU D 479 -33.69 -20.09 -57.66
CA LEU D 479 -35.10 -20.49 -57.54
C LEU D 479 -35.47 -21.54 -58.57
N GLY D 480 -34.81 -21.55 -59.72
CA GLY D 480 -35.00 -22.58 -60.71
C GLY D 480 -34.21 -23.83 -60.39
N GLY D 481 -34.20 -24.75 -61.37
CA GLY D 481 -33.51 -26.01 -61.20
C GLY D 481 -32.00 -25.96 -61.41
N ALA D 482 -31.47 -24.81 -61.79
CA ALA D 482 -30.04 -24.67 -62.04
C ALA D 482 -29.59 -23.26 -61.71
N VAL D 483 -28.28 -23.10 -61.56
CA VAL D 483 -27.66 -21.81 -61.26
C VAL D 483 -26.57 -21.54 -62.29
N CYS D 484 -26.46 -20.29 -62.71
CA CYS D 484 -25.52 -19.93 -63.76
C CYS D 484 -24.08 -19.98 -63.26
N ARG D 485 -23.13 -19.93 -64.21
CA ARG D 485 -21.72 -20.04 -63.88
C ARG D 485 -21.18 -18.81 -63.16
N HIS D 486 -21.76 -17.63 -63.40
CA HIS D 486 -21.32 -16.41 -62.74
C HIS D 486 -21.49 -16.52 -61.22
N HIS D 487 -22.70 -16.87 -60.79
CA HIS D 487 -22.91 -17.09 -59.36
C HIS D 487 -22.19 -18.34 -58.88
N ALA D 488 -21.98 -19.33 -59.76
CA ALA D 488 -21.23 -20.52 -59.37
C ALA D 488 -19.78 -20.20 -59.04
N ASN D 489 -19.22 -19.15 -59.64
CA ASN D 489 -17.87 -18.70 -59.29
C ASN D 489 -17.89 -17.71 -58.13
N GLU D 490 -18.87 -16.82 -58.09
CA GLU D 490 -18.92 -15.82 -57.03
C GLU D 490 -19.23 -16.45 -55.68
N TYR D 491 -20.04 -17.51 -55.65
CA TYR D 491 -20.30 -18.22 -54.41
C TYR D 491 -19.04 -18.88 -53.88
N ARG D 492 -18.23 -19.46 -54.77
CA ARG D 492 -16.96 -20.04 -54.34
C ARG D 492 -16.00 -18.97 -53.84
N LEU D 493 -15.98 -17.81 -54.48
CA LEU D 493 -15.16 -16.71 -54.01
C LEU D 493 -15.59 -16.26 -52.61
N TYR D 494 -16.90 -16.12 -52.38
CA TYR D 494 -17.35 -15.71 -51.06
C TYR D 494 -17.16 -16.80 -50.03
N LEU D 495 -17.24 -18.08 -50.43
CA LEU D 495 -16.95 -19.17 -49.52
C LEU D 495 -15.49 -19.13 -49.07
N ASP D 496 -14.58 -18.90 -50.00
CA ASP D 496 -13.18 -18.77 -49.65
C ASP D 496 -12.94 -17.56 -48.75
N ALA D 497 -13.63 -16.44 -49.03
CA ALA D 497 -13.48 -15.25 -48.20
C ALA D 497 -13.97 -15.49 -46.77
N TYR D 498 -15.13 -16.14 -46.63
CA TYR D 498 -15.67 -16.45 -45.32
C TYR D 498 -14.77 -17.43 -44.56
N ASN D 499 -14.25 -18.44 -45.27
CA ASN D 499 -13.33 -19.39 -44.65
C ASN D 499 -12.06 -18.71 -44.18
N MET D 500 -11.50 -17.81 -44.99
CA MET D 500 -10.30 -17.08 -44.59
C MET D 500 -10.56 -16.20 -43.38
N MET D 501 -11.72 -15.54 -43.36
CA MET D 501 -12.04 -14.65 -42.25
C MET D 501 -12.23 -15.42 -40.95
N ILE D 502 -12.90 -16.57 -41.00
CA ILE D 502 -13.09 -17.33 -39.77
C ILE D 502 -11.82 -18.07 -39.37
N SER D 503 -10.94 -18.37 -40.33
CA SER D 503 -9.68 -19.02 -39.99
C SER D 503 -8.68 -18.03 -39.40
N ALA D 504 -8.78 -16.75 -39.75
CA ALA D 504 -7.92 -15.73 -39.16
C ALA D 504 -8.20 -15.51 -37.69
N GLY D 505 -9.36 -15.93 -37.18
CA GLY D 505 -9.71 -15.76 -35.79
C GLY D 505 -10.93 -14.91 -35.55
N PHE D 506 -11.78 -14.66 -36.54
CA PHE D 506 -12.95 -13.82 -36.36
C PHE D 506 -14.20 -14.66 -36.16
N SER D 507 -15.01 -14.28 -35.18
CA SER D 507 -16.26 -14.95 -34.87
C SER D 507 -17.41 -14.00 -35.13
N LEU D 508 -18.43 -14.49 -35.83
CA LEU D 508 -19.58 -13.70 -36.25
C LEU D 508 -20.81 -14.17 -35.48
N TRP D 509 -21.54 -13.21 -34.90
CA TRP D 509 -22.71 -13.50 -34.09
C TRP D 509 -23.87 -12.64 -34.55
N VAL D 510 -25.06 -13.23 -34.55
CA VAL D 510 -26.28 -12.56 -35.02
C VAL D 510 -27.38 -12.82 -34.01
N TYR D 511 -28.42 -12.00 -34.08
CA TYR D 511 -29.57 -12.16 -33.20
C TYR D 511 -30.27 -13.49 -33.48
N LYS D 512 -30.89 -14.05 -32.43
CA LYS D 512 -31.44 -15.39 -32.50
C LYS D 512 -32.63 -15.51 -33.45
N GLN D 513 -33.26 -14.39 -33.81
CA GLN D 513 -34.41 -14.44 -34.71
C GLN D 513 -34.01 -14.50 -36.17
N PHE D 514 -32.72 -14.42 -36.47
CA PHE D 514 -32.25 -14.41 -37.85
C PHE D 514 -32.49 -15.77 -38.51
N ASP D 515 -32.95 -15.74 -39.76
CA ASP D 515 -33.06 -16.97 -40.55
C ASP D 515 -33.03 -16.61 -42.03
N THR D 516 -32.75 -17.62 -42.86
CA THR D 516 -32.58 -17.42 -44.29
C THR D 516 -33.90 -17.33 -45.06
N TYR D 517 -35.00 -17.78 -44.47
CA TYR D 517 -36.26 -17.91 -45.22
C TYR D 517 -36.75 -16.55 -45.69
N ASN D 518 -36.65 -15.53 -44.83
CA ASN D 518 -37.04 -14.18 -45.23
C ASN D 518 -36.24 -13.69 -46.43
N LEU D 519 -34.97 -14.08 -46.53
CA LEU D 519 -34.18 -13.73 -47.70
C LEU D 519 -34.74 -14.39 -48.96
N TRP D 520 -35.26 -15.62 -48.84
CA TRP D 520 -35.92 -16.26 -49.97
C TRP D 520 -37.18 -15.51 -50.36
N ASN D 521 -37.74 -14.71 -49.44
CA ASN D 521 -38.88 -13.87 -49.78
C ASN D 521 -38.48 -12.51 -50.33
N THR D 522 -37.19 -12.21 -50.49
CA THR D 522 -36.79 -10.92 -51.04
C THR D 522 -36.89 -10.88 -52.56
N PHE D 523 -37.16 -12.01 -53.20
CA PHE D 523 -37.26 -12.04 -54.66
C PHE D 523 -38.71 -11.97 -55.10
N ALA G 1 11.83 -22.71 21.34
CA ALA G 1 11.33 -21.59 22.12
C ALA G 1 10.03 -21.95 22.82
N GLY G 2 9.85 -21.46 24.04
CA GLY G 2 8.64 -21.70 24.80
C GLY G 2 8.75 -22.93 25.67
N ASN G 3 7.83 -23.01 26.63
CA ASN G 3 7.79 -24.08 27.61
C ASN G 3 6.55 -24.93 27.39
N ALA G 4 6.75 -26.25 27.30
CA ALA G 4 5.63 -27.16 27.05
C ALA G 4 4.70 -27.22 28.25
N THR G 5 3.42 -27.43 27.97
CA THR G 5 2.37 -27.43 28.99
C THR G 5 1.71 -28.80 29.13
N GLU G 6 1.55 -29.54 28.04
CA GLU G 6 0.70 -30.72 28.03
C GLU G 6 1.52 -31.97 27.69
N VAL G 7 0.95 -33.12 28.03
CA VAL G 7 1.55 -34.43 27.75
C VAL G 7 0.88 -35.02 26.52
N PRO G 8 1.53 -35.94 25.80
CA PRO G 8 0.90 -36.51 24.59
C PRO G 8 -0.41 -37.25 24.84
N ALA G 9 -0.59 -37.81 26.03
CA ALA G 9 -1.78 -38.61 26.31
C ALA G 9 -3.05 -37.77 26.34
N ASN G 10 -2.94 -36.45 26.35
CA ASN G 10 -4.09 -35.57 26.27
C ASN G 10 -4.28 -34.95 24.89
N SER G 11 -3.51 -35.39 23.89
CA SER G 11 -3.53 -34.71 22.59
C SER G 11 -4.88 -34.83 21.90
N THR G 12 -5.53 -35.99 22.02
CA THR G 12 -6.79 -36.22 21.31
C THR G 12 -7.93 -35.45 21.96
N VAL G 13 -8.18 -35.69 23.25
CA VAL G 13 -9.36 -35.14 23.91
C VAL G 13 -9.30 -33.62 23.98
N LEU G 14 -8.10 -33.06 24.04
CA LEU G 14 -7.98 -31.60 24.06
C LEU G 14 -8.12 -31.02 22.66
N SER G 15 -7.79 -31.79 21.62
CA SER G 15 -8.00 -31.31 20.27
C SER G 15 -9.47 -31.42 19.89
N PHE G 16 -10.13 -32.50 20.32
CA PHE G 16 -11.55 -32.69 20.09
C PHE G 16 -12.37 -31.58 20.74
N CYS G 17 -12.20 -31.39 22.05
CA CYS G 17 -13.07 -30.47 22.79
C CYS G 17 -12.78 -29.02 22.48
N ALA G 18 -11.61 -28.73 21.92
CA ALA G 18 -11.32 -27.36 21.49
C ALA G 18 -11.97 -27.01 20.16
N PHE G 19 -12.52 -28.00 19.44
CA PHE G 19 -13.20 -27.73 18.18
C PHE G 19 -14.71 -27.83 18.28
N ALA G 20 -15.24 -28.38 19.37
CA ALA G 20 -16.66 -28.64 19.47
C ALA G 20 -17.45 -27.37 19.75
N VAL G 21 -18.72 -27.37 19.31
CA VAL G 21 -19.63 -26.29 19.68
C VAL G 21 -19.98 -26.36 21.15
N ASP G 22 -20.16 -27.57 21.69
CA ASP G 22 -20.52 -27.79 23.10
C ASP G 22 -19.44 -28.71 23.67
N ALA G 23 -18.48 -28.11 24.38
CA ALA G 23 -17.31 -28.87 24.82
C ALA G 23 -17.65 -29.80 25.98
N ALA G 24 -18.63 -29.44 26.81
CA ALA G 24 -19.02 -30.33 27.91
C ALA G 24 -19.69 -31.59 27.39
N LYS G 25 -20.62 -31.42 26.44
CA LYS G 25 -21.26 -32.58 25.80
C LYS G 25 -20.23 -33.41 25.05
N ALA G 26 -19.28 -32.75 24.39
CA ALA G 26 -18.23 -33.45 23.66
C ALA G 26 -17.36 -34.28 24.61
N TYR G 27 -16.99 -33.72 25.76
CA TYR G 27 -16.17 -34.45 26.72
C TYR G 27 -16.94 -35.62 27.33
N LYS G 28 -18.23 -35.42 27.62
CA LYS G 28 -19.05 -36.51 28.14
C LYS G 28 -19.17 -37.64 27.12
N ASP G 29 -19.35 -37.29 25.84
CA ASP G 29 -19.47 -38.30 24.79
C ASP G 29 -18.14 -39.01 24.54
N TYR G 30 -17.04 -38.28 24.65
CA TYR G 30 -15.72 -38.89 24.52
C TYR G 30 -15.48 -39.91 25.64
N LEU G 31 -15.87 -39.55 26.87
CA LEU G 31 -15.74 -40.49 27.98
C LEU G 31 -16.66 -41.69 27.81
N ALA G 32 -17.87 -41.47 27.30
CA ALA G 32 -18.83 -42.55 27.16
C ALA G 32 -18.38 -43.62 26.18
N SER G 33 -17.57 -43.23 25.19
CA SER G 33 -17.09 -44.16 24.18
C SER G 33 -15.80 -44.85 24.57
N GLY G 34 -15.49 -44.94 25.86
CA GLY G 34 -14.27 -45.58 26.30
C GLY G 34 -13.04 -44.70 26.29
N GLY G 35 -13.19 -43.41 26.06
CA GLY G 35 -12.05 -42.51 26.09
C GLY G 35 -11.53 -42.29 27.49
N GLN G 36 -10.27 -41.87 27.56
CA GLN G 36 -9.69 -41.78 28.90
C GLN G 36 -9.76 -40.34 29.41
N PRO G 37 -9.93 -40.18 30.72
CA PRO G 37 -10.08 -38.83 31.29
C PRO G 37 -8.87 -37.94 31.10
N ILE G 38 -9.08 -36.63 31.20
CA ILE G 38 -7.98 -35.68 31.11
C ILE G 38 -7.08 -35.83 32.31
N THR G 39 -5.80 -36.07 32.06
CA THR G 39 -4.80 -36.28 33.09
C THR G 39 -3.97 -35.02 33.26
N ASN G 40 -2.88 -35.13 34.03
CA ASN G 40 -1.89 -34.06 34.24
C ASN G 40 -2.51 -32.87 34.99
N CYS G 41 -3.30 -33.14 36.00
CA CYS G 41 -3.86 -32.07 36.83
C CYS G 41 -2.89 -31.73 37.95
N VAL G 42 -3.20 -30.65 38.67
CA VAL G 42 -2.32 -30.13 39.71
C VAL G 42 -2.88 -30.53 41.07
N LYS G 43 -2.35 -31.60 41.65
CA LYS G 43 -2.83 -32.12 42.93
C LYS G 43 -1.95 -31.59 44.04
N MET G 44 -2.56 -31.28 45.18
CA MET G 44 -1.85 -30.67 46.29
C MET G 44 -1.45 -31.71 47.33
N LEU G 45 -0.30 -31.48 47.95
CA LEU G 45 0.11 -32.22 49.13
C LEU G 45 -0.37 -31.45 50.36
N CYS G 46 -1.37 -32.01 51.06
CA CYS G 46 -2.00 -31.31 52.16
C CYS G 46 -2.20 -32.28 53.31
N THR G 47 -2.61 -31.72 54.45
CA THR G 47 -2.78 -32.50 55.67
C THR G 47 -4.11 -33.23 55.73
N HIS G 48 -5.02 -32.95 54.80
CA HIS G 48 -6.35 -33.57 54.75
C HIS G 48 -7.14 -33.38 56.05
N THR G 49 -7.00 -32.22 56.68
CA THR G 49 -7.75 -31.88 57.87
C THR G 49 -8.63 -30.64 57.66
N GLY G 50 -8.91 -30.28 56.41
CA GLY G 50 -9.64 -29.07 56.13
C GLY G 50 -11.13 -29.21 56.33
N THR G 51 -11.84 -28.10 56.09
CA THR G 51 -13.28 -28.05 56.28
C THR G 51 -14.03 -28.86 55.22
N GLY G 52 -13.40 -29.15 54.09
CA GLY G 52 -14.03 -29.94 53.07
C GLY G 52 -14.95 -29.19 52.13
N GLN G 53 -14.86 -27.86 52.09
CA GLN G 53 -15.69 -27.10 51.18
C GLN G 53 -15.23 -27.30 49.74
N ALA G 54 -16.15 -27.07 48.80
CA ALA G 54 -15.90 -27.40 47.40
C ALA G 54 -14.82 -26.51 46.79
N ILE G 55 -14.95 -25.20 46.95
CA ILE G 55 -14.04 -24.23 46.35
C ILE G 55 -13.55 -23.28 47.43
N THR G 56 -12.24 -23.22 47.61
CA THR G 56 -11.64 -22.38 48.64
C THR G 56 -10.42 -21.66 48.07
N VAL G 57 -9.88 -20.73 48.86
CA VAL G 57 -8.64 -20.06 48.51
C VAL G 57 -7.41 -20.79 49.04
N THR G 58 -7.60 -21.75 49.92
CA THR G 58 -6.54 -22.57 50.49
C THR G 58 -6.95 -24.02 50.37
N PRO G 59 -5.97 -24.94 50.32
CA PRO G 59 -6.33 -26.36 50.21
C PRO G 59 -6.95 -26.87 51.51
N GLU G 60 -8.26 -27.09 51.47
CA GLU G 60 -9.08 -27.43 52.63
C GLU G 60 -9.66 -28.83 52.51
N ALA G 61 -8.86 -29.79 52.07
CA ALA G 61 -9.37 -31.12 51.76
C ALA G 61 -9.75 -31.87 53.04
N ASN G 62 -10.91 -32.49 53.02
CA ASN G 62 -11.32 -33.43 54.05
C ASN G 62 -10.59 -34.76 53.82
N MET G 63 -10.66 -35.65 54.82
CA MET G 63 -10.02 -36.96 54.68
C MET G 63 -10.62 -37.79 53.55
N ASP G 64 -11.86 -37.49 53.15
CA ASP G 64 -12.50 -38.17 52.04
C ASP G 64 -12.34 -37.42 50.72
N GLN G 65 -11.52 -36.37 50.70
CA GLN G 65 -11.35 -35.53 49.52
C GLN G 65 -9.87 -35.33 49.21
N GLU G 66 -9.62 -34.88 47.99
CA GLU G 66 -8.30 -34.46 47.52
C GLU G 66 -8.41 -33.08 46.92
N SER G 67 -7.40 -32.25 47.13
CA SER G 67 -7.42 -30.87 46.69
C SER G 67 -6.61 -30.71 45.42
N PHE G 68 -7.17 -29.98 44.45
CA PHE G 68 -6.54 -29.71 43.17
C PHE G 68 -6.53 -28.21 42.92
N GLY G 69 -5.59 -27.77 42.08
CA GLY G 69 -5.63 -26.40 41.57
C GLY G 69 -6.82 -26.24 40.64
N GLY G 70 -7.49 -25.09 40.75
CA GLY G 70 -8.76 -24.90 40.05
C GLY G 70 -8.63 -24.87 38.54
N ALA G 71 -7.60 -24.20 38.02
CA ALA G 71 -7.45 -24.05 36.58
C ALA G 71 -7.21 -25.38 35.89
N SER G 72 -6.74 -26.38 36.63
CA SER G 72 -6.53 -27.72 36.09
C SER G 72 -7.78 -28.59 36.17
N CYS G 73 -8.84 -28.14 36.84
CA CYS G 73 -10.09 -28.87 36.91
C CYS G 73 -11.18 -28.24 36.07
N CYS G 74 -10.86 -27.26 35.24
CA CYS G 74 -11.82 -26.59 34.37
C CYS G 74 -11.53 -27.03 32.95
N LEU G 75 -12.54 -27.56 32.28
CA LEU G 75 -12.40 -27.98 30.89
C LEU G 75 -12.07 -26.80 29.99
N TYR G 76 -12.72 -25.67 30.22
CA TYR G 76 -12.54 -24.50 29.36
C TYR G 76 -11.16 -23.87 29.58
N CYS G 77 -10.63 -23.97 30.80
CA CYS G 77 -9.26 -23.56 31.03
C CYS G 77 -8.27 -24.57 30.48
N ARG G 78 -8.67 -25.83 30.41
CA ARG G 78 -7.83 -26.90 29.89
C ARG G 78 -7.75 -26.90 28.38
N CYS G 79 -8.83 -26.53 27.70
CA CYS G 79 -8.87 -26.46 26.24
C CYS G 79 -8.65 -25.05 25.71
N HIS G 80 -8.49 -24.07 26.60
CA HIS G 80 -8.23 -22.66 26.23
C HIS G 80 -9.32 -22.10 25.32
N ILE G 81 -10.57 -22.31 25.74
CA ILE G 81 -11.75 -21.89 25.00
C ILE G 81 -12.59 -20.98 25.88
N ASP G 82 -13.67 -20.45 25.31
CA ASP G 82 -14.54 -19.54 26.04
C ASP G 82 -15.33 -20.27 27.12
N HIS G 83 -15.47 -19.62 28.26
CA HIS G 83 -16.35 -20.14 29.30
C HIS G 83 -17.80 -19.83 28.95
N PRO G 84 -18.72 -20.76 29.24
CA PRO G 84 -20.14 -20.52 28.92
C PRO G 84 -20.83 -19.57 29.88
N ASN G 85 -20.12 -19.02 30.86
CA ASN G 85 -20.70 -18.04 31.76
C ASN G 85 -21.03 -16.76 30.99
N PRO G 86 -22.09 -16.03 31.41
CA PRO G 86 -22.42 -14.78 30.73
C PRO G 86 -21.31 -13.73 30.81
N LYS G 87 -20.56 -13.68 31.91
CA LYS G 87 -19.44 -12.75 32.01
C LYS G 87 -18.19 -13.27 31.32
N GLY G 88 -18.09 -14.58 31.12
CA GLY G 88 -16.93 -15.17 30.49
C GLY G 88 -15.77 -15.46 31.43
N PHE G 89 -15.98 -15.34 32.73
CA PHE G 89 -14.93 -15.56 33.71
C PHE G 89 -15.06 -16.95 34.33
N CYS G 90 -13.99 -17.38 34.99
CA CYS G 90 -13.91 -18.72 35.56
C CYS G 90 -14.16 -18.67 37.06
N ASP G 91 -14.97 -19.61 37.55
CA ASP G 91 -15.20 -19.72 38.99
C ASP G 91 -14.15 -20.60 39.66
N LEU G 92 -13.39 -21.37 38.87
CA LEU G 92 -12.41 -22.27 39.44
C LEU G 92 -11.00 -21.70 39.44
N LYS G 93 -10.66 -20.88 38.45
CA LYS G 93 -9.30 -20.38 38.34
C LYS G 93 -8.96 -19.46 39.51
N GLY G 94 -7.76 -19.62 40.04
CA GLY G 94 -7.34 -18.86 41.21
C GLY G 94 -7.79 -19.43 42.53
N LYS G 95 -8.39 -20.61 42.55
CA LYS G 95 -8.91 -21.23 43.76
C LYS G 95 -8.41 -22.66 43.86
N TYR G 96 -8.79 -23.32 44.96
CA TYR G 96 -8.56 -24.74 45.15
C TYR G 96 -9.90 -25.46 45.15
N VAL G 97 -9.95 -26.59 44.44
CA VAL G 97 -11.19 -27.36 44.28
C VAL G 97 -10.98 -28.71 44.93
N GLN G 98 -11.90 -29.11 45.79
CA GLN G 98 -11.83 -30.38 46.51
C GLN G 98 -12.73 -31.39 45.81
N ILE G 99 -12.13 -32.48 45.35
CA ILE G 99 -12.83 -33.55 44.62
C ILE G 99 -12.86 -34.77 45.52
N PRO G 100 -13.98 -35.48 45.62
CA PRO G 100 -14.01 -36.72 46.41
C PRO G 100 -13.01 -37.73 45.90
N THR G 101 -12.43 -38.49 46.84
CA THR G 101 -11.33 -39.39 46.48
C THR G 101 -11.80 -40.55 45.64
N THR G 102 -13.10 -40.85 45.65
CA THR G 102 -13.67 -41.83 44.74
C THR G 102 -13.78 -41.32 43.30
N CYS G 103 -13.98 -40.01 43.12
CA CYS G 103 -14.07 -39.40 41.81
C CYS G 103 -12.83 -38.60 41.46
N ALA G 104 -11.72 -38.80 42.18
CA ALA G 104 -10.52 -38.00 41.97
C ALA G 104 -9.75 -38.39 40.71
N ASN G 105 -10.10 -39.51 40.07
CA ASN G 105 -9.42 -39.90 38.85
C ASN G 105 -9.78 -39.03 37.65
N ASP G 106 -10.99 -38.47 37.64
CA ASP G 106 -11.42 -37.53 36.60
C ASP G 106 -11.99 -36.29 37.25
N PRO G 107 -11.14 -35.37 37.70
CA PRO G 107 -11.66 -34.14 38.31
C PRO G 107 -12.31 -33.19 37.32
N VAL G 108 -11.84 -33.18 36.07
CA VAL G 108 -12.42 -32.31 35.05
C VAL G 108 -13.88 -32.70 34.78
N GLY G 109 -14.15 -33.99 34.67
CA GLY G 109 -15.52 -34.43 34.49
C GLY G 109 -16.39 -34.16 35.72
N PHE G 110 -15.80 -34.32 36.90
CA PHE G 110 -16.55 -34.09 38.13
C PHE G 110 -16.99 -32.63 38.25
N THR G 111 -16.08 -31.70 37.93
CA THR G 111 -16.47 -30.29 38.01
C THR G 111 -17.48 -29.90 36.96
N LEU G 112 -17.59 -30.65 35.86
CA LEU G 112 -18.64 -30.39 34.88
C LEU G 112 -19.99 -30.96 35.32
N LYS G 113 -19.99 -32.17 35.86
CA LYS G 113 -21.25 -32.85 36.14
C LYS G 113 -21.92 -32.33 37.41
N ASN G 114 -21.14 -31.82 38.36
CA ASN G 114 -21.66 -31.48 39.68
C ASN G 114 -21.79 -29.96 39.86
N THR G 115 -22.33 -29.58 41.02
CA THR G 115 -22.55 -28.18 41.36
C THR G 115 -22.41 -28.00 42.86
N VAL G 116 -22.34 -26.73 43.29
CA VAL G 116 -22.05 -26.37 44.67
C VAL G 116 -23.31 -25.81 45.32
N CYS G 117 -23.65 -26.34 46.49
CA CYS G 117 -24.76 -25.79 47.27
C CYS G 117 -24.37 -24.42 47.82
N THR G 118 -25.29 -23.46 47.73
CA THR G 118 -24.96 -22.08 48.06
C THR G 118 -24.82 -21.87 49.56
N VAL G 119 -25.69 -22.49 50.35
CA VAL G 119 -25.75 -22.18 51.79
C VAL G 119 -24.65 -22.84 52.60
N CYS G 120 -23.93 -23.81 52.04
CA CYS G 120 -22.88 -24.49 52.80
C CYS G 120 -21.58 -24.56 52.02
N GLY G 121 -21.64 -24.38 50.71
CA GLY G 121 -20.44 -24.44 49.91
C GLY G 121 -19.92 -25.83 49.64
N MET G 122 -20.75 -26.86 49.81
CA MET G 122 -20.35 -28.22 49.56
C MET G 122 -20.86 -28.67 48.19
N TRP G 123 -20.22 -29.70 47.65
CA TRP G 123 -20.73 -30.35 46.44
C TRP G 123 -22.05 -31.04 46.78
N LYS G 124 -23.06 -30.83 45.93
CA LYS G 124 -24.36 -31.45 46.16
C LYS G 124 -24.28 -32.96 45.97
N GLY G 125 -24.73 -33.70 46.97
CA GLY G 125 -24.60 -35.14 46.98
C GLY G 125 -23.26 -35.65 47.48
N TYR G 126 -22.31 -34.76 47.76
CA TYR G 126 -20.98 -35.13 48.25
C TYR G 126 -20.64 -34.20 49.41
N GLY G 127 -21.01 -34.61 50.62
CA GLY G 127 -20.75 -33.83 51.81
C GLY G 127 -21.80 -32.80 52.15
N CYS G 128 -22.70 -32.51 51.21
CA CYS G 128 -23.78 -31.57 51.47
C CYS G 128 -24.89 -32.23 52.27
N SER G 129 -25.41 -31.49 53.25
CA SER G 129 -26.54 -31.99 54.05
C SER G 129 -27.40 -30.79 54.43
N CYS G 130 -28.43 -30.52 53.64
CA CYS G 130 -29.35 -29.43 53.93
C CYS G 130 -30.80 -29.86 53.79
N ASP G 131 -31.08 -31.13 53.54
CA ASP G 131 -32.44 -31.60 53.34
C ASP G 131 -32.67 -32.94 54.03
N GLU H 2 8.91 -38.02 31.56
CA GLU H 2 7.78 -38.16 30.67
C GLU H 2 7.88 -37.23 29.47
N ASN H 3 7.51 -37.72 28.30
CA ASN H 3 7.52 -36.92 27.08
C ASN H 3 6.45 -35.83 27.17
N VAL H 4 6.63 -34.79 26.33
CA VAL H 4 5.70 -33.67 26.26
C VAL H 4 5.32 -33.45 24.81
N THR H 5 4.25 -32.68 24.60
CA THR H 5 3.79 -32.34 23.27
C THR H 5 3.84 -30.83 23.07
N GLY H 6 3.93 -30.41 21.81
CA GLY H 6 3.97 -29.00 21.49
C GLY H 6 2.61 -28.32 21.46
N LEU H 7 1.53 -29.07 21.62
CA LEU H 7 0.20 -28.48 21.69
C LEU H 7 0.05 -27.70 22.99
N PHE H 8 -0.59 -26.53 22.91
CA PHE H 8 -0.84 -25.63 24.03
C PHE H 8 0.45 -25.19 24.71
N LYS H 9 1.53 -25.09 23.96
CA LYS H 9 2.82 -24.68 24.51
C LYS H 9 2.75 -23.22 24.97
N ASP H 10 3.42 -22.94 26.09
CA ASP H 10 3.46 -21.59 26.63
C ASP H 10 4.57 -20.83 25.94
N CYS H 11 4.21 -19.91 25.06
CA CYS H 11 5.17 -19.19 24.23
C CYS H 11 5.66 -17.89 24.87
N SER H 12 5.12 -17.51 26.02
CA SER H 12 5.49 -16.26 26.65
C SER H 12 6.94 -16.28 27.11
N LYS H 13 7.53 -15.09 27.18
CA LYS H 13 8.95 -14.94 27.48
C LYS H 13 9.24 -14.87 28.98
N VAL H 14 8.23 -14.99 29.82
CA VAL H 14 8.43 -14.98 31.27
C VAL H 14 9.20 -16.24 31.68
N ILE H 15 10.20 -16.04 32.54
CA ILE H 15 11.08 -17.15 32.89
C ILE H 15 10.43 -18.09 33.92
N THR H 16 9.57 -17.57 34.79
CA THR H 16 9.00 -18.37 35.86
C THR H 16 7.74 -19.10 35.40
N GLY H 17 7.28 -20.01 36.24
CA GLY H 17 6.03 -20.71 35.99
C GLY H 17 4.86 -19.99 36.63
N LEU H 18 3.75 -20.73 36.75
CA LEU H 18 2.51 -20.19 37.27
C LEU H 18 2.26 -20.65 38.69
N HIS H 19 1.33 -19.96 39.35
CA HIS H 19 0.86 -20.35 40.66
C HIS H 19 0.08 -21.66 40.54
N PRO H 20 0.09 -22.50 41.59
CA PRO H 20 -0.69 -23.75 41.53
C PRO H 20 -2.19 -23.55 41.36
N THR H 21 -2.73 -22.38 41.72
CA THR H 21 -4.14 -22.09 41.50
C THR H 21 -4.42 -21.58 40.09
N GLN H 22 -3.39 -21.25 39.33
CA GLN H 22 -3.56 -20.68 38.00
C GLN H 22 -2.95 -21.52 36.89
N ALA H 23 -2.06 -22.44 37.20
CA ALA H 23 -1.47 -23.30 36.19
C ALA H 23 -2.52 -24.27 35.64
N PRO H 24 -2.69 -24.35 34.33
CA PRO H 24 -3.68 -25.30 33.78
C PRO H 24 -3.24 -26.75 33.88
N THR H 25 -1.94 -27.03 33.93
CA THR H 25 -1.41 -28.38 34.03
C THR H 25 -0.32 -28.41 35.08
N HIS H 26 0.15 -29.62 35.40
CA HIS H 26 1.23 -29.78 36.35
C HIS H 26 2.58 -29.35 35.79
N LEU H 27 2.70 -29.24 34.47
CA LEU H 27 3.95 -28.75 33.89
C LEU H 27 4.05 -27.23 33.94
N SER H 28 2.90 -26.55 34.08
CA SER H 28 2.90 -25.09 34.05
C SER H 28 3.26 -24.47 35.39
N VAL H 29 3.05 -25.19 36.50
CA VAL H 29 3.29 -24.62 37.81
C VAL H 29 4.79 -24.44 38.04
N ASP H 30 5.16 -23.38 38.75
CA ASP H 30 6.56 -23.06 38.97
C ASP H 30 7.23 -24.08 39.88
N THR H 31 8.55 -24.18 39.77
CA THR H 31 9.35 -25.12 40.54
C THR H 31 9.44 -24.77 42.01
N LYS H 32 8.98 -23.59 42.43
CA LYS H 32 8.87 -23.30 43.85
C LYS H 32 7.91 -24.27 44.54
N PHE H 33 6.80 -24.59 43.89
CA PHE H 33 5.70 -25.31 44.51
C PHE H 33 5.79 -26.81 44.32
N LYS H 34 6.46 -27.28 43.27
CA LYS H 34 6.57 -28.70 43.01
C LYS H 34 7.36 -29.41 44.10
N THR H 35 6.83 -30.52 44.59
CA THR H 35 7.48 -31.28 45.66
C THR H 35 6.93 -32.70 45.65
N GLU H 36 7.83 -33.67 45.47
CA GLU H 36 7.50 -35.10 45.54
C GLU H 36 6.41 -35.49 44.56
N GLY H 37 6.43 -34.91 43.36
CA GLY H 37 5.41 -35.17 42.37
C GLY H 37 4.10 -34.48 42.61
N LEU H 38 4.00 -33.65 43.64
CA LEU H 38 2.79 -32.90 43.95
C LEU H 38 3.14 -31.42 44.08
N CYS H 39 2.20 -30.61 44.54
CA CYS H 39 2.40 -29.18 44.69
C CYS H 39 2.06 -28.74 46.10
N VAL H 40 2.66 -27.63 46.53
CA VAL H 40 2.51 -27.10 47.88
C VAL H 40 1.97 -25.68 47.78
N ASP H 41 1.04 -25.34 48.67
CA ASP H 41 0.54 -23.97 48.77
C ASP H 41 1.40 -23.23 49.80
N ILE H 42 2.33 -22.42 49.28
CA ILE H 42 3.18 -21.57 50.13
C ILE H 42 2.38 -20.34 50.51
N PRO H 43 2.20 -20.07 51.81
CA PRO H 43 1.27 -19.00 52.24
C PRO H 43 1.67 -17.60 51.78
N GLY H 44 2.97 -17.30 51.70
CA GLY H 44 3.39 -15.94 51.45
C GLY H 44 3.37 -15.49 50.00
N ILE H 45 3.45 -16.44 49.07
CA ILE H 45 3.61 -16.11 47.65
C ILE H 45 2.27 -15.66 47.07
N PRO H 46 2.18 -14.44 46.55
CA PRO H 46 0.94 -14.01 45.88
C PRO H 46 0.84 -14.59 44.48
N LYS H 47 -0.38 -14.55 43.94
CA LYS H 47 -0.59 -15.00 42.57
C LYS H 47 -0.59 -13.82 41.61
N ASP H 48 -0.04 -14.05 40.42
CA ASP H 48 0.05 -13.02 39.41
C ASP H 48 -1.34 -12.65 38.90
N MET H 49 -1.55 -11.36 38.65
CA MET H 49 -2.85 -10.88 38.21
C MET H 49 -2.80 -10.04 36.95
N THR H 50 -1.63 -9.95 36.29
CA THR H 50 -1.50 -9.20 35.06
C THR H 50 -0.77 -9.95 33.94
N TYR H 51 -0.60 -11.25 34.05
CA TYR H 51 0.18 -11.97 33.04
C TYR H 51 -0.64 -12.17 31.76
N ARG H 52 0.08 -12.25 30.64
CA ARG H 52 -0.51 -12.41 29.30
C ARG H 52 0.34 -13.46 28.58
N ARG H 53 -0.09 -14.72 28.65
CA ARG H 53 0.74 -15.83 28.17
C ARG H 53 0.16 -16.40 26.89
N LEU H 54 0.86 -16.18 25.77
CA LEU H 54 0.39 -16.68 24.49
C LEU H 54 0.45 -18.20 24.46
N ILE H 55 -0.60 -18.84 23.93
CA ILE H 55 -0.73 -20.28 23.90
C ILE H 55 -0.63 -20.75 22.45
N SER H 56 0.19 -21.78 22.22
CA SER H 56 0.43 -22.28 20.87
C SER H 56 -0.71 -23.21 20.44
N MET H 57 -1.31 -22.91 19.29
CA MET H 57 -2.38 -23.74 18.72
C MET H 57 -1.85 -24.70 17.68
N MET H 58 -0.59 -25.08 17.75
CA MET H 58 0.05 -25.95 16.77
C MET H 58 0.22 -27.35 17.37
N GLY H 59 -0.22 -28.36 16.64
CA GLY H 59 -0.10 -29.73 17.09
C GLY H 59 -1.40 -30.44 17.37
N PHE H 60 -2.51 -30.02 16.76
CA PHE H 60 -3.79 -30.70 16.97
C PHE H 60 -3.77 -32.09 16.36
N LYS H 61 -4.41 -33.04 17.04
CA LYS H 61 -4.58 -34.39 16.55
C LYS H 61 -6.07 -34.72 16.52
N MET H 62 -6.60 -34.90 15.31
CA MET H 62 -8.04 -35.11 15.11
C MET H 62 -8.37 -36.57 14.87
N ASN H 63 -7.70 -37.47 15.59
CA ASN H 63 -7.91 -38.91 15.46
C ASN H 63 -8.85 -39.46 16.52
N TYR H 64 -9.86 -38.68 16.92
CA TYR H 64 -10.85 -39.16 17.88
C TYR H 64 -11.78 -40.20 17.24
N GLN H 65 -12.44 -40.98 18.10
CA GLN H 65 -13.40 -41.99 17.65
C GLN H 65 -14.62 -41.93 18.58
N VAL H 66 -15.59 -41.11 18.22
CA VAL H 66 -16.81 -40.92 19.01
C VAL H 66 -17.99 -41.31 18.14
N ASN H 67 -19.03 -41.87 18.76
CA ASN H 67 -20.09 -42.54 18.01
C ASN H 67 -20.87 -41.57 17.13
N GLY H 68 -21.35 -40.48 17.70
CA GLY H 68 -22.18 -39.56 16.93
C GLY H 68 -21.45 -38.49 16.17
N TYR H 69 -20.14 -38.47 16.21
CA TYR H 69 -19.35 -37.38 15.66
C TYR H 69 -18.61 -37.83 14.43
N PRO H 70 -18.87 -37.23 13.27
CA PRO H 70 -18.17 -37.64 12.05
C PRO H 70 -16.71 -37.25 12.07
N ASN H 71 -15.90 -37.99 11.33
CA ASN H 71 -14.46 -37.76 11.29
C ASN H 71 -14.10 -36.76 10.20
N MET H 72 -13.17 -35.85 10.52
CA MET H 72 -12.80 -34.80 9.59
C MET H 72 -11.95 -35.34 8.44
N PHE H 73 -11.01 -36.22 8.74
CA PHE H 73 -10.09 -36.73 7.73
C PHE H 73 -10.68 -37.99 7.12
N ILE H 74 -11.06 -37.90 5.86
CA ILE H 74 -11.67 -39.00 5.12
C ILE H 74 -10.60 -39.68 4.26
N THR H 75 -10.92 -40.86 3.77
CA THR H 75 -10.01 -41.56 2.87
C THR H 75 -10.21 -41.06 1.44
N ARG H 76 -9.23 -41.37 0.58
CA ARG H 76 -9.28 -40.85 -0.78
C ARG H 76 -10.34 -41.57 -1.61
N GLU H 77 -10.68 -42.81 -1.27
CA GLU H 77 -11.77 -43.50 -1.95
C GLU H 77 -13.10 -42.78 -1.70
N GLU H 78 -13.27 -42.24 -0.50
CA GLU H 78 -14.43 -41.43 -0.15
C GLU H 78 -14.38 -40.02 -0.73
N ALA H 79 -13.18 -39.45 -0.85
CA ALA H 79 -13.05 -38.10 -1.42
C ALA H 79 -13.30 -38.11 -2.92
N ILE H 80 -13.01 -39.23 -3.59
CA ILE H 80 -13.29 -39.34 -5.01
C ILE H 80 -14.79 -39.24 -5.26
N ARG H 81 -15.59 -39.80 -4.36
CA ARG H 81 -17.05 -39.72 -4.46
C ARG H 81 -17.59 -38.33 -4.17
N HIS H 82 -16.78 -37.42 -3.60
CA HIS H 82 -17.21 -36.07 -3.28
C HIS H 82 -16.30 -35.03 -3.92
N VAL H 83 -15.62 -35.41 -5.01
CA VAL H 83 -14.82 -34.50 -5.82
C VAL H 83 -15.53 -33.19 -6.15
N ARG H 84 -16.86 -33.19 -6.24
CA ARG H 84 -17.56 -31.95 -6.51
C ARG H 84 -17.56 -31.00 -5.32
N ALA H 85 -17.18 -31.49 -4.14
CA ALA H 85 -17.06 -30.65 -2.95
C ALA H 85 -15.62 -30.22 -2.66
N TRP H 86 -14.67 -30.59 -3.51
CA TRP H 86 -13.27 -30.34 -3.22
C TRP H 86 -12.93 -28.87 -3.31
N ILE H 87 -12.32 -28.32 -2.26
CA ILE H 87 -11.81 -26.96 -2.23
C ILE H 87 -10.40 -27.01 -1.68
N GLY H 88 -9.42 -26.66 -2.49
CA GLY H 88 -8.06 -26.58 -2.00
C GLY H 88 -7.90 -25.45 -1.01
N PHE H 89 -6.98 -25.63 -0.06
CA PHE H 89 -6.82 -24.67 1.02
C PHE H 89 -5.35 -24.61 1.45
N ASP H 90 -4.80 -23.40 1.47
CA ASP H 90 -3.42 -23.17 1.87
C ASP H 90 -3.36 -21.91 2.72
N VAL H 91 -2.47 -21.93 3.73
CA VAL H 91 -2.32 -20.81 4.66
C VAL H 91 -0.87 -20.37 4.66
N GLU H 92 -0.65 -19.07 4.64
CA GLU H 92 0.65 -18.48 4.95
C GLU H 92 0.61 -17.94 6.37
N GLY H 93 1.80 -17.83 6.99
CA GLY H 93 1.86 -17.55 8.41
C GLY H 93 2.89 -16.48 8.74
N CYS H 94 2.80 -15.99 9.98
CA CYS H 94 3.74 -15.04 10.54
C CYS H 94 4.15 -15.51 11.92
N HIS H 95 5.34 -15.08 12.35
CA HIS H 95 5.94 -15.56 13.59
C HIS H 95 5.67 -14.57 14.72
N ALA H 96 5.24 -15.09 15.87
CA ALA H 96 5.06 -14.25 17.05
C ALA H 96 6.40 -13.76 17.55
N THR H 97 6.44 -12.50 18.01
CA THR H 97 7.71 -11.87 18.33
C THR H 97 7.55 -10.91 19.49
N ARG H 98 8.65 -10.73 20.23
CA ARG H 98 8.96 -9.64 21.16
C ARG H 98 8.08 -9.60 22.41
N GLU H 99 7.04 -10.42 22.47
CA GLU H 99 6.33 -10.65 23.72
C GLU H 99 6.12 -12.14 23.94
N ALA H 100 6.16 -12.90 22.86
CA ALA H 100 6.10 -14.35 22.88
C ALA H 100 6.83 -14.85 21.64
N VAL H 101 7.57 -15.95 21.81
CA VAL H 101 8.28 -16.58 20.71
C VAL H 101 7.99 -18.08 20.76
N GLY H 102 7.61 -18.65 19.62
CA GLY H 102 7.45 -20.09 19.55
C GLY H 102 6.18 -20.58 18.89
N THR H 103 5.41 -19.70 18.27
CA THR H 103 4.21 -20.12 17.57
C THR H 103 4.04 -19.28 16.32
N ASN H 104 3.22 -19.79 15.40
CA ASN H 104 2.93 -19.14 14.14
C ASN H 104 1.44 -18.84 14.04
N LEU H 105 1.10 -17.71 13.42
CA LEU H 105 -0.32 -17.29 13.33
C LEU H 105 -0.72 -17.17 11.85
N PRO H 106 -1.99 -17.45 11.49
CA PRO H 106 -2.43 -17.30 10.11
C PRO H 106 -2.40 -15.86 9.62
N LEU H 107 -1.83 -15.63 8.43
CA LEU H 107 -1.78 -14.29 7.85
C LEU H 107 -2.60 -14.19 6.57
N GLN H 108 -2.39 -15.10 5.63
CA GLN H 108 -3.10 -15.10 4.36
C GLN H 108 -3.71 -16.47 4.14
N LEU H 109 -5.03 -16.50 3.95
CA LEU H 109 -5.78 -17.71 3.68
C LEU H 109 -6.22 -17.72 2.22
N GLY H 110 -5.89 -18.79 1.51
CA GLY H 110 -6.20 -18.88 0.11
C GLY H 110 -6.93 -20.16 -0.21
N PHE H 111 -7.77 -20.09 -1.24
CA PHE H 111 -8.63 -21.19 -1.65
C PHE H 111 -8.54 -21.36 -3.16
N SER H 112 -8.91 -22.56 -3.63
CA SER H 112 -8.87 -22.85 -5.06
C SER H 112 -9.87 -22.04 -5.84
N THR H 113 -10.86 -21.44 -5.17
CA THR H 113 -11.79 -20.54 -5.83
C THR H 113 -11.13 -19.26 -6.31
N GLY H 114 -9.94 -18.93 -5.80
CA GLY H 114 -9.18 -17.78 -6.24
C GLY H 114 -9.08 -16.65 -5.25
N VAL H 115 -9.72 -16.76 -4.09
CA VAL H 115 -9.75 -15.66 -3.14
C VAL H 115 -8.57 -15.74 -2.19
N ASN H 116 -8.14 -14.58 -1.70
CA ASN H 116 -7.14 -14.45 -0.66
C ASN H 116 -7.67 -13.53 0.41
N LEU H 117 -7.59 -13.97 1.66
CA LEU H 117 -8.05 -13.18 2.79
C LEU H 117 -6.89 -12.94 3.75
N VAL H 118 -6.66 -11.69 4.10
CA VAL H 118 -5.59 -11.31 5.01
C VAL H 118 -6.20 -10.99 6.36
N ALA H 119 -5.66 -11.61 7.41
CA ALA H 119 -6.13 -11.39 8.77
C ALA H 119 -5.03 -10.75 9.60
N VAL H 120 -5.42 -9.91 10.55
CA VAL H 120 -4.44 -9.37 11.50
C VAL H 120 -3.91 -10.49 12.37
N PRO H 121 -2.65 -10.45 12.81
CA PRO H 121 -2.13 -11.54 13.63
C PRO H 121 -2.79 -11.61 14.99
N THR H 122 -3.59 -12.65 15.19
CA THR H 122 -4.43 -12.80 16.38
C THR H 122 -4.13 -14.15 17.01
N GLY H 123 -4.06 -14.17 18.34
CA GLY H 123 -3.76 -15.39 19.06
C GLY H 123 -4.62 -15.54 20.30
N TYR H 124 -4.39 -16.65 20.98
CA TYR H 124 -5.08 -17.00 22.22
C TYR H 124 -4.10 -16.75 23.36
N VAL H 125 -4.52 -15.95 24.33
CA VAL H 125 -3.65 -15.48 25.41
C VAL H 125 -4.28 -15.89 26.73
N ASP H 126 -3.60 -16.77 27.46
CA ASP H 126 -4.02 -17.13 28.80
C ASP H 126 -3.83 -15.94 29.74
N THR H 127 -4.91 -15.53 30.38
CA THR H 127 -4.98 -14.42 31.33
C THR H 127 -5.50 -14.97 32.65
N PRO H 128 -5.26 -14.28 33.77
CA PRO H 128 -5.71 -14.82 35.07
C PRO H 128 -7.22 -14.92 35.22
N ASN H 129 -8.01 -14.41 34.29
CA ASN H 129 -9.46 -14.58 34.33
C ASN H 129 -9.96 -15.61 33.32
N ASN H 130 -9.41 -15.58 32.10
CA ASN H 130 -9.90 -16.44 31.03
C ASN H 130 -8.83 -16.54 29.95
N THR H 131 -9.23 -17.03 28.79
CA THR H 131 -8.39 -16.99 27.60
C THR H 131 -8.92 -15.93 26.65
N ASP H 132 -8.07 -14.97 26.30
CA ASP H 132 -8.45 -13.80 25.52
C ASP H 132 -7.97 -13.99 24.08
N PHE H 133 -8.90 -13.86 23.14
CA PHE H 133 -8.59 -13.95 21.71
C PHE H 133 -8.28 -12.54 21.22
N SER H 134 -7.00 -12.22 21.05
CA SER H 134 -6.61 -10.83 20.87
C SER H 134 -5.45 -10.72 19.90
N ARG H 135 -5.32 -9.52 19.33
CA ARG H 135 -4.21 -9.20 18.44
C ARG H 135 -2.89 -9.27 19.19
N VAL H 136 -1.88 -9.86 18.57
CA VAL H 136 -0.57 -10.05 19.19
C VAL H 136 0.49 -9.56 18.24
N SER H 137 1.68 -9.31 18.78
CA SER H 137 2.81 -8.89 17.97
C SER H 137 3.27 -10.03 17.09
N ALA H 138 3.61 -9.72 15.85
CA ALA H 138 4.07 -10.73 14.91
C ALA H 138 4.91 -10.09 13.81
N LYS H 139 5.75 -10.91 13.19
CA LYS H 139 6.61 -10.48 12.10
C LYS H 139 6.56 -11.49 10.96
N PRO H 140 6.81 -11.05 9.72
CA PRO H 140 6.87 -12.01 8.62
C PRO H 140 8.10 -12.88 8.72
N PRO H 141 8.09 -14.06 8.11
CA PRO H 141 9.26 -14.95 8.21
C PRO H 141 10.43 -14.37 7.46
N PRO H 142 11.66 -14.61 7.94
CA PRO H 142 12.84 -14.21 7.17
C PRO H 142 13.00 -15.08 5.93
N GLY H 143 13.56 -14.48 4.89
CA GLY H 143 13.74 -15.18 3.63
C GLY H 143 13.24 -14.31 2.49
N ASP H 144 13.89 -14.44 1.34
CA ASP H 144 13.50 -13.66 0.16
C ASP H 144 12.11 -14.01 -0.31
N GLN H 145 11.83 -15.32 -0.35
CA GLN H 145 10.53 -15.83 -0.87
C GLN H 145 9.34 -15.28 -0.10
N PHE H 146 9.53 -14.89 1.16
CA PHE H 146 8.45 -14.41 2.00
C PHE H 146 8.38 -12.90 2.05
N LYS H 147 9.19 -12.19 1.25
CA LYS H 147 9.21 -10.73 1.34
C LYS H 147 7.88 -10.12 0.89
N HIS H 148 7.16 -10.79 -0.01
CA HIS H 148 5.85 -10.32 -0.42
C HIS H 148 4.82 -10.39 0.70
N LEU H 149 5.12 -11.10 1.79
CA LEU H 149 4.24 -11.10 2.95
C LEU H 149 4.42 -9.87 3.82
N ILE H 150 5.47 -9.08 3.58
CA ILE H 150 5.69 -7.87 4.39
C ILE H 150 4.57 -6.84 4.21
N PRO H 151 4.08 -6.52 3.01
CA PRO H 151 2.95 -5.59 2.92
C PRO H 151 1.66 -6.09 3.55
N LEU H 152 1.52 -7.40 3.75
CA LEU H 152 0.26 -7.93 4.28
C LEU H 152 0.08 -7.68 5.76
N MET H 153 1.12 -7.21 6.46
CA MET H 153 1.00 -6.96 7.89
C MET H 153 0.21 -5.69 8.17
N TYR H 154 0.01 -4.84 7.16
CA TYR H 154 -0.66 -3.57 7.33
C TYR H 154 -2.05 -3.53 6.69
N LYS H 155 -2.58 -4.68 6.28
CA LYS H 155 -3.88 -4.69 5.61
C LYS H 155 -4.77 -5.84 6.06
N GLY H 156 -4.54 -6.38 7.26
CA GLY H 156 -5.35 -7.50 7.72
C GLY H 156 -6.73 -7.07 8.15
N LEU H 157 -7.64 -8.01 8.17
CA LEU H 157 -9.01 -7.82 8.64
C LEU H 157 -9.21 -8.52 9.97
N PRO H 158 -10.18 -8.09 10.77
CA PRO H 158 -10.51 -8.83 11.98
C PRO H 158 -11.07 -10.20 11.64
N TRP H 159 -10.83 -11.17 12.54
CA TRP H 159 -11.17 -12.56 12.23
C TRP H 159 -12.68 -12.77 12.18
N ASN H 160 -13.44 -11.99 12.94
CA ASN H 160 -14.89 -12.08 12.89
C ASN H 160 -15.45 -11.70 11.53
N VAL H 161 -14.72 -10.90 10.76
CA VAL H 161 -15.09 -10.58 9.38
C VAL H 161 -14.56 -11.64 8.42
N VAL H 162 -13.35 -12.15 8.71
CA VAL H 162 -12.70 -13.14 7.85
C VAL H 162 -13.55 -14.41 7.77
N ARG H 163 -14.05 -14.88 8.91
CA ARG H 163 -14.84 -16.12 8.85
C ARG H 163 -16.21 -15.91 8.23
N ILE H 164 -16.80 -14.72 8.36
CA ILE H 164 -18.02 -14.40 7.63
C ILE H 164 -17.78 -14.47 6.13
N LYS H 165 -16.67 -13.88 5.68
CA LYS H 165 -16.34 -13.91 4.26
C LYS H 165 -16.05 -15.34 3.79
N ILE H 166 -15.41 -16.15 4.64
CA ILE H 166 -15.13 -17.54 4.29
C ILE H 166 -16.43 -18.31 4.09
N VAL H 167 -17.38 -18.14 5.03
CA VAL H 167 -18.66 -18.85 4.93
C VAL H 167 -19.42 -18.39 3.68
N GLN H 168 -19.40 -17.09 3.41
CA GLN H 168 -20.08 -16.57 2.21
C GLN H 168 -19.49 -17.15 0.94
N MET H 169 -18.16 -17.17 0.84
CA MET H 169 -17.50 -17.69 -0.35
C MET H 169 -17.77 -19.18 -0.53
N LEU H 170 -17.70 -19.95 0.55
CA LEU H 170 -17.94 -21.39 0.46
C LEU H 170 -19.39 -21.69 0.06
N SER H 171 -20.33 -20.93 0.62
CA SER H 171 -21.73 -21.14 0.26
C SER H 171 -22.01 -20.73 -1.18
N ASP H 172 -21.41 -19.62 -1.64
CA ASP H 172 -21.60 -19.21 -3.02
C ASP H 172 -20.99 -20.19 -4.01
N THR H 173 -19.85 -20.80 -3.67
CA THR H 173 -19.24 -21.77 -4.57
C THR H 173 -19.99 -23.10 -4.57
N LEU H 174 -20.43 -23.57 -3.39
CA LEU H 174 -20.82 -24.96 -3.23
C LEU H 174 -22.32 -25.19 -3.13
N LYS H 175 -23.16 -24.17 -3.21
CA LYS H 175 -24.58 -24.39 -2.98
C LYS H 175 -25.25 -25.13 -4.13
N ASN H 176 -24.63 -25.13 -5.31
CA ASN H 176 -25.16 -25.85 -6.46
C ASN H 176 -24.27 -27.02 -6.88
N LEU H 177 -23.39 -27.46 -6.00
CA LEU H 177 -22.48 -28.56 -6.32
C LEU H 177 -22.58 -29.73 -5.34
N SER H 178 -22.68 -29.47 -4.05
CA SER H 178 -22.61 -30.53 -3.07
C SER H 178 -23.32 -30.10 -1.79
N ASP H 179 -23.41 -31.02 -0.84
CA ASP H 179 -23.94 -30.75 0.48
C ASP H 179 -22.87 -30.74 1.57
N ARG H 180 -21.60 -30.60 1.19
CA ARG H 180 -20.52 -30.56 2.16
C ARG H 180 -19.33 -29.85 1.52
N VAL H 181 -18.24 -29.76 2.29
CA VAL H 181 -16.97 -29.25 1.78
C VAL H 181 -15.88 -30.25 2.13
N VAL H 182 -15.02 -30.53 1.17
CA VAL H 182 -13.82 -31.34 1.39
C VAL H 182 -12.63 -30.43 1.13
N PHE H 183 -11.85 -30.17 2.16
CA PHE H 183 -10.67 -29.32 2.01
C PHE H 183 -9.49 -30.15 1.54
N VAL H 184 -8.86 -29.74 0.45
CA VAL H 184 -7.72 -30.43 -0.12
C VAL H 184 -6.46 -29.71 0.36
N LEU H 185 -5.66 -30.39 1.16
CA LEU H 185 -4.52 -29.81 1.85
C LEU H 185 -3.23 -30.47 1.39
N TRP H 186 -2.12 -29.78 1.62
CA TRP H 186 -0.80 -30.35 1.37
C TRP H 186 -0.01 -30.64 2.64
N ALA H 187 -0.12 -29.79 3.67
CA ALA H 187 0.40 -30.12 4.99
C ALA H 187 -0.67 -29.70 5.99
N HIS H 188 -1.25 -30.67 6.69
CA HIS H 188 -2.44 -30.38 7.46
C HIS H 188 -2.14 -29.75 8.82
N GLY H 189 -0.87 -29.62 9.20
CA GLY H 189 -0.54 -29.03 10.49
C GLY H 189 -1.01 -27.59 10.64
N PHE H 190 -0.42 -26.69 9.86
CA PHE H 190 -0.83 -25.30 9.92
C PHE H 190 -2.23 -25.08 9.36
N ALA H 191 -2.70 -25.99 8.50
CA ALA H 191 -4.09 -25.95 8.05
C ALA H 191 -5.05 -26.15 9.21
N LEU H 192 -4.76 -27.13 10.07
CA LEU H 192 -5.60 -27.34 11.26
C LEU H 192 -5.46 -26.19 12.25
N THR H 193 -4.23 -25.67 12.41
CA THR H 193 -4.01 -24.53 13.28
C THR H 193 -4.83 -23.33 12.84
N SER H 194 -4.98 -23.13 11.53
CA SER H 194 -5.83 -22.07 11.01
C SER H 194 -7.31 -22.43 11.10
N MET H 195 -7.66 -23.70 10.94
CA MET H 195 -9.06 -24.12 11.02
C MET H 195 -9.60 -23.95 12.43
N LYS H 196 -8.72 -23.92 13.43
CA LYS H 196 -9.14 -23.59 14.79
C LYS H 196 -9.87 -22.24 14.85
N TYR H 197 -9.52 -21.32 13.95
CA TYR H 197 -10.09 -19.99 13.95
C TYR H 197 -11.50 -19.92 13.35
N PHE H 198 -11.87 -20.85 12.48
CA PHE H 198 -13.17 -20.71 11.81
C PHE H 198 -13.96 -22.00 11.62
N VAL H 199 -13.61 -23.10 12.30
CA VAL H 199 -14.27 -24.38 12.09
C VAL H 199 -14.79 -24.89 13.43
N LYS H 200 -16.04 -25.37 13.44
CA LYS H 200 -16.63 -26.03 14.59
C LYS H 200 -17.04 -27.44 14.20
N ILE H 201 -17.00 -28.35 15.18
CA ILE H 201 -17.40 -29.74 14.95
C ILE H 201 -18.46 -30.12 15.97
N GLY H 202 -19.10 -31.25 15.72
CA GLY H 202 -20.15 -31.76 16.58
C GLY H 202 -20.87 -32.92 15.92
N PRO H 203 -21.98 -33.35 16.49
CA PRO H 203 -22.80 -34.37 15.85
C PRO H 203 -23.53 -33.81 14.63
N GLU H 204 -23.98 -34.72 13.78
CA GLU H 204 -24.62 -34.33 12.52
C GLU H 204 -25.96 -33.64 12.78
N ARG H 205 -26.16 -32.51 12.12
CA ARG H 205 -27.33 -31.67 12.32
C ARG H 205 -28.06 -31.47 11.00
N THR H 206 -29.09 -30.64 11.05
CA THR H 206 -29.95 -30.34 9.90
C THR H 206 -30.17 -28.83 9.85
N CYS H 207 -30.41 -28.31 8.64
CA CYS H 207 -30.59 -26.88 8.47
C CYS H 207 -31.84 -26.39 9.18
N CYS H 208 -31.82 -25.14 9.63
CA CYS H 208 -32.93 -24.59 10.39
C CYS H 208 -34.15 -24.30 9.53
N LEU H 209 -33.98 -24.08 8.23
CA LEU H 209 -35.10 -23.73 7.36
C LEU H 209 -35.47 -24.82 6.36
N CYS H 210 -34.71 -25.90 6.28
CA CYS H 210 -34.99 -26.97 5.35
C CYS H 210 -34.37 -28.26 5.87
N ASP H 211 -34.55 -29.34 5.11
CA ASP H 211 -34.10 -30.66 5.53
C ASP H 211 -32.72 -31.03 4.99
N ARG H 212 -31.89 -30.06 4.64
CA ARG H 212 -30.56 -30.35 4.13
C ARG H 212 -29.56 -30.49 5.29
N ARG H 213 -28.41 -31.08 4.98
CA ARG H 213 -27.33 -31.22 5.94
C ARG H 213 -26.83 -29.86 6.38
N ALA H 214 -26.55 -29.74 7.68
CA ALA H 214 -26.03 -28.49 8.21
C ALA H 214 -24.55 -28.36 7.92
N THR H 215 -24.17 -27.26 7.27
CA THR H 215 -22.78 -27.00 6.95
C THR H 215 -22.23 -25.75 7.63
N CYS H 216 -23.08 -24.89 8.19
CA CYS H 216 -22.65 -23.65 8.82
C CYS H 216 -23.33 -23.50 10.17
N PHE H 217 -22.63 -22.82 11.07
CA PHE H 217 -23.08 -22.57 12.43
C PHE H 217 -22.99 -21.07 12.72
N SER H 218 -23.96 -20.56 13.46
CA SER H 218 -23.97 -19.15 13.85
C SER H 218 -23.92 -19.05 15.37
N THR H 219 -22.89 -18.37 15.89
CA THR H 219 -22.81 -18.15 17.33
C THR H 219 -23.79 -17.10 17.82
N ALA H 220 -24.18 -16.16 16.96
CA ALA H 220 -25.12 -15.12 17.34
C ALA H 220 -26.54 -15.64 17.54
N SER H 221 -26.85 -16.83 17.03
CA SER H 221 -28.17 -17.40 17.21
C SER H 221 -28.18 -18.87 17.60
N ASP H 222 -27.02 -19.52 17.74
CA ASP H 222 -26.91 -20.94 18.09
C ASP H 222 -27.72 -21.82 17.13
N THR H 223 -27.62 -21.51 15.84
CA THR H 223 -28.39 -22.19 14.82
C THR H 223 -27.46 -22.72 13.73
N TYR H 224 -27.98 -23.72 13.01
CA TYR H 224 -27.26 -24.41 11.95
C TYR H 224 -27.99 -24.23 10.63
N ALA H 225 -27.22 -24.16 9.54
CA ALA H 225 -27.79 -23.91 8.22
C ALA H 225 -27.00 -24.67 7.16
N CYS H 226 -27.60 -24.82 5.99
CA CYS H 226 -26.93 -25.36 4.83
C CYS H 226 -26.31 -24.22 4.02
N TRP H 227 -25.82 -24.55 2.82
CA TRP H 227 -25.20 -23.55 1.97
C TRP H 227 -26.22 -22.53 1.47
N HIS H 228 -27.47 -22.96 1.30
CA HIS H 228 -28.49 -22.06 0.76
C HIS H 228 -28.96 -21.04 1.79
N HIS H 229 -28.88 -21.37 3.07
CA HIS H 229 -29.46 -20.54 4.13
C HIS H 229 -28.42 -19.98 5.09
N SER H 230 -27.16 -19.90 4.68
CA SER H 230 -26.08 -19.51 5.56
C SER H 230 -25.76 -18.02 5.53
N ILE H 231 -26.75 -17.16 5.33
CA ILE H 231 -26.49 -15.72 5.27
C ILE H 231 -26.20 -15.23 6.68
N GLY H 232 -25.02 -14.65 6.88
CA GLY H 232 -24.63 -14.12 8.17
C GLY H 232 -24.04 -15.11 9.14
N PHE H 233 -23.83 -16.36 8.73
CA PHE H 233 -23.27 -17.37 9.60
C PHE H 233 -21.76 -17.25 9.61
N ASP H 234 -21.13 -17.59 10.74
CA ASP H 234 -19.74 -17.25 10.96
C ASP H 234 -18.81 -18.45 11.17
N TYR H 235 -19.31 -19.67 11.16
CA TYR H 235 -18.46 -20.84 11.31
C TYR H 235 -18.81 -21.92 10.31
N VAL H 236 -17.81 -22.68 9.89
CA VAL H 236 -18.02 -23.85 9.06
C VAL H 236 -18.21 -25.07 9.97
N TYR H 237 -19.34 -25.75 9.82
CA TYR H 237 -19.74 -26.82 10.73
C TYR H 237 -19.54 -28.17 10.06
N ASN H 238 -18.80 -29.04 10.72
CA ASN H 238 -18.48 -30.38 10.24
C ASN H 238 -17.95 -30.41 8.80
N PRO H 239 -16.74 -29.90 8.57
CA PRO H 239 -16.13 -30.07 7.25
C PRO H 239 -15.28 -31.32 7.18
N PHE H 240 -14.94 -31.71 5.96
CA PHE H 240 -14.06 -32.84 5.72
C PHE H 240 -12.78 -32.36 5.04
N MET H 241 -11.75 -33.19 5.12
CA MET H 241 -10.46 -32.81 4.57
C MET H 241 -9.66 -34.06 4.24
N ILE H 242 -8.69 -33.89 3.36
CA ILE H 242 -7.77 -34.95 2.96
C ILE H 242 -6.41 -34.32 2.72
N ASP H 243 -5.35 -34.99 3.16
CA ASP H 243 -3.99 -34.54 2.98
C ASP H 243 -3.35 -35.29 1.82
N VAL H 244 -2.99 -34.55 0.77
CA VAL H 244 -2.49 -35.18 -0.46
C VAL H 244 -1.06 -35.69 -0.27
N GLN H 245 -0.26 -34.99 0.55
CA GLN H 245 1.12 -35.42 0.80
C GLN H 245 1.19 -36.78 1.48
N GLN H 246 0.13 -37.20 2.16
CA GLN H 246 0.07 -38.53 2.75
C GLN H 246 -0.08 -39.62 1.71
N TRP H 247 -0.32 -39.27 0.44
CA TRP H 247 -0.45 -40.24 -0.63
C TRP H 247 0.90 -40.68 -1.21
N GLY H 248 2.00 -40.44 -0.50
CA GLY H 248 3.31 -40.94 -0.90
C GLY H 248 4.22 -39.95 -1.60
N PHE H 249 3.87 -38.67 -1.63
CA PHE H 249 4.68 -37.69 -2.34
C PHE H 249 5.92 -37.32 -1.53
N THR H 250 7.00 -37.00 -2.26
CA THR H 250 8.22 -36.48 -1.68
C THR H 250 8.56 -35.16 -2.35
N GLY H 251 9.29 -34.32 -1.63
CA GLY H 251 9.55 -32.98 -2.11
C GLY H 251 8.43 -32.03 -1.74
N ASN H 252 8.48 -30.83 -2.33
CA ASN H 252 7.48 -29.82 -2.07
C ASN H 252 6.33 -29.93 -3.07
N LEU H 253 5.32 -29.08 -2.87
CA LEU H 253 4.11 -29.14 -3.68
C LEU H 253 4.39 -28.75 -5.13
N GLN H 254 5.19 -27.69 -5.34
CA GLN H 254 5.47 -27.21 -6.68
C GLN H 254 6.22 -28.25 -7.49
N SER H 255 7.17 -28.95 -6.84
CA SER H 255 7.96 -29.99 -7.52
C SER H 255 7.07 -31.12 -8.05
N ASN H 256 6.11 -31.56 -7.25
CA ASN H 256 5.23 -32.64 -7.67
C ASN H 256 4.16 -32.17 -8.65
N HIS H 257 3.71 -30.91 -8.51
CA HIS H 257 2.68 -30.41 -9.42
C HIS H 257 3.25 -30.16 -10.81
N ASP H 258 4.49 -29.68 -10.90
CA ASP H 258 5.09 -29.38 -12.20
C ASP H 258 5.36 -30.61 -13.03
N LEU H 259 5.33 -31.81 -12.44
CA LEU H 259 5.55 -33.03 -13.21
C LEU H 259 4.39 -33.33 -14.15
N TYR H 260 3.21 -32.75 -13.91
CA TYR H 260 2.03 -33.12 -14.68
C TYR H 260 1.34 -31.92 -15.30
N CYS H 261 1.52 -30.73 -14.73
CA CYS H 261 0.76 -29.55 -15.13
C CYS H 261 1.69 -28.39 -15.43
N GLN H 262 1.36 -27.63 -16.48
CA GLN H 262 2.11 -26.44 -16.86
C GLN H 262 1.27 -25.16 -16.75
N VAL H 263 0.02 -25.26 -16.32
CA VAL H 263 -0.87 -24.11 -16.32
C VAL H 263 -0.66 -23.27 -15.06
N HIS H 264 -0.62 -23.91 -13.90
CA HIS H 264 -0.56 -23.17 -12.65
C HIS H 264 0.88 -23.01 -12.18
N GLY H 265 1.12 -21.94 -11.43
CA GLY H 265 2.42 -21.65 -10.84
C GLY H 265 2.32 -20.67 -9.70
N ASN H 266 3.33 -19.81 -9.55
CA ASN H 266 3.34 -18.71 -8.59
C ASN H 266 3.20 -19.22 -7.14
N ALA H 267 4.20 -19.95 -6.68
CA ALA H 267 4.16 -20.55 -5.36
C ALA H 267 4.23 -19.49 -4.27
N HIS H 268 3.94 -19.92 -3.03
CA HIS H 268 3.95 -19.14 -1.80
C HIS H 268 2.90 -18.05 -1.75
N VAL H 269 1.99 -18.00 -2.71
CA VAL H 269 0.73 -17.26 -2.60
C VAL H 269 -0.35 -18.29 -2.34
N ALA H 270 -1.17 -18.04 -1.32
CA ALA H 270 -1.99 -19.10 -0.73
C ALA H 270 -3.02 -19.65 -1.71
N SER H 271 -3.66 -18.77 -2.49
CA SER H 271 -4.66 -19.23 -3.46
C SER H 271 -4.02 -20.05 -4.57
N CYS H 272 -2.83 -19.64 -5.03
CA CYS H 272 -2.14 -20.39 -6.07
C CYS H 272 -1.73 -21.77 -5.57
N ASP H 273 -1.24 -21.84 -4.33
CA ASP H 273 -0.87 -23.12 -3.75
C ASP H 273 -2.09 -24.02 -3.57
N ALA H 274 -3.23 -23.43 -3.20
CA ALA H 274 -4.47 -24.20 -3.10
C ALA H 274 -4.90 -24.76 -4.46
N ILE H 275 -4.79 -23.95 -5.51
CA ILE H 275 -5.11 -24.40 -6.86
C ILE H 275 -4.18 -25.54 -7.28
N MET H 276 -2.88 -25.41 -6.97
CA MET H 276 -1.93 -26.47 -7.28
C MET H 276 -2.24 -27.75 -6.53
N THR H 277 -2.64 -27.63 -5.25
CA THR H 277 -2.94 -28.80 -4.44
C THR H 277 -4.15 -29.54 -4.99
N ARG H 278 -5.21 -28.80 -5.32
CA ARG H 278 -6.40 -29.44 -5.88
C ARG H 278 -6.12 -30.03 -7.26
N CYS H 279 -5.27 -29.37 -8.05
CA CYS H 279 -4.89 -29.91 -9.35
C CYS H 279 -4.12 -31.22 -9.20
N LEU H 280 -3.20 -31.28 -8.23
CA LEU H 280 -2.45 -32.50 -8.00
C LEU H 280 -3.36 -33.64 -7.53
N ALA H 281 -4.33 -33.32 -6.66
CA ALA H 281 -5.28 -34.33 -6.21
C ALA H 281 -6.12 -34.85 -7.37
N VAL H 282 -6.59 -33.94 -8.23
CA VAL H 282 -7.38 -34.35 -9.40
C VAL H 282 -6.55 -35.22 -10.33
N HIS H 283 -5.27 -34.89 -10.52
CA HIS H 283 -4.41 -35.71 -11.35
C HIS H 283 -4.23 -37.10 -10.77
N GLU H 284 -4.06 -37.18 -9.45
CA GLU H 284 -3.81 -38.49 -8.80
C GLU H 284 -5.09 -39.33 -8.77
N CYS H 285 -6.27 -38.70 -8.86
CA CYS H 285 -7.49 -39.48 -8.73
C CYS H 285 -8.20 -39.76 -10.05
N PHE H 286 -8.08 -38.92 -11.08
CA PHE H 286 -8.93 -39.03 -12.25
C PHE H 286 -8.23 -39.09 -13.60
N VAL H 287 -6.97 -38.65 -13.70
CA VAL H 287 -6.31 -38.65 -15.01
C VAL H 287 -5.94 -40.06 -15.47
N LYS H 288 -5.87 -41.03 -14.56
CA LYS H 288 -5.55 -42.41 -14.92
C LYS H 288 -6.55 -43.01 -15.91
N ARG H 289 -7.81 -43.15 -15.49
CA ARG H 289 -8.85 -43.73 -16.32
C ARG H 289 -10.20 -43.45 -15.67
N VAL H 290 -11.25 -43.45 -16.49
CA VAL H 290 -12.60 -43.26 -15.98
C VAL H 290 -13.06 -44.53 -15.27
N ASP H 291 -13.61 -44.36 -14.06
CA ASP H 291 -14.12 -45.47 -13.26
C ASP H 291 -15.63 -45.48 -13.40
N TRP H 292 -16.15 -46.45 -14.17
CA TRP H 292 -17.59 -46.56 -14.35
C TRP H 292 -18.30 -47.09 -13.12
N THR H 293 -17.57 -47.64 -12.15
CA THR H 293 -18.21 -48.19 -10.96
C THR H 293 -18.74 -47.11 -10.03
N ILE H 294 -18.19 -45.91 -10.09
CA ILE H 294 -18.58 -44.81 -9.20
C ILE H 294 -19.60 -43.94 -9.94
N GLU H 295 -20.75 -43.74 -9.32
CA GLU H 295 -21.81 -42.91 -9.87
C GLU H 295 -21.95 -41.64 -9.04
N TYR H 296 -22.52 -40.62 -9.65
CA TYR H 296 -22.65 -39.33 -9.01
C TYR H 296 -24.09 -38.85 -9.08
N PRO H 297 -24.56 -38.08 -8.11
CA PRO H 297 -25.96 -37.63 -8.11
C PRO H 297 -26.24 -36.65 -9.24
N ILE H 298 -27.49 -36.65 -9.67
CA ILE H 298 -27.95 -35.75 -10.73
C ILE H 298 -28.22 -34.40 -10.08
N ILE H 299 -27.24 -33.48 -10.14
CA ILE H 299 -27.40 -32.18 -9.53
C ILE H 299 -28.36 -31.31 -10.35
N GLY H 300 -28.17 -31.26 -11.66
CA GLY H 300 -29.07 -30.48 -12.49
C GLY H 300 -28.88 -30.63 -13.98
N ASP H 301 -29.98 -30.82 -14.69
CA ASP H 301 -30.05 -30.78 -16.15
C ASP H 301 -29.21 -31.84 -16.85
N GLU H 302 -28.77 -32.86 -16.12
CA GLU H 302 -27.93 -33.89 -16.73
C GLU H 302 -28.73 -34.80 -17.66
N LEU H 303 -29.94 -35.19 -17.24
CA LEU H 303 -30.76 -36.05 -18.06
C LEU H 303 -31.22 -35.35 -19.34
N LYS H 304 -31.53 -34.05 -19.24
CA LYS H 304 -31.92 -33.29 -20.42
C LYS H 304 -30.77 -33.20 -21.41
N ILE H 305 -29.56 -32.97 -20.92
CA ILE H 305 -28.40 -32.88 -21.81
C ILE H 305 -28.10 -34.24 -22.44
N ASN H 306 -28.28 -35.32 -21.69
CA ASN H 306 -28.07 -36.65 -22.25
C ASN H 306 -29.09 -36.96 -23.35
N ALA H 307 -30.35 -36.62 -23.12
CA ALA H 307 -31.38 -36.84 -24.15
C ALA H 307 -31.13 -35.98 -25.37
N ALA H 308 -30.70 -34.73 -25.17
CA ALA H 308 -30.38 -33.84 -26.27
C ALA H 308 -29.22 -34.39 -27.09
N CYS H 309 -28.19 -34.89 -26.42
CA CYS H 309 -27.05 -35.49 -27.13
C CYS H 309 -27.49 -36.71 -27.93
N ARG H 310 -28.34 -37.54 -27.34
CA ARG H 310 -28.84 -38.72 -28.06
C ARG H 310 -29.60 -38.33 -29.32
N LYS H 311 -30.50 -37.36 -29.19
CA LYS H 311 -31.32 -36.94 -30.34
C LYS H 311 -30.46 -36.30 -31.42
N VAL H 312 -29.51 -35.45 -31.04
CA VAL H 312 -28.65 -34.79 -32.01
C VAL H 312 -27.79 -35.81 -32.74
N GLN H 313 -27.20 -36.76 -32.00
CA GLN H 313 -26.38 -37.79 -32.62
C GLN H 313 -27.18 -38.61 -33.62
N HIS H 314 -28.38 -39.02 -33.22
CA HIS H 314 -29.24 -39.82 -34.11
C HIS H 314 -29.56 -39.05 -35.38
N MET H 315 -29.94 -37.77 -35.24
CA MET H 315 -30.31 -36.98 -36.41
C MET H 315 -29.14 -36.77 -37.35
N VAL H 316 -27.97 -36.40 -36.81
CA VAL H 316 -26.86 -36.08 -37.69
C VAL H 316 -26.30 -37.33 -38.36
N VAL H 317 -26.25 -38.48 -37.66
CA VAL H 317 -25.76 -39.69 -38.30
C VAL H 317 -26.74 -40.16 -39.37
N LYS H 318 -28.05 -40.10 -39.08
CA LYS H 318 -29.05 -40.48 -40.08
C LYS H 318 -28.95 -39.59 -41.31
N ALA H 319 -28.80 -38.28 -41.10
CA ALA H 319 -28.75 -37.35 -42.22
C ALA H 319 -27.50 -37.57 -43.07
N ALA H 320 -26.35 -37.79 -42.43
CA ALA H 320 -25.13 -38.02 -43.18
C ALA H 320 -25.20 -39.32 -43.98
N LEU H 321 -25.71 -40.39 -43.36
CA LEU H 321 -25.79 -41.68 -44.06
C LEU H 321 -26.81 -41.64 -45.18
N LEU H 322 -27.89 -40.87 -45.03
CA LEU H 322 -28.86 -40.77 -46.11
C LEU H 322 -28.36 -39.88 -47.24
N ALA H 323 -27.57 -38.85 -46.91
CA ALA H 323 -27.14 -37.90 -47.92
C ALA H 323 -25.98 -38.44 -48.75
N ASP H 324 -24.97 -39.02 -48.10
CA ASP H 324 -23.74 -39.37 -48.79
C ASP H 324 -23.57 -40.86 -49.03
N LYS H 325 -24.29 -41.71 -48.30
CA LYS H 325 -24.34 -43.16 -48.55
C LYS H 325 -22.96 -43.80 -48.47
N PHE H 326 -22.31 -43.64 -47.31
CA PHE H 326 -21.01 -44.26 -47.10
C PHE H 326 -21.14 -45.78 -47.02
N PRO H 327 -20.16 -46.52 -47.54
CA PRO H 327 -20.24 -47.99 -47.46
C PRO H 327 -19.98 -48.52 -46.06
N VAL H 328 -19.11 -47.89 -45.30
CA VAL H 328 -18.73 -48.37 -43.97
C VAL H 328 -18.65 -47.17 -43.02
N LEU H 329 -19.19 -47.34 -41.81
CA LEU H 329 -19.12 -46.34 -40.77
C LEU H 329 -18.31 -46.90 -39.62
N HIS H 330 -17.26 -46.18 -39.23
CA HIS H 330 -16.36 -46.61 -38.16
C HIS H 330 -16.74 -45.89 -36.87
N ASP H 331 -17.41 -46.61 -35.97
CA ASP H 331 -17.80 -46.05 -34.68
C ASP H 331 -16.62 -46.14 -33.71
N ILE H 332 -15.68 -45.21 -33.91
CA ILE H 332 -14.42 -45.25 -33.18
C ILE H 332 -14.62 -44.81 -31.73
N GLY H 333 -14.08 -45.60 -30.81
CA GLY H 333 -14.14 -45.27 -29.40
C GLY H 333 -15.37 -45.78 -28.66
N ASN H 334 -16.22 -46.54 -29.32
CA ASN H 334 -17.44 -47.05 -28.69
C ASN H 334 -17.32 -48.56 -28.48
N PRO H 335 -17.10 -49.02 -27.25
CA PRO H 335 -17.02 -50.48 -27.02
C PRO H 335 -18.31 -51.23 -27.28
N LYS H 336 -19.46 -50.56 -27.23
CA LYS H 336 -20.75 -51.20 -27.41
C LYS H 336 -21.15 -51.15 -28.88
N ALA H 337 -21.86 -52.18 -29.33
CA ALA H 337 -22.24 -52.28 -30.74
C ALA H 337 -23.65 -51.73 -30.96
N ILE H 338 -24.06 -50.75 -30.17
CA ILE H 338 -25.40 -50.18 -30.26
C ILE H 338 -25.41 -49.23 -31.46
N LYS H 339 -26.21 -49.56 -32.47
CA LYS H 339 -26.33 -48.70 -33.65
C LYS H 339 -27.32 -47.58 -33.37
N CYS H 340 -26.88 -46.33 -33.56
CA CYS H 340 -27.76 -45.19 -33.39
C CYS H 340 -28.83 -45.11 -34.46
N VAL H 341 -28.64 -45.75 -35.61
CA VAL H 341 -29.68 -45.92 -36.62
C VAL H 341 -29.62 -47.35 -37.16
N PRO H 342 -30.47 -48.25 -36.66
CA PRO H 342 -30.36 -49.66 -37.04
C PRO H 342 -30.64 -49.93 -38.51
N GLN H 343 -31.53 -49.17 -39.14
CA GLN H 343 -32.01 -49.49 -40.48
C GLN H 343 -31.15 -48.89 -41.59
N ALA H 344 -30.03 -48.25 -41.26
CA ALA H 344 -29.15 -47.70 -42.27
C ALA H 344 -28.47 -48.81 -43.06
N ASP H 345 -28.35 -48.61 -44.38
CA ASP H 345 -27.72 -49.59 -45.27
C ASP H 345 -26.21 -49.36 -45.26
N VAL H 346 -25.59 -49.75 -44.15
CA VAL H 346 -24.16 -49.55 -43.95
C VAL H 346 -23.67 -50.56 -42.92
N GLU H 347 -22.44 -51.02 -43.09
CA GLU H 347 -21.81 -51.91 -42.13
C GLU H 347 -21.10 -51.10 -41.05
N TRP H 348 -20.98 -51.68 -39.87
CA TRP H 348 -20.47 -50.99 -38.70
C TRP H 348 -19.27 -51.72 -38.12
N LYS H 349 -18.27 -50.96 -37.72
CA LYS H 349 -17.10 -51.46 -37.02
C LYS H 349 -16.93 -50.68 -35.73
N PHE H 350 -16.47 -51.36 -34.67
CA PHE H 350 -16.40 -50.77 -33.35
C PHE H 350 -15.02 -50.98 -32.76
N TYR H 351 -14.51 -49.96 -32.05
CA TYR H 351 -13.17 -50.00 -31.52
C TYR H 351 -13.19 -49.45 -30.10
N ASP H 352 -12.06 -49.63 -29.41
CA ASP H 352 -11.84 -49.05 -28.09
C ASP H 352 -10.47 -48.40 -28.04
N ALA H 353 -10.35 -47.32 -27.27
CA ALA H 353 -9.07 -46.66 -27.12
C ALA H 353 -8.12 -47.46 -26.24
N GLN H 354 -8.63 -48.11 -25.20
CA GLN H 354 -7.86 -48.92 -24.29
C GLN H 354 -8.55 -50.27 -24.15
N PRO H 355 -7.81 -51.34 -23.89
CA PRO H 355 -8.44 -52.68 -23.81
C PRO H 355 -9.41 -52.79 -22.65
N CYS H 356 -10.57 -53.36 -22.93
CA CYS H 356 -11.60 -53.54 -21.92
C CYS H 356 -11.46 -54.92 -21.27
N SER H 357 -12.37 -55.19 -20.33
CA SER H 357 -12.36 -56.47 -19.62
C SER H 357 -12.82 -57.63 -20.49
N ASP H 358 -13.58 -57.36 -21.55
CA ASP H 358 -14.08 -58.42 -22.42
C ASP H 358 -12.97 -58.84 -23.38
N LYS H 359 -12.65 -60.13 -23.39
CA LYS H 359 -11.60 -60.67 -24.25
C LYS H 359 -12.12 -61.21 -25.57
N ALA H 360 -13.40 -61.04 -25.87
CA ALA H 360 -13.96 -61.54 -27.11
C ALA H 360 -13.50 -60.69 -28.28
N TYR H 361 -13.77 -61.19 -29.49
CA TYR H 361 -13.35 -60.53 -30.72
C TYR H 361 -14.43 -59.60 -31.24
N LYS H 362 -15.28 -59.09 -30.35
CA LYS H 362 -16.33 -58.16 -30.75
C LYS H 362 -15.77 -56.83 -31.21
N ILE H 363 -14.73 -56.33 -30.54
CA ILE H 363 -14.14 -55.02 -30.86
C ILE H 363 -12.65 -55.19 -31.10
N GLU H 364 -12.07 -54.20 -31.77
CA GLU H 364 -10.66 -54.18 -32.11
C GLU H 364 -9.98 -53.01 -31.43
N GLU H 365 -8.71 -53.18 -31.08
CA GLU H 365 -7.97 -52.12 -30.42
C GLU H 365 -7.67 -51.00 -31.41
N LEU H 366 -7.73 -49.75 -30.92
CA LEU H 366 -7.45 -48.58 -31.74
C LEU H 366 -7.01 -47.43 -30.82
N PHE H 367 -5.70 -47.23 -30.74
CA PHE H 367 -5.14 -46.05 -30.07
C PHE H 367 -4.83 -45.03 -31.15
N TYR H 368 -5.86 -44.26 -31.52
CA TYR H 368 -5.80 -43.45 -32.71
C TYR H 368 -4.84 -42.27 -32.54
N SER H 369 -4.03 -42.05 -33.58
CA SER H 369 -3.24 -40.84 -33.74
C SER H 369 -3.12 -40.56 -35.22
N TYR H 370 -3.10 -39.29 -35.59
CA TYR H 370 -3.07 -38.92 -37.00
C TYR H 370 -1.75 -39.31 -37.65
N ALA H 371 -0.68 -39.38 -36.84
CA ALA H 371 0.63 -39.74 -37.38
C ALA H 371 0.75 -41.24 -37.66
N THR H 372 -0.19 -42.06 -37.19
CA THR H 372 -0.11 -43.50 -37.35
C THR H 372 -1.34 -44.14 -37.95
N HIS H 373 -2.51 -43.48 -37.91
CA HIS H 373 -3.75 -44.08 -38.40
C HIS H 373 -4.51 -43.17 -39.37
N SER H 374 -3.80 -42.33 -40.12
CA SER H 374 -4.49 -41.42 -41.03
C SER H 374 -5.07 -42.16 -42.23
N ASP H 375 -4.30 -43.09 -42.81
CA ASP H 375 -4.71 -43.77 -44.03
C ASP H 375 -5.42 -45.09 -43.78
N LYS H 376 -5.64 -45.47 -42.52
CA LYS H 376 -6.30 -46.74 -42.24
C LYS H 376 -7.79 -46.71 -42.50
N PHE H 377 -8.40 -45.53 -42.57
CA PHE H 377 -9.82 -45.36 -42.76
C PHE H 377 -10.12 -44.36 -43.87
N THR H 378 -9.47 -44.52 -45.02
CA THR H 378 -9.64 -43.60 -46.13
C THR H 378 -11.07 -43.60 -46.67
N ASP H 379 -11.67 -44.78 -46.83
CA ASP H 379 -13.03 -44.87 -47.34
C ASP H 379 -14.03 -44.78 -46.19
N GLY H 380 -15.27 -44.46 -46.55
CA GLY H 380 -16.33 -44.39 -45.57
C GLY H 380 -16.26 -43.15 -44.70
N VAL H 381 -16.95 -43.23 -43.56
CA VAL H 381 -17.04 -42.14 -42.61
C VAL H 381 -16.66 -42.66 -41.23
N CYS H 382 -16.09 -41.79 -40.41
CA CYS H 382 -15.68 -42.12 -39.06
C CYS H 382 -16.48 -41.30 -38.06
N LEU H 383 -17.08 -41.97 -37.07
CA LEU H 383 -17.96 -41.32 -36.11
C LEU H 383 -17.19 -41.12 -34.81
N PHE H 384 -16.53 -39.97 -34.70
CA PHE H 384 -15.80 -39.60 -33.49
C PHE H 384 -16.73 -38.90 -32.51
N TRP H 385 -17.52 -39.70 -31.81
CA TRP H 385 -18.40 -39.15 -30.78
C TRP H 385 -17.71 -39.26 -29.43
N ASN H 386 -17.35 -38.10 -28.86
CA ASN H 386 -16.69 -37.99 -27.56
C ASN H 386 -15.40 -38.81 -27.49
N CYS H 387 -14.64 -38.82 -28.58
CA CYS H 387 -13.33 -39.46 -28.63
C CYS H 387 -12.29 -38.39 -28.96
N ASN H 388 -11.27 -38.27 -28.11
CA ASN H 388 -10.29 -37.20 -28.22
C ASN H 388 -9.03 -37.73 -28.88
N VAL H 389 -8.67 -37.13 -30.02
CA VAL H 389 -7.47 -37.47 -30.77
C VAL H 389 -6.73 -36.17 -31.08
N ASP H 390 -5.46 -36.31 -31.49
CA ASP H 390 -4.65 -35.14 -31.81
C ASP H 390 -5.17 -34.43 -33.06
N ARG H 391 -5.61 -35.18 -34.06
CA ARG H 391 -6.13 -34.61 -35.29
C ARG H 391 -7.07 -35.61 -35.95
N TYR H 392 -8.17 -35.10 -36.50
CA TYR H 392 -9.21 -35.90 -37.10
C TYR H 392 -9.03 -35.99 -38.61
N PRO H 393 -9.40 -37.10 -39.23
CA PRO H 393 -9.33 -37.20 -40.69
C PRO H 393 -10.43 -36.38 -41.35
N ALA H 394 -10.29 -36.20 -42.66
CA ALA H 394 -11.18 -35.32 -43.43
C ALA H 394 -12.50 -35.97 -43.80
N ASN H 395 -12.87 -37.10 -43.18
CA ASN H 395 -14.13 -37.76 -43.50
C ASN H 395 -14.86 -38.18 -42.23
N SER H 396 -14.99 -37.25 -41.28
CA SER H 396 -15.46 -37.59 -39.94
C SER H 396 -16.70 -36.78 -39.56
N ILE H 397 -17.47 -37.36 -38.64
CA ILE H 397 -18.51 -36.66 -37.89
C ILE H 397 -18.10 -36.69 -36.43
N VAL H 398 -17.82 -35.52 -35.86
CA VAL H 398 -17.17 -35.42 -34.56
C VAL H 398 -18.04 -34.61 -33.60
N CYS H 399 -18.18 -35.12 -32.39
CA CYS H 399 -18.68 -34.33 -31.26
C CYS H 399 -17.58 -34.27 -30.21
N ARG H 400 -17.18 -33.06 -29.84
CA ARG H 400 -16.08 -32.86 -28.93
C ARG H 400 -16.47 -31.88 -27.84
N PHE H 401 -16.11 -32.19 -26.60
CA PHE H 401 -16.44 -31.30 -25.50
C PHE H 401 -15.40 -30.18 -25.40
N ASP H 402 -15.88 -28.96 -25.19
CA ASP H 402 -15.00 -27.81 -25.00
C ASP H 402 -14.72 -27.65 -23.51
N THR H 403 -13.49 -27.93 -23.10
CA THR H 403 -13.14 -27.86 -21.69
C THR H 403 -13.03 -26.43 -21.17
N ARG H 404 -13.08 -25.43 -22.04
CA ARG H 404 -13.06 -24.05 -21.62
C ARG H 404 -14.43 -23.52 -21.23
N VAL H 405 -15.48 -24.32 -21.40
CA VAL H 405 -16.84 -23.94 -21.00
C VAL H 405 -17.06 -24.57 -19.63
N LEU H 406 -16.80 -23.80 -18.57
CA LEU H 406 -16.96 -24.30 -17.22
C LEU H 406 -18.40 -24.10 -16.74
N SER H 407 -18.86 -25.04 -15.92
CA SER H 407 -20.23 -25.05 -15.44
C SER H 407 -20.28 -25.82 -14.13
N ASN H 408 -21.50 -26.16 -13.70
CA ASN H 408 -21.64 -27.02 -12.53
C ASN H 408 -21.30 -28.47 -12.87
N LEU H 409 -21.50 -28.87 -14.13
CA LEU H 409 -21.17 -30.22 -14.57
C LEU H 409 -19.73 -30.36 -15.02
N ASN H 410 -19.02 -29.24 -15.20
CA ASN H 410 -17.65 -29.25 -15.69
C ASN H 410 -16.78 -28.46 -14.72
N LEU H 411 -15.90 -29.16 -14.01
CA LEU H 411 -15.00 -28.60 -13.03
C LEU H 411 -13.61 -28.46 -13.62
N PRO H 412 -12.79 -27.53 -13.12
CA PRO H 412 -11.40 -27.43 -13.61
C PRO H 412 -10.62 -28.70 -13.34
N GLY H 413 -9.72 -29.03 -14.27
CA GLY H 413 -8.95 -30.25 -14.17
C GLY H 413 -7.45 -30.00 -14.16
N CYS H 414 -6.69 -30.99 -14.61
CA CYS H 414 -5.24 -30.92 -14.58
C CYS H 414 -4.68 -30.60 -15.96
N ASP H 415 -3.68 -29.71 -15.98
CA ASP H 415 -2.92 -29.35 -17.18
C ASP H 415 -3.82 -28.82 -18.30
N GLY H 416 -4.80 -27.99 -17.94
CA GLY H 416 -5.65 -27.38 -18.93
C GLY H 416 -6.90 -28.16 -19.29
N GLY H 417 -6.98 -29.44 -18.92
CA GLY H 417 -8.17 -30.21 -19.14
C GLY H 417 -9.25 -29.87 -18.13
N SER H 418 -10.35 -30.60 -18.21
CA SER H 418 -11.44 -30.38 -17.28
C SER H 418 -12.08 -31.70 -16.91
N LEU H 419 -12.62 -31.76 -15.70
CA LEU H 419 -13.30 -32.94 -15.19
C LEU H 419 -14.80 -32.74 -15.36
N TYR H 420 -15.39 -33.47 -16.29
CA TYR H 420 -16.81 -33.38 -16.60
C TYR H 420 -17.53 -34.49 -15.84
N VAL H 421 -18.46 -34.12 -14.98
CA VAL H 421 -19.15 -35.07 -14.13
C VAL H 421 -20.60 -35.15 -14.60
N ASN H 422 -20.93 -36.22 -15.32
CA ASN H 422 -22.29 -36.49 -15.76
C ASN H 422 -22.52 -37.98 -15.54
N LYS H 423 -22.97 -38.32 -14.33
CA LYS H 423 -23.26 -39.67 -13.85
C LYS H 423 -21.96 -40.44 -13.67
N HIS H 424 -20.86 -39.88 -14.17
CA HIS H 424 -19.51 -40.40 -14.04
C HIS H 424 -18.55 -39.24 -14.19
N ALA H 425 -17.30 -39.45 -13.77
CA ALA H 425 -16.27 -38.42 -13.90
C ALA H 425 -15.38 -38.76 -15.08
N PHE H 426 -15.37 -37.90 -16.10
CA PHE H 426 -14.53 -38.04 -17.27
C PHE H 426 -13.55 -36.88 -17.29
N HIS H 427 -12.26 -37.17 -17.24
CA HIS H 427 -11.25 -36.13 -17.40
C HIS H 427 -10.94 -35.97 -18.89
N THR H 428 -11.16 -34.77 -19.41
CA THR H 428 -10.97 -34.51 -20.83
C THR H 428 -9.78 -33.59 -21.01
N PRO H 429 -8.90 -33.87 -21.97
CA PRO H 429 -7.74 -33.00 -22.21
C PRO H 429 -8.16 -31.64 -22.76
N ALA H 430 -7.21 -30.71 -22.75
CA ALA H 430 -7.49 -29.32 -23.11
C ALA H 430 -7.95 -29.22 -24.57
N PHE H 431 -8.93 -28.35 -24.80
CA PHE H 431 -9.48 -28.13 -26.13
C PHE H 431 -8.50 -27.35 -26.97
N ASP H 432 -8.27 -27.81 -28.20
CA ASP H 432 -7.47 -27.09 -29.19
C ASP H 432 -8.22 -27.07 -30.51
N LYS H 433 -8.29 -25.90 -31.15
CA LYS H 433 -8.98 -25.78 -32.41
C LYS H 433 -8.13 -26.27 -33.59
N SER H 434 -6.87 -26.62 -33.34
CA SER H 434 -5.99 -27.14 -34.38
C SER H 434 -6.30 -28.58 -34.75
N ALA H 435 -7.17 -29.26 -34.01
CA ALA H 435 -7.51 -30.64 -34.33
C ALA H 435 -8.62 -30.75 -35.36
N PHE H 436 -9.23 -29.64 -35.74
CA PHE H 436 -10.34 -29.64 -36.67
C PHE H 436 -10.02 -28.94 -37.99
N VAL H 437 -8.77 -29.00 -38.43
CA VAL H 437 -8.36 -28.28 -39.64
C VAL H 437 -8.92 -28.91 -40.90
N ASN H 438 -9.36 -30.17 -40.83
CA ASN H 438 -9.93 -30.85 -41.98
C ASN H 438 -11.45 -30.87 -41.97
N LEU H 439 -12.09 -30.20 -41.01
CA LEU H 439 -13.54 -30.26 -40.84
C LEU H 439 -14.12 -28.85 -40.86
N LYS H 440 -15.43 -28.78 -40.69
CA LYS H 440 -16.15 -27.52 -40.63
C LYS H 440 -17.28 -27.64 -39.61
N GLN H 441 -17.72 -26.51 -39.08
CA GLN H 441 -18.78 -26.50 -38.08
C GLN H 441 -20.08 -27.00 -38.69
N LEU H 442 -20.75 -27.88 -37.96
CA LEU H 442 -21.99 -28.49 -38.44
C LEU H 442 -23.13 -27.50 -38.34
N PRO H 443 -23.82 -27.18 -39.44
CA PRO H 443 -24.95 -26.26 -39.35
C PRO H 443 -26.14 -26.89 -38.62
N PHE H 444 -26.93 -26.03 -37.98
CA PHE H 444 -28.14 -26.49 -37.33
C PHE H 444 -29.22 -26.77 -38.37
N PHE H 445 -29.82 -27.95 -38.30
CA PHE H 445 -30.83 -28.35 -39.26
C PHE H 445 -31.68 -29.46 -38.66
N TYR H 446 -32.84 -29.68 -39.27
CA TYR H 446 -33.74 -30.78 -38.92
C TYR H 446 -34.10 -31.54 -40.19
N TYR H 447 -34.20 -32.86 -40.06
CA TYR H 447 -34.64 -33.71 -41.16
C TYR H 447 -35.74 -34.65 -40.67
N SER H 448 -36.72 -34.91 -41.54
CA SER H 448 -37.84 -35.78 -41.21
C SER H 448 -37.92 -36.90 -42.25
N ASP H 449 -37.90 -38.14 -41.77
CA ASP H 449 -38.15 -39.30 -42.63
C ASP H 449 -39.38 -40.09 -42.21
N SER H 450 -39.94 -39.79 -41.03
CA SER H 450 -41.15 -40.45 -40.57
C SER H 450 -42.35 -40.00 -41.41
N PRO H 451 -43.42 -40.80 -41.45
CA PRO H 451 -44.63 -40.37 -42.16
C PRO H 451 -45.22 -39.10 -41.56
N CYS H 452 -45.82 -38.28 -42.43
CA CYS H 452 -46.29 -36.95 -42.06
C CYS H 452 -47.74 -36.96 -41.58
N GLU H 453 -48.21 -38.06 -41.02
CA GLU H 453 -49.58 -38.13 -40.53
C GLU H 453 -49.74 -37.28 -39.28
N SER H 454 -50.71 -36.38 -39.31
CA SER H 454 -50.96 -35.47 -38.18
C SER H 454 -52.43 -35.53 -37.75
N TYR H 465 -48.49 -23.33 -32.09
CA TYR H 465 -49.58 -23.26 -33.04
C TYR H 465 -49.27 -22.28 -34.18
N VAL H 466 -48.29 -21.43 -33.94
CA VAL H 466 -47.84 -20.49 -34.98
C VAL H 466 -47.17 -21.27 -36.10
N PRO H 467 -47.49 -20.98 -37.36
CA PRO H 467 -46.83 -21.69 -38.48
C PRO H 467 -45.33 -21.44 -38.49
N LEU H 468 -44.58 -22.48 -38.84
CA LEU H 468 -43.13 -22.38 -38.86
C LEU H 468 -42.65 -21.70 -40.12
N LYS H 469 -41.71 -20.77 -39.98
CA LYS H 469 -41.17 -20.05 -41.13
C LYS H 469 -39.65 -20.13 -41.16
N SER H 470 -39.10 -21.33 -40.99
CA SER H 470 -37.66 -21.55 -41.05
C SER H 470 -37.36 -22.52 -42.18
N ALA H 471 -36.29 -22.23 -42.92
CA ALA H 471 -35.96 -23.01 -44.10
C ALA H 471 -35.02 -24.18 -43.80
N THR H 472 -34.63 -24.36 -42.55
CA THR H 472 -33.74 -25.47 -42.18
C THR H 472 -34.49 -26.74 -41.85
N CYS H 473 -35.83 -26.74 -41.90
CA CYS H 473 -36.63 -27.91 -41.57
C CYS H 473 -36.81 -28.73 -42.83
N ILE H 474 -35.92 -29.69 -43.04
CA ILE H 474 -35.91 -30.52 -44.26
C ILE H 474 -36.99 -31.57 -44.07
N THR H 475 -38.21 -31.26 -44.52
CA THR H 475 -39.33 -32.17 -44.37
C THR H 475 -40.25 -32.03 -45.57
N ARG H 476 -41.14 -33.01 -45.74
CA ARG H 476 -42.05 -33.01 -46.88
C ARG H 476 -43.03 -31.84 -46.82
N CYS H 477 -43.55 -31.52 -45.64
CA CYS H 477 -44.54 -30.46 -45.53
C CYS H 477 -43.94 -29.06 -45.62
N ASN H 478 -42.62 -28.94 -45.61
CA ASN H 478 -41.99 -27.64 -45.84
C ASN H 478 -42.05 -27.22 -47.29
N LEU H 479 -42.26 -28.16 -48.21
CA LEU H 479 -42.46 -27.84 -49.62
C LEU H 479 -43.93 -27.49 -49.87
N GLY H 480 -44.42 -26.45 -49.19
CA GLY H 480 -45.82 -26.09 -49.28
C GLY H 480 -46.07 -24.78 -48.57
N GLY H 481 -47.35 -24.53 -48.31
CA GLY H 481 -47.73 -23.27 -47.67
C GLY H 481 -47.21 -23.15 -46.26
N ALA H 482 -47.34 -24.21 -45.46
CA ALA H 482 -46.91 -24.16 -44.07
C ALA H 482 -46.56 -25.56 -43.59
N VAL H 483 -45.69 -25.61 -42.58
CA VAL H 483 -45.32 -26.87 -41.95
C VAL H 483 -46.42 -27.29 -40.99
N CYS H 484 -46.77 -28.58 -41.02
CA CYS H 484 -47.80 -29.11 -40.14
C CYS H 484 -47.36 -29.02 -38.68
N ARG H 485 -48.34 -28.91 -37.78
CA ARG H 485 -48.06 -28.61 -36.38
C ARG H 485 -47.37 -29.75 -35.63
N HIS H 486 -47.34 -30.96 -36.20
CA HIS H 486 -46.54 -32.03 -35.63
C HIS H 486 -45.06 -31.70 -35.81
N HIS H 487 -44.64 -31.56 -37.07
CA HIS H 487 -43.26 -31.19 -37.35
C HIS H 487 -42.91 -29.80 -36.84
N ALA H 488 -43.91 -28.90 -36.80
CA ALA H 488 -43.66 -27.56 -36.29
C ALA H 488 -43.29 -27.54 -34.82
N ASN H 489 -43.78 -28.49 -34.03
CA ASN H 489 -43.38 -28.58 -32.63
C ASN H 489 -42.17 -29.50 -32.44
N GLU H 490 -42.03 -30.52 -33.29
CA GLU H 490 -40.86 -31.39 -33.19
C GLU H 490 -39.59 -30.65 -33.56
N TYR H 491 -39.66 -29.74 -34.54
CA TYR H 491 -38.53 -28.89 -34.87
C TYR H 491 -38.16 -27.97 -33.72
N ARG H 492 -39.15 -27.44 -33.01
CA ARG H 492 -38.88 -26.61 -31.84
C ARG H 492 -38.22 -27.41 -30.73
N LEU H 493 -38.69 -28.65 -30.53
CA LEU H 493 -38.06 -29.52 -29.53
C LEU H 493 -36.61 -29.82 -29.89
N TYR H 494 -36.34 -30.10 -31.17
CA TYR H 494 -34.98 -30.37 -31.60
C TYR H 494 -34.10 -29.12 -31.52
N LEU H 495 -34.67 -27.94 -31.80
CA LEU H 495 -33.92 -26.70 -31.64
C LEU H 495 -33.55 -26.46 -30.18
N ASP H 496 -34.49 -26.73 -29.27
CA ASP H 496 -34.19 -26.60 -27.85
C ASP H 496 -33.11 -27.58 -27.42
N ALA H 497 -33.18 -28.82 -27.92
CA ALA H 497 -32.15 -29.82 -27.61
C ALA H 497 -30.79 -29.39 -28.13
N TYR H 498 -30.75 -28.87 -29.36
CA TYR H 498 -29.50 -28.42 -29.96
C TYR H 498 -28.90 -27.26 -29.18
N ASN H 499 -29.74 -26.28 -28.81
CA ASN H 499 -29.25 -25.14 -28.05
C ASN H 499 -28.74 -25.55 -26.68
N MET H 500 -29.45 -26.46 -26.00
CA MET H 500 -29.00 -26.95 -24.70
C MET H 500 -27.65 -27.67 -24.84
N MET H 501 -27.53 -28.52 -25.87
CA MET H 501 -26.30 -29.30 -26.05
C MET H 501 -25.11 -28.39 -26.35
N ILE H 502 -25.28 -27.41 -27.24
CA ILE H 502 -24.15 -26.56 -27.59
C ILE H 502 -23.89 -25.50 -26.53
N SER H 503 -24.85 -25.23 -25.64
CA SER H 503 -24.57 -24.38 -24.49
C SER H 503 -23.85 -25.15 -23.39
N ALA H 504 -24.08 -26.47 -23.31
CA ALA H 504 -23.40 -27.30 -22.32
C ALA H 504 -21.91 -27.45 -22.59
N GLY H 505 -21.44 -27.08 -23.77
CA GLY H 505 -20.02 -27.16 -24.12
C GLY H 505 -19.69 -28.10 -25.25
N PHE H 506 -20.68 -28.72 -25.89
CA PHE H 506 -20.40 -29.66 -26.96
C PHE H 506 -20.31 -28.94 -28.30
N SER H 507 -19.26 -29.25 -29.06
CA SER H 507 -19.03 -28.68 -30.38
C SER H 507 -19.13 -29.79 -31.42
N LEU H 508 -19.88 -29.51 -32.48
CA LEU H 508 -20.14 -30.49 -33.53
C LEU H 508 -19.39 -30.10 -34.80
N TRP H 509 -18.68 -31.06 -35.38
CA TRP H 509 -17.90 -30.85 -36.58
C TRP H 509 -18.24 -31.94 -37.59
N VAL H 510 -18.19 -31.59 -38.87
CA VAL H 510 -18.49 -32.52 -39.95
C VAL H 510 -17.46 -32.33 -41.04
N TYR H 511 -17.28 -33.37 -41.86
CA TYR H 511 -16.40 -33.27 -43.03
C TYR H 511 -16.84 -32.15 -43.95
N LYS H 512 -15.88 -31.54 -44.65
CA LYS H 512 -16.12 -30.27 -45.33
C LYS H 512 -17.07 -30.41 -46.52
N GLN H 513 -17.22 -31.61 -47.06
CA GLN H 513 -18.09 -31.79 -48.22
C GLN H 513 -19.54 -32.11 -47.83
N PHE H 514 -19.91 -31.93 -46.57
CA PHE H 514 -21.30 -32.12 -46.16
C PHE H 514 -22.16 -30.99 -46.69
N ASP H 515 -23.33 -31.34 -47.23
CA ASP H 515 -24.30 -30.36 -47.70
C ASP H 515 -25.70 -30.91 -47.49
N THR H 516 -26.64 -30.03 -47.15
CA THR H 516 -28.00 -30.45 -46.86
C THR H 516 -28.83 -30.67 -48.12
N TYR H 517 -28.38 -30.16 -49.28
CA TYR H 517 -29.18 -30.23 -50.49
C TYR H 517 -29.38 -31.68 -50.95
N ASN H 518 -28.39 -32.55 -50.71
CA ASN H 518 -28.54 -33.96 -51.05
C ASN H 518 -29.68 -34.60 -50.27
N LEU H 519 -30.00 -34.08 -49.09
CA LEU H 519 -31.17 -34.56 -48.36
C LEU H 519 -32.45 -34.16 -49.05
N TRP H 520 -32.47 -32.97 -49.66
CA TRP H 520 -33.70 -32.43 -50.25
C TRP H 520 -34.14 -33.25 -51.45
N ASN H 521 -33.23 -33.98 -52.08
CA ASN H 521 -33.59 -34.85 -53.19
C ASN H 521 -34.18 -36.18 -52.73
N THR H 522 -34.19 -36.44 -51.42
CA THR H 522 -34.72 -37.71 -50.92
C THR H 522 -36.23 -37.82 -51.13
N PHE H 523 -36.96 -36.71 -50.96
CA PHE H 523 -38.41 -36.72 -51.11
C PHE H 523 -38.81 -36.89 -52.57
N ALA I 1 28.45 0.36 24.22
CA ALA I 1 29.52 0.97 24.99
C ALA I 1 29.35 0.67 26.47
N GLY I 2 30.41 0.89 27.25
CA GLY I 2 30.36 0.66 28.67
C GLY I 2 30.53 -0.81 29.02
N ASN I 3 30.64 -1.07 30.31
CA ASN I 3 30.86 -2.42 30.84
C ASN I 3 29.65 -2.81 31.67
N ALA I 4 29.02 -3.93 31.31
CA ALA I 4 27.89 -4.44 32.07
C ALA I 4 28.36 -4.97 33.41
N THR I 5 27.61 -4.63 34.47
CA THR I 5 28.03 -4.91 35.84
C THR I 5 27.04 -5.73 36.65
N GLU I 6 25.90 -6.14 36.08
CA GLU I 6 24.86 -6.80 36.86
C GLU I 6 24.32 -8.00 36.10
N VAL I 7 23.82 -8.98 36.84
CA VAL I 7 23.27 -10.20 36.26
C VAL I 7 21.76 -10.06 36.10
N PRO I 8 21.15 -10.74 35.12
CA PRO I 8 19.69 -10.63 34.92
C PRO I 8 18.85 -11.08 36.10
N ALA I 9 19.33 -12.05 36.89
CA ALA I 9 18.57 -12.54 38.03
C ALA I 9 18.37 -11.48 39.11
N ASN I 10 19.18 -10.42 39.11
CA ASN I 10 19.01 -9.32 40.03
C ASN I 10 18.17 -8.19 39.44
N SER I 11 17.62 -8.36 38.24
CA SER I 11 16.98 -7.25 37.55
C SER I 11 15.68 -6.81 38.23
N THR I 12 14.95 -7.77 38.83
CA THR I 12 13.67 -7.44 39.43
C THR I 12 13.86 -6.65 40.73
N VAL I 13 14.54 -7.24 41.71
CA VAL I 13 14.63 -6.63 43.04
C VAL I 13 15.34 -5.29 42.98
N LEU I 14 16.40 -5.19 42.17
CA LEU I 14 17.11 -3.93 42.06
C LEU I 14 16.27 -2.88 41.37
N SER I 15 15.35 -3.30 40.50
CA SER I 15 14.40 -2.34 39.94
C SER I 15 13.35 -1.95 40.97
N PHE I 16 13.05 -2.87 41.89
CA PHE I 16 12.06 -2.60 42.93
C PHE I 16 12.62 -1.60 43.94
N CYS I 17 13.71 -1.97 44.61
CA CYS I 17 14.24 -1.16 45.71
C CYS I 17 14.79 0.19 45.23
N ALA I 18 15.08 0.32 43.94
CA ALA I 18 15.49 1.62 43.42
C ALA I 18 14.33 2.61 43.43
N PHE I 19 13.11 2.14 43.16
CA PHE I 19 11.96 3.04 43.11
C PHE I 19 11.28 3.21 44.47
N ALA I 20 11.59 2.36 45.44
CA ALA I 20 10.87 2.38 46.69
C ALA I 20 11.31 3.56 47.57
N VAL I 21 10.36 4.09 48.34
CA VAL I 21 10.68 5.12 49.31
C VAL I 21 11.61 4.55 50.39
N ASP I 22 11.29 3.35 50.89
CA ASP I 22 12.05 2.68 51.94
C ASP I 22 12.60 1.39 51.34
N ALA I 23 13.88 1.42 50.95
CA ALA I 23 14.48 0.27 50.29
C ALA I 23 14.72 -0.88 51.25
N ALA I 24 15.07 -0.59 52.51
CA ALA I 24 15.27 -1.65 53.49
C ALA I 24 14.00 -2.43 53.77
N LYS I 25 12.87 -1.75 53.93
CA LYS I 25 11.57 -2.39 54.06
C LYS I 25 11.16 -3.14 52.80
N ALA I 26 11.45 -2.54 51.64
CA ALA I 26 11.08 -3.16 50.37
C ALA I 26 11.83 -4.46 50.15
N TYR I 27 13.11 -4.51 50.52
CA TYR I 27 13.89 -5.73 50.36
C TYR I 27 13.36 -6.84 51.26
N LYS I 28 13.03 -6.51 52.51
CA LYS I 28 12.52 -7.52 53.44
C LYS I 28 11.15 -8.02 53.00
N ASP I 29 10.31 -7.13 52.47
CA ASP I 29 9.00 -7.55 51.97
C ASP I 29 9.13 -8.36 50.69
N TYR I 30 10.16 -8.07 49.88
CA TYR I 30 10.43 -8.88 48.69
C TYR I 30 10.88 -10.28 49.09
N LEU I 31 11.73 -10.38 50.12
CA LEU I 31 12.16 -11.69 50.60
C LEU I 31 11.01 -12.46 51.21
N ALA I 32 10.15 -11.78 51.96
CA ALA I 32 9.06 -12.45 52.67
C ALA I 32 7.96 -12.93 51.73
N SER I 33 7.95 -12.50 50.48
CA SER I 33 6.95 -12.93 49.51
C SER I 33 7.47 -14.00 48.56
N GLY I 34 8.61 -14.61 48.87
CA GLY I 34 9.15 -15.68 48.06
C GLY I 34 10.23 -15.30 47.08
N GLY I 35 10.72 -14.07 47.13
CA GLY I 35 11.76 -13.65 46.21
C GLY I 35 13.13 -14.14 46.66
N GLN I 36 14.01 -14.32 45.68
CA GLN I 36 15.37 -14.76 45.95
C GLN I 36 16.25 -13.57 46.35
N PRO I 37 17.28 -13.80 47.14
CA PRO I 37 18.14 -12.70 47.58
C PRO I 37 19.00 -12.15 46.45
N ILE I 38 19.83 -11.17 46.80
CA ILE I 38 20.72 -10.55 45.84
C ILE I 38 21.94 -11.45 45.63
N THR I 39 22.26 -11.74 44.37
CA THR I 39 23.42 -12.54 44.03
C THR I 39 24.57 -11.63 43.59
N ASN I 40 25.61 -12.26 43.04
CA ASN I 40 26.73 -11.61 42.37
C ASN I 40 27.54 -10.73 43.31
N CYS I 41 27.62 -11.07 44.59
CA CYS I 41 28.48 -10.34 45.50
C CYS I 41 29.92 -10.78 45.36
N VAL I 42 30.84 -9.92 45.76
CA VAL I 42 32.25 -10.25 45.75
C VAL I 42 32.61 -10.99 47.03
N LYS I 43 33.21 -12.16 46.88
CA LYS I 43 33.56 -13.02 48.02
C LYS I 43 35.07 -13.16 48.08
N MET I 44 35.63 -12.91 49.26
CA MET I 44 37.07 -12.91 49.42
C MET I 44 37.60 -14.31 49.73
N LEU I 45 38.87 -14.51 49.41
CA LEU I 45 39.56 -15.76 49.70
C LEU I 45 40.66 -15.48 50.71
N CYS I 46 40.68 -16.25 51.80
CA CYS I 46 41.63 -16.01 52.88
C CYS I 46 41.85 -17.32 53.64
N THR I 47 42.73 -17.25 54.64
CA THR I 47 43.06 -18.43 55.45
C THR I 47 42.09 -18.64 56.60
N HIS I 48 41.10 -17.75 56.78
CA HIS I 48 40.10 -17.82 57.85
C HIS I 48 40.75 -17.83 59.23
N THR I 49 41.85 -17.10 59.40
CA THR I 49 42.55 -17.00 60.67
C THR I 49 42.63 -15.54 61.14
N GLY I 50 41.61 -14.75 60.83
CA GLY I 50 41.58 -13.35 61.17
C GLY I 50 41.03 -13.09 62.56
N THR I 51 40.89 -11.80 62.87
CA THR I 51 40.37 -11.39 64.16
C THR I 51 38.88 -11.66 64.32
N GLY I 52 38.09 -11.49 63.26
CA GLY I 52 36.67 -11.72 63.32
C GLY I 52 35.82 -10.48 63.48
N GLN I 53 36.40 -9.29 63.32
CA GLN I 53 35.64 -8.06 63.46
C GLN I 53 34.66 -7.92 62.30
N ALA I 54 33.60 -7.12 62.54
CA ALA I 54 32.53 -7.00 61.57
C ALA I 54 33.01 -6.30 60.29
N ILE I 55 33.66 -5.15 60.44
CA ILE I 55 34.19 -4.41 59.30
C ILE I 55 35.67 -4.12 59.57
N THR I 56 36.51 -4.44 58.58
CA THR I 56 37.95 -4.29 58.70
C THR I 56 38.53 -3.74 57.41
N VAL I 57 39.75 -3.18 57.52
CA VAL I 57 40.49 -2.71 56.37
C VAL I 57 40.94 -3.87 55.48
N THR I 58 41.28 -5.00 56.09
CA THR I 58 41.78 -6.18 55.40
C THR I 58 40.87 -7.36 55.75
N PRO I 59 40.81 -8.38 54.89
CA PRO I 59 40.01 -9.57 55.23
C PRO I 59 40.50 -10.22 56.52
N GLU I 60 39.62 -10.28 57.51
CA GLU I 60 39.96 -10.78 58.84
C GLU I 60 38.87 -11.71 59.37
N ALA I 61 38.39 -12.64 58.55
CA ALA I 61 37.29 -13.50 58.97
C ALA I 61 37.78 -14.57 59.94
N ASN I 62 36.85 -15.05 60.77
CA ASN I 62 37.12 -16.17 61.65
C ASN I 62 36.94 -17.50 60.91
N MET I 63 36.93 -18.58 61.68
CA MET I 63 36.77 -19.91 61.09
C MET I 63 35.36 -20.11 60.54
N ASP I 64 34.36 -19.51 61.17
CA ASP I 64 32.97 -19.66 60.76
C ASP I 64 32.46 -18.45 59.97
N GLN I 65 33.34 -17.54 59.57
CA GLN I 65 32.95 -16.34 58.83
C GLN I 65 33.62 -16.33 57.47
N GLU I 66 32.94 -15.71 56.51
CA GLU I 66 33.47 -15.47 55.18
C GLU I 66 33.53 -13.96 54.95
N SER I 67 34.60 -13.49 54.34
CA SER I 67 34.73 -12.06 54.08
C SER I 67 34.17 -11.73 52.71
N PHE I 68 33.46 -10.61 52.64
CA PHE I 68 32.96 -10.04 51.41
C PHE I 68 33.46 -8.61 51.30
N GLY I 69 33.50 -8.10 50.08
CA GLY I 69 33.74 -6.69 49.87
C GLY I 69 32.56 -5.88 50.36
N GLY I 70 32.82 -4.78 51.07
CA GLY I 70 31.75 -4.05 51.73
C GLY I 70 30.79 -3.37 50.79
N ALA I 71 31.25 -3.05 49.57
CA ALA I 71 30.38 -2.36 48.63
C ALA I 71 29.28 -3.27 48.10
N SER I 72 29.52 -4.58 48.09
CA SER I 72 28.55 -5.52 47.55
C SER I 72 27.51 -5.98 48.57
N CYS I 73 27.71 -5.69 49.85
CA CYS I 73 26.75 -6.10 50.87
C CYS I 73 25.87 -4.96 51.34
N CYS I 74 26.19 -3.73 50.94
CA CYS I 74 25.31 -2.60 51.19
C CYS I 74 24.22 -2.55 50.13
N LEU I 75 22.95 -2.52 50.55
CA LEU I 75 21.85 -2.51 49.61
C LEU I 75 21.86 -1.24 48.76
N TYR I 76 22.18 -0.10 49.37
CA TYR I 76 22.11 1.17 48.67
C TYR I 76 23.24 1.31 47.64
N CYS I 77 24.40 0.71 47.91
CA CYS I 77 25.46 0.69 46.91
C CYS I 77 25.10 -0.17 45.72
N ARG I 78 24.27 -1.20 45.91
CA ARG I 78 23.76 -2.04 44.83
C ARG I 78 22.67 -1.35 44.04
N CYS I 79 21.79 -0.61 44.71
CA CYS I 79 20.70 0.09 44.06
C CYS I 79 21.06 1.50 43.62
N HIS I 80 22.23 2.00 44.03
CA HIS I 80 22.73 3.34 43.68
C HIS I 80 21.74 4.43 44.11
N ILE I 81 21.41 4.41 45.39
CA ILE I 81 20.44 5.33 45.97
C ILE I 81 21.06 5.99 47.20
N ASP I 82 20.26 6.86 47.84
CA ASP I 82 20.76 7.65 48.96
C ASP I 82 20.92 6.80 50.21
N HIS I 83 22.08 6.92 50.85
CA HIS I 83 22.27 6.29 52.15
C HIS I 83 21.55 7.09 53.23
N PRO I 84 20.85 6.43 54.16
CA PRO I 84 20.24 7.16 55.28
C PRO I 84 21.20 7.52 56.39
N ASN I 85 22.51 7.38 56.16
CA ASN I 85 23.52 7.75 57.15
C ASN I 85 23.52 9.26 57.36
N PRO I 86 24.04 9.73 58.51
CA PRO I 86 23.94 11.17 58.83
C PRO I 86 24.56 12.11 57.81
N LYS I 87 25.62 11.69 57.12
CA LYS I 87 26.24 12.53 56.09
C LYS I 87 26.15 11.89 54.71
N GLY I 88 25.46 10.77 54.56
CA GLY I 88 25.35 10.11 53.28
C GLY I 88 26.52 9.24 52.92
N PHE I 89 27.52 9.14 53.78
CA PHE I 89 28.65 8.24 53.55
C PHE I 89 28.25 6.81 53.82
N CYS I 90 29.08 5.87 53.37
CA CYS I 90 28.86 4.45 53.58
C CYS I 90 29.87 3.92 54.59
N ASP I 91 29.40 3.05 55.48
CA ASP I 91 30.29 2.45 56.46
C ASP I 91 30.93 1.16 55.94
N LEU I 92 30.20 0.40 55.11
CA LEU I 92 30.75 -0.83 54.55
C LEU I 92 31.73 -0.58 53.42
N LYS I 93 31.47 0.40 52.56
CA LYS I 93 32.32 0.63 51.40
C LYS I 93 33.69 1.12 51.82
N GLY I 94 34.73 0.61 51.16
CA GLY I 94 36.09 0.85 51.59
C GLY I 94 36.56 -0.07 52.70
N LYS I 95 35.71 -1.01 53.13
CA LYS I 95 36.05 -1.96 54.18
C LYS I 95 35.63 -3.36 53.73
N TYR I 96 36.09 -4.36 54.47
CA TYR I 96 35.70 -5.75 54.26
C TYR I 96 34.75 -6.17 55.37
N VAL I 97 33.65 -6.82 54.99
CA VAL I 97 32.59 -7.18 55.93
C VAL I 97 32.64 -8.68 56.17
N GLN I 98 32.39 -9.10 57.41
CA GLN I 98 32.43 -10.50 57.78
C GLN I 98 31.01 -11.02 57.92
N ILE I 99 30.65 -12.02 57.12
CA ILE I 99 29.32 -12.62 57.13
C ILE I 99 29.45 -14.03 57.68
N PRO I 100 28.63 -14.43 58.64
CA PRO I 100 28.64 -15.83 59.10
C PRO I 100 28.29 -16.79 57.97
N THR I 101 28.86 -18.00 58.04
CA THR I 101 28.76 -18.96 56.94
C THR I 101 27.31 -19.36 56.68
N THR I 102 26.53 -19.55 57.75
CA THR I 102 25.12 -19.90 57.59
C THR I 102 24.31 -18.78 56.97
N CYS I 103 24.73 -17.53 57.14
CA CYS I 103 24.04 -16.38 56.56
C CYS I 103 24.66 -15.92 55.24
N ALA I 104 25.61 -16.66 54.70
CA ALA I 104 26.30 -16.24 53.49
C ALA I 104 25.43 -16.28 52.24
N ASN I 105 24.25 -16.91 52.32
CA ASN I 105 23.35 -16.92 51.17
C ASN I 105 22.78 -15.54 50.87
N ASP I 106 22.51 -14.74 51.90
CA ASP I 106 21.97 -13.39 51.74
C ASP I 106 22.83 -12.42 52.53
N PRO I 107 24.00 -12.04 51.99
CA PRO I 107 24.85 -11.09 52.72
C PRO I 107 24.28 -9.69 52.78
N VAL I 108 23.44 -9.31 51.83
CA VAL I 108 22.83 -7.97 51.85
C VAL I 108 21.81 -7.88 52.98
N GLY I 109 20.98 -8.90 53.12
CA GLY I 109 19.98 -8.90 54.17
C GLY I 109 20.59 -8.95 55.55
N PHE I 110 21.71 -9.68 55.70
CA PHE I 110 22.37 -9.76 57.00
C PHE I 110 22.88 -8.40 57.43
N THR I 111 23.48 -7.64 56.49
CA THR I 111 23.94 -6.30 56.81
C THR I 111 22.78 -5.34 57.05
N LEU I 112 21.65 -5.52 56.38
CA LEU I 112 20.49 -4.70 56.69
C LEU I 112 19.95 -4.95 58.09
N LYS I 113 19.72 -6.23 58.44
CA LYS I 113 19.04 -6.57 59.67
C LYS I 113 19.93 -6.39 60.90
N ASN I 114 21.18 -6.83 60.83
CA ASN I 114 22.03 -6.91 62.00
C ASN I 114 22.73 -5.58 62.28
N THR I 115 23.38 -5.52 63.44
CA THR I 115 24.11 -4.33 63.86
C THR I 115 25.42 -4.77 64.50
N VAL I 116 26.30 -3.80 64.74
CA VAL I 116 27.64 -4.05 65.24
C VAL I 116 27.73 -3.52 66.68
N CYS I 117 28.70 -4.04 67.43
CA CYS I 117 28.94 -3.60 68.80
C CYS I 117 30.10 -2.60 68.80
N THR I 118 29.86 -1.39 69.29
CA THR I 118 30.83 -0.32 69.16
C THR I 118 32.04 -0.49 70.07
N VAL I 119 31.91 -1.26 71.16
CA VAL I 119 33.00 -1.42 72.11
C VAL I 119 33.78 -2.71 71.91
N CYS I 120 33.36 -3.56 70.97
CA CYS I 120 34.08 -4.80 70.70
C CYS I 120 34.42 -4.92 69.22
N GLY I 121 33.58 -4.34 68.36
CA GLY I 121 33.86 -4.30 66.94
C GLY I 121 33.36 -5.48 66.14
N MET I 122 32.42 -6.26 66.66
CA MET I 122 31.90 -7.41 65.93
C MET I 122 30.38 -7.47 66.10
N TRP I 123 29.77 -8.40 65.38
CA TRP I 123 28.32 -8.46 65.28
C TRP I 123 27.68 -8.83 66.62
N LYS I 124 26.57 -8.17 66.93
CA LYS I 124 25.82 -8.51 68.13
C LYS I 124 25.05 -9.81 67.92
N GLY I 125 25.19 -10.74 68.87
CA GLY I 125 24.45 -11.98 68.82
C GLY I 125 25.08 -13.04 67.94
N TYR I 126 26.04 -12.64 67.11
CA TYR I 126 26.70 -13.54 66.19
C TYR I 126 28.19 -13.68 66.47
N GLY I 127 28.60 -13.61 67.72
CA GLY I 127 30.00 -13.82 68.06
C GLY I 127 30.55 -12.91 69.14
N CYS I 128 29.83 -11.83 69.45
CA CYS I 128 30.31 -10.87 70.44
C CYS I 128 30.16 -11.46 71.84
N SER I 129 31.25 -11.44 72.61
CA SER I 129 31.28 -12.11 73.91
C SER I 129 30.99 -11.18 75.08
N CYS I 130 30.80 -9.87 74.84
CA CYS I 130 30.57 -8.95 75.93
C CYS I 130 29.17 -9.06 76.53
N ASP I 131 28.23 -9.66 75.80
CA ASP I 131 26.87 -9.84 76.31
C ASP I 131 26.64 -11.26 76.79
N GLU J 2 23.41 -14.10 27.03
CA GLU J 2 24.54 -13.83 27.92
C GLU J 2 24.03 -13.36 29.28
N ASN J 3 24.78 -13.69 30.33
CA ASN J 3 24.34 -13.39 31.69
C ASN J 3 24.72 -11.98 32.13
N VAL J 4 24.35 -10.98 31.33
CA VAL J 4 24.59 -9.58 31.67
C VAL J 4 23.33 -8.77 31.33
N THR J 5 23.22 -7.61 31.98
CA THR J 5 22.17 -6.64 31.70
C THR J 5 22.73 -5.24 31.64
N GLY J 6 22.05 -4.38 30.88
CA GLY J 6 22.44 -2.98 30.82
C GLY J 6 21.99 -2.15 31.99
N LEU J 7 21.21 -2.74 32.90
CA LEU J 7 20.85 -2.04 34.13
C LEU J 7 22.07 -1.89 35.02
N PHE J 8 22.25 -0.67 35.55
CA PHE J 8 23.40 -0.30 36.38
C PHE J 8 24.73 -0.53 35.66
N LYS J 9 24.76 -0.32 34.35
CA LYS J 9 25.97 -0.47 33.57
C LYS J 9 26.96 0.64 33.89
N ASP J 10 28.24 0.28 33.97
CA ASP J 10 29.30 1.26 34.18
C ASP J 10 29.67 1.90 32.84
N CYS J 11 29.43 3.19 32.71
CA CYS J 11 29.68 3.91 31.47
C CYS J 11 30.98 4.70 31.48
N SER J 12 31.77 4.60 32.55
CA SER J 12 33.00 5.37 32.65
C SER J 12 34.04 4.86 31.65
N LYS J 13 34.96 5.76 31.28
CA LYS J 13 35.97 5.46 30.27
C LYS J 13 37.27 4.93 30.85
N VAL J 14 37.32 4.65 32.15
CA VAL J 14 38.50 4.05 32.74
C VAL J 14 38.64 2.60 32.25
N ILE J 15 39.83 2.25 31.79
CA ILE J 15 40.05 0.93 31.20
C ILE J 15 40.05 -0.16 32.27
N THR J 16 40.33 0.20 33.52
CA THR J 16 40.44 -0.77 34.60
C THR J 16 39.15 -0.81 35.42
N GLY J 17 38.99 -1.89 36.18
CA GLY J 17 37.85 -2.05 37.05
C GLY J 17 38.05 -1.38 38.39
N LEU J 18 37.27 -1.85 39.36
CA LEU J 18 37.31 -1.31 40.72
C LEU J 18 37.93 -2.31 41.69
N HIS J 19 38.33 -1.78 42.84
CA HIS J 19 38.91 -2.59 43.89
C HIS J 19 37.85 -3.52 44.49
N PRO J 20 38.25 -4.68 45.03
CA PRO J 20 37.27 -5.57 45.69
C PRO J 20 36.50 -4.92 46.82
N THR J 21 37.10 -3.92 47.49
CA THR J 21 36.43 -3.25 48.62
C THR J 21 35.60 -2.08 48.13
N GLN J 22 35.63 -1.80 46.82
CA GLN J 22 34.83 -0.73 46.25
C GLN J 22 33.89 -1.16 45.14
N ALA J 23 34.15 -2.28 44.48
CA ALA J 23 33.31 -2.70 43.36
C ALA J 23 31.95 -3.17 43.87
N PRO J 24 30.85 -2.65 43.33
CA PRO J 24 29.52 -3.07 43.82
C PRO J 24 29.17 -4.51 43.50
N THR J 25 29.62 -5.06 42.37
CA THR J 25 29.30 -6.44 42.02
C THR J 25 30.57 -7.19 41.65
N HIS J 26 30.41 -8.47 41.33
CA HIS J 26 31.55 -9.28 40.94
C HIS J 26 31.99 -8.97 39.52
N LEU J 27 31.08 -8.51 38.67
CA LEU J 27 31.45 -8.10 37.32
C LEU J 27 32.09 -6.73 37.28
N SER J 28 32.12 -6.00 38.40
CA SER J 28 32.72 -4.68 38.47
C SER J 28 34.15 -4.69 39.00
N VAL J 29 34.59 -5.81 39.59
CA VAL J 29 35.92 -5.87 40.18
C VAL J 29 36.95 -6.02 39.06
N ASP J 30 38.17 -5.54 39.32
CA ASP J 30 39.21 -5.55 38.31
C ASP J 30 39.71 -6.97 38.07
N THR J 31 40.28 -7.18 36.88
CA THR J 31 40.75 -8.51 36.49
C THR J 31 41.97 -8.94 37.31
N LYS J 32 42.76 -7.99 37.81
CA LYS J 32 43.97 -8.34 38.56
C LYS J 32 43.64 -9.00 39.89
N PHE J 33 42.41 -8.84 40.39
CA PHE J 33 42.05 -9.36 41.70
C PHE J 33 41.34 -10.70 41.65
N LYS J 34 40.77 -11.07 40.50
CA LYS J 34 40.05 -12.33 40.41
C LYS J 34 40.99 -13.52 40.47
N THR J 35 40.59 -14.55 41.20
CA THR J 35 41.40 -15.76 41.33
C THR J 35 40.46 -16.93 41.65
N GLU J 36 40.35 -17.88 40.71
CA GLU J 36 39.54 -19.09 40.88
C GLU J 36 38.08 -18.76 41.17
N GLY J 37 37.57 -17.69 40.57
CA GLY J 37 36.20 -17.27 40.77
C GLY J 37 35.95 -16.36 41.95
N LEU J 38 36.90 -16.26 42.87
CA LEU J 38 36.82 -15.35 44.00
C LEU J 38 37.72 -14.14 43.73
N CYS J 39 37.86 -13.29 44.76
CA CYS J 39 38.76 -12.16 44.71
C CYS J 39 39.70 -12.21 45.90
N VAL J 40 40.98 -11.89 45.66
CA VAL J 40 42.03 -11.98 46.66
C VAL J 40 42.59 -10.58 46.89
N ASP J 41 42.67 -10.18 48.16
CA ASP J 41 43.18 -8.86 48.50
C ASP J 41 44.67 -8.77 48.19
N ILE J 42 45.04 -7.81 47.35
CA ILE J 42 46.43 -7.58 46.97
C ILE J 42 46.87 -6.25 47.59
N PRO J 43 47.81 -6.26 48.53
CA PRO J 43 48.25 -4.99 49.14
C PRO J 43 48.94 -4.04 48.17
N GLY J 44 49.44 -4.54 47.04
CA GLY J 44 50.19 -3.72 46.10
C GLY J 44 49.37 -2.78 45.26
N ILE J 45 48.05 -2.90 45.26
CA ILE J 45 47.19 -2.01 44.47
C ILE J 45 46.30 -1.22 45.43
N PRO J 46 46.63 0.03 45.74
CA PRO J 46 45.75 0.83 46.59
C PRO J 46 44.44 1.14 45.90
N LYS J 47 43.38 1.26 46.70
CA LYS J 47 42.06 1.56 46.17
C LYS J 47 42.00 3.00 45.68
N ASP J 48 41.18 3.24 44.66
CA ASP J 48 41.03 4.58 44.10
C ASP J 48 40.14 5.41 45.02
N MET J 49 40.51 6.67 45.22
CA MET J 49 39.78 7.58 46.11
C MET J 49 39.31 8.84 45.38
N THR J 50 39.48 8.90 44.06
CA THR J 50 39.11 10.08 43.30
C THR J 50 38.32 9.78 42.04
N TYR J 51 37.94 8.53 41.79
CA TYR J 51 37.25 8.17 40.56
C TYR J 51 35.82 8.68 40.54
N ARG J 52 35.29 8.86 39.34
CA ARG J 52 33.89 9.17 39.10
C ARG J 52 33.41 8.30 37.95
N ARG J 53 32.40 7.47 38.22
CA ARG J 53 31.92 6.49 37.24
C ARG J 53 30.42 6.68 37.05
N LEU J 54 30.01 6.96 35.82
CA LEU J 54 28.60 7.13 35.52
C LEU J 54 27.91 5.78 35.47
N ILE J 55 26.69 5.71 35.98
CA ILE J 55 25.92 4.49 36.07
C ILE J 55 24.68 4.63 35.20
N SER J 56 24.42 3.62 34.38
CA SER J 56 23.27 3.63 33.47
C SER J 56 22.01 3.26 34.23
N MET J 57 20.95 4.07 34.06
CA MET J 57 19.64 3.79 34.63
C MET J 57 18.69 3.22 33.59
N MET J 58 19.20 2.43 32.66
CA MET J 58 18.41 1.91 31.55
C MET J 58 18.29 0.40 31.66
N GLY J 59 17.06 -0.09 31.56
CA GLY J 59 16.80 -1.51 31.65
C GLY J 59 16.07 -1.95 32.90
N PHE J 60 15.20 -1.09 33.44
CA PHE J 60 14.40 -1.45 34.60
C PHE J 60 13.37 -2.50 34.23
N LYS J 61 13.02 -3.34 35.20
CA LYS J 61 12.00 -4.39 35.04
C LYS J 61 11.05 -4.33 36.22
N MET J 62 9.91 -3.67 36.04
CA MET J 62 8.97 -3.50 37.14
C MET J 62 7.95 -4.63 37.16
N ASN J 63 8.45 -5.87 37.25
CA ASN J 63 7.61 -7.06 37.28
C ASN J 63 7.65 -7.75 38.65
N TYR J 64 7.84 -6.96 39.70
CA TYR J 64 7.86 -7.49 41.05
C TYR J 64 6.45 -7.97 41.45
N GLN J 65 6.42 -9.03 42.26
CA GLN J 65 5.18 -9.54 42.84
C GLN J 65 5.37 -9.58 44.36
N VAL J 66 5.10 -8.45 45.01
CA VAL J 66 5.25 -8.30 46.45
C VAL J 66 3.87 -8.17 47.05
N ASN J 67 3.69 -8.67 48.27
CA ASN J 67 2.36 -8.92 48.80
C ASN J 67 1.57 -7.64 49.06
N GLY J 68 2.16 -6.67 49.76
CA GLY J 68 1.46 -5.46 50.11
C GLY J 68 1.70 -4.26 49.21
N TYR J 69 2.22 -4.47 48.00
CA TYR J 69 2.60 -3.39 47.12
C TYR J 69 1.75 -3.42 45.85
N PRO J 70 1.17 -2.29 45.45
CA PRO J 70 0.45 -2.26 44.17
C PRO J 70 1.41 -2.38 42.99
N ASN J 71 0.90 -2.94 41.90
CA ASN J 71 1.71 -3.11 40.70
C ASN J 71 1.57 -1.90 39.79
N MET J 72 2.70 -1.44 39.27
CA MET J 72 2.72 -0.21 38.47
C MET J 72 2.03 -0.43 37.13
N PHE J 73 2.28 -1.55 36.46
CA PHE J 73 1.66 -1.83 35.19
C PHE J 73 0.33 -2.56 35.40
N ILE J 74 -0.71 -2.10 34.73
CA ILE J 74 -2.06 -2.60 34.93
C ILE J 74 -2.59 -3.16 33.62
N THR J 75 -3.69 -3.90 33.72
CA THR J 75 -4.32 -4.49 32.55
C THR J 75 -5.14 -3.44 31.80
N ARG J 76 -5.58 -3.82 30.59
CA ARG J 76 -6.30 -2.87 29.75
C ARG J 76 -7.69 -2.57 30.30
N GLU J 77 -8.31 -3.54 30.97
CA GLU J 77 -9.63 -3.32 31.53
C GLU J 77 -9.61 -2.28 32.65
N GLU J 78 -8.57 -2.32 33.50
CA GLU J 78 -8.44 -1.32 34.54
C GLU J 78 -8.15 0.07 33.96
N ALA J 79 -7.40 0.13 32.86
CA ALA J 79 -7.18 1.41 32.18
C ALA J 79 -8.49 1.95 31.59
N ILE J 80 -9.31 1.06 31.02
CA ILE J 80 -10.61 1.49 30.51
C ILE J 80 -11.48 2.01 31.65
N ARG J 81 -11.39 1.35 32.82
CA ARG J 81 -12.09 1.84 33.99
C ARG J 81 -11.60 3.22 34.42
N HIS J 82 -10.30 3.47 34.35
CA HIS J 82 -9.70 4.71 34.84
C HIS J 82 -9.25 5.64 33.72
N VAL J 83 -9.98 5.62 32.60
CA VAL J 83 -9.73 6.53 31.47
C VAL J 83 -9.73 8.00 31.88
N ARG J 84 -10.42 8.37 32.96
CA ARG J 84 -10.35 9.76 33.41
C ARG J 84 -8.98 10.14 33.94
N ALA J 85 -8.17 9.16 34.31
CA ALA J 85 -6.83 9.40 34.85
C ALA J 85 -5.73 9.28 33.80
N TRP J 86 -6.07 9.08 32.54
CA TRP J 86 -5.07 8.87 31.50
C TRP J 86 -4.32 10.16 31.22
N ILE J 87 -2.99 10.12 31.36
CA ILE J 87 -2.11 11.19 30.94
C ILE J 87 -1.04 10.56 30.04
N GLY J 88 -1.02 10.97 28.78
CA GLY J 88 0.06 10.54 27.90
C GLY J 88 1.39 11.10 28.37
N PHE J 89 2.46 10.37 28.08
CA PHE J 89 3.78 10.74 28.58
C PHE J 89 4.84 10.30 27.59
N ASP J 90 5.73 11.23 27.23
CA ASP J 90 6.86 10.92 26.36
C ASP J 90 8.10 11.65 26.86
N VAL J 91 9.26 11.10 26.54
CA VAL J 91 10.55 11.71 26.90
C VAL J 91 11.45 11.70 25.67
N GLU J 92 12.08 12.84 25.41
CA GLU J 92 13.17 12.94 24.44
C GLU J 92 14.48 13.12 25.21
N GLY J 93 15.51 12.40 24.80
CA GLY J 93 16.73 12.29 25.58
C GLY J 93 17.95 12.82 24.85
N CYS J 94 19.07 12.80 25.57
CA CYS J 94 20.38 13.21 25.08
C CYS J 94 21.42 12.19 25.52
N HIS J 95 22.53 12.13 24.78
CA HIS J 95 23.52 11.09 24.95
C HIS J 95 24.71 11.60 25.76
N ALA J 96 25.20 10.77 26.68
CA ALA J 96 26.41 11.12 27.41
C ALA J 96 27.63 11.00 26.49
N THR J 97 28.45 12.04 26.47
CA THR J 97 29.50 12.08 25.46
C THR J 97 30.95 12.18 25.96
N ARG J 98 31.26 13.09 26.88
CA ARG J 98 32.67 13.43 27.11
C ARG J 98 33.35 12.46 28.07
N GLU J 99 32.93 12.45 29.33
CA GLU J 99 33.59 11.61 30.33
C GLU J 99 33.01 10.21 30.39
N ALA J 100 31.86 9.98 29.76
CA ALA J 100 31.22 8.68 29.80
C ALA J 100 30.38 8.51 28.54
N VAL J 101 30.37 7.29 28.02
CA VAL J 101 29.58 6.92 26.85
C VAL J 101 28.86 5.62 27.14
N GLY J 102 27.57 5.56 26.84
CA GLY J 102 26.83 4.32 27.00
C GLY J 102 25.50 4.43 27.70
N THR J 103 24.97 5.64 27.85
CA THR J 103 23.66 5.82 28.47
C THR J 103 23.01 7.08 27.92
N ASN J 104 21.70 7.18 28.09
CA ASN J 104 20.93 8.34 27.70
C ASN J 104 20.32 9.01 28.93
N LEU J 105 20.15 10.33 28.84
CA LEU J 105 19.61 11.10 29.99
C LEU J 105 18.34 11.84 29.57
N PRO J 106 17.32 11.96 30.44
CA PRO J 106 16.11 12.70 30.09
C PRO J 106 16.39 14.16 29.79
N LEU J 107 15.87 14.66 28.67
CA LEU J 107 16.05 16.06 28.31
C LEU J 107 14.74 16.82 28.27
N GLN J 108 13.75 16.36 27.51
CA GLN J 108 12.47 17.05 27.37
C GLN J 108 11.35 16.07 27.67
N LEU J 109 10.60 16.34 28.75
CA LEU J 109 9.50 15.49 29.18
C LEU J 109 8.19 16.16 28.83
N GLY J 110 7.34 15.44 28.10
CA GLY J 110 6.09 15.99 27.63
C GLY J 110 4.90 15.15 28.03
N PHE J 111 3.79 15.83 28.27
CA PHE J 111 2.57 15.22 28.76
C PHE J 111 1.43 15.59 27.82
N SER J 112 0.37 14.76 27.84
CA SER J 112 -0.78 14.99 26.97
C SER J 112 -1.58 16.23 27.35
N THR J 113 -1.33 16.78 28.54
CA THR J 113 -1.94 18.06 28.91
C THR J 113 -1.46 19.19 28.01
N GLY J 114 -0.28 19.06 27.42
CA GLY J 114 0.23 20.02 26.46
C GLY J 114 1.52 20.70 26.86
N VAL J 115 2.13 20.30 27.97
CA VAL J 115 3.32 21.00 28.46
C VAL J 115 4.57 20.21 28.10
N ASN J 116 5.68 20.94 27.99
CA ASN J 116 7.00 20.36 27.84
C ASN J 116 7.90 20.96 28.90
N LEU J 117 8.56 20.10 29.68
CA LEU J 117 9.51 20.54 30.68
C LEU J 117 10.90 20.07 30.28
N VAL J 118 11.84 21.00 30.22
CA VAL J 118 13.20 20.73 29.81
C VAL J 118 14.07 20.69 31.05
N ALA J 119 14.86 19.62 31.18
CA ALA J 119 15.66 19.38 32.37
C ALA J 119 17.14 19.40 32.02
N VAL J 120 17.95 19.86 32.96
CA VAL J 120 19.41 19.81 32.80
C VAL J 120 19.86 18.35 32.77
N PRO J 121 20.72 17.95 31.82
CA PRO J 121 21.21 16.56 31.81
C PRO J 121 21.91 16.18 33.10
N THR J 122 21.31 15.25 33.84
CA THR J 122 21.74 14.88 35.18
C THR J 122 21.78 13.36 35.28
N GLY J 123 22.79 12.84 35.98
CA GLY J 123 22.97 11.41 36.09
C GLY J 123 23.40 11.02 37.48
N TYR J 124 23.55 9.71 37.67
CA TYR J 124 23.96 9.10 38.92
C TYR J 124 25.38 8.57 38.75
N VAL J 125 26.35 9.27 39.35
CA VAL J 125 27.76 8.92 39.21
C VAL J 125 28.20 8.17 40.45
N ASP J 126 29.14 7.24 40.28
CA ASP J 126 29.60 6.43 41.39
C ASP J 126 30.92 6.97 41.93
N THR J 127 30.89 7.39 43.18
CA THR J 127 32.04 7.97 43.87
C THR J 127 32.48 6.98 44.95
N PRO J 128 33.73 7.09 45.43
CA PRO J 128 34.18 6.15 46.48
C PRO J 128 33.39 6.22 47.78
N ASN J 129 32.69 7.32 48.04
CA ASN J 129 31.86 7.41 49.24
C ASN J 129 30.43 6.98 48.97
N ASN J 130 29.76 7.62 48.01
CA ASN J 130 28.35 7.37 47.76
C ASN J 130 28.02 7.76 46.33
N THR J 131 26.88 7.28 45.85
CA THR J 131 26.38 7.68 44.54
C THR J 131 25.92 9.13 44.58
N ASP J 132 26.39 9.92 43.62
CA ASP J 132 26.13 11.36 43.58
C ASP J 132 25.21 11.66 42.40
N PHE J 133 24.12 12.37 42.66
CA PHE J 133 23.22 12.82 41.60
C PHE J 133 23.67 14.19 41.12
N SER J 134 24.30 14.23 39.96
CA SER J 134 24.97 15.46 39.53
C SER J 134 24.90 15.60 38.02
N ARG J 135 25.15 16.82 37.55
CA ARG J 135 25.14 17.13 36.12
C ARG J 135 26.26 16.40 35.40
N VAL J 136 25.96 15.94 34.19
CA VAL J 136 26.95 15.27 33.34
C VAL J 136 26.93 15.91 31.96
N SER J 137 28.05 15.75 31.25
CA SER J 137 28.16 16.28 29.91
C SER J 137 27.34 15.44 28.94
N ALA J 138 26.66 16.09 27.99
CA ALA J 138 25.79 15.39 27.07
C ALA J 138 25.69 16.16 25.77
N LYS J 139 25.26 15.46 24.73
CA LYS J 139 25.10 15.95 23.38
C LYS J 139 23.75 15.52 22.81
N PRO J 140 23.20 16.28 21.85
CA PRO J 140 21.95 15.85 21.22
C PRO J 140 22.18 14.62 20.38
N PRO J 141 21.12 13.82 20.16
CA PRO J 141 21.26 12.60 19.35
C PRO J 141 21.66 12.95 17.92
N PRO J 142 22.49 12.11 17.29
CA PRO J 142 22.94 12.40 15.92
C PRO J 142 21.88 12.11 14.87
N GLY J 143 20.99 13.06 14.65
CA GLY J 143 19.97 12.90 13.63
C GLY J 143 19.32 14.21 13.23
N ASP J 144 18.84 14.30 11.99
CA ASP J 144 18.15 15.50 11.55
C ASP J 144 16.82 15.68 12.28
N GLN J 145 16.14 14.57 12.56
CA GLN J 145 14.83 14.54 13.23
C GLN J 145 14.93 15.08 14.64
N PHE J 146 16.11 15.08 15.18
CA PHE J 146 16.37 15.55 16.54
C PHE J 146 17.01 16.92 16.59
N LYS J 147 17.14 17.61 15.44
CA LYS J 147 17.85 18.89 15.43
C LYS J 147 17.11 19.95 16.23
N HIS J 148 15.79 19.84 16.36
CA HIS J 148 15.03 20.77 17.19
C HIS J 148 15.34 20.62 18.67
N LEU J 149 16.05 19.56 19.06
CA LEU J 149 16.51 19.43 20.43
C LEU J 149 17.84 20.14 20.68
N ILE J 150 18.46 20.70 19.63
CA ILE J 150 19.77 21.34 19.81
C ILE J 150 19.73 22.55 20.73
N PRO J 151 18.80 23.51 20.61
CA PRO J 151 18.78 24.62 21.59
C PRO J 151 18.50 24.17 23.02
N LEU J 152 17.69 23.12 23.20
CA LEU J 152 17.18 22.76 24.52
C LEU J 152 18.29 22.30 25.47
N MET J 153 19.48 22.00 24.93
CA MET J 153 20.60 21.64 25.78
C MET J 153 21.03 22.81 26.66
N TYR J 154 20.75 24.04 26.24
CA TYR J 154 21.12 25.22 27.01
C TYR J 154 19.92 25.89 27.66
N LYS J 155 18.80 25.18 27.79
CA LYS J 155 17.57 25.76 28.29
C LYS J 155 16.92 24.90 29.37
N GLY J 156 17.67 24.02 30.01
CA GLY J 156 17.10 23.14 31.01
C GLY J 156 17.05 23.75 32.39
N LEU J 157 16.30 23.11 33.26
CA LEU J 157 16.07 23.41 34.65
C LEU J 157 16.63 22.31 35.55
N PRO J 158 17.01 22.62 36.78
CA PRO J 158 17.39 21.57 37.72
C PRO J 158 16.20 20.68 38.04
N TRP J 159 16.48 19.40 38.31
CA TRP J 159 15.41 18.41 38.47
C TRP J 159 14.56 18.69 39.69
N ASN J 160 15.09 19.40 40.69
CA ASN J 160 14.29 19.84 41.81
C ASN J 160 13.12 20.71 41.36
N VAL J 161 13.38 21.61 40.41
CA VAL J 161 12.31 22.42 39.84
C VAL J 161 11.40 21.57 38.96
N VAL J 162 12.00 20.69 38.16
CA VAL J 162 11.26 19.95 37.14
C VAL J 162 10.23 19.02 37.77
N ARG J 163 10.62 18.29 38.83
CA ARG J 163 9.70 17.33 39.40
C ARG J 163 8.61 18.00 40.22
N ILE J 164 8.92 19.13 40.86
CA ILE J 164 7.88 19.91 41.54
C ILE J 164 6.88 20.45 40.53
N LYS J 165 7.36 20.90 39.36
CA LYS J 165 6.46 21.34 38.30
C LYS J 165 5.61 20.19 37.77
N ILE J 166 6.19 18.99 37.67
CA ILE J 166 5.44 17.82 37.24
C ILE J 166 4.31 17.53 38.20
N VAL J 167 4.61 17.53 39.51
CA VAL J 167 3.59 17.22 40.51
C VAL J 167 2.50 18.28 40.50
N GLN J 168 2.89 19.56 40.39
CA GLN J 168 1.91 20.65 40.32
C GLN J 168 0.99 20.49 39.12
N MET J 169 1.55 20.20 37.94
CA MET J 169 0.75 20.07 36.74
C MET J 169 -0.19 18.87 36.82
N LEU J 170 0.29 17.73 37.33
CA LEU J 170 -0.55 16.55 37.44
C LEU J 170 -1.69 16.77 38.42
N SER J 171 -1.41 17.40 39.56
CA SER J 171 -2.45 17.64 40.55
C SER J 171 -3.48 18.64 40.04
N ASP J 172 -3.02 19.69 39.36
CA ASP J 172 -3.94 20.68 38.81
C ASP J 172 -4.78 20.11 37.67
N THR J 173 -4.27 19.09 36.96
CA THR J 173 -5.05 18.47 35.89
C THR J 173 -6.07 17.47 36.44
N LEU J 174 -5.67 16.65 37.42
CA LEU J 174 -6.44 15.45 37.74
C LEU J 174 -7.28 15.54 39.00
N LYS J 175 -7.23 16.65 39.74
CA LYS J 175 -7.85 16.67 41.07
C LYS J 175 -9.38 16.62 41.00
N ASN J 176 -9.96 17.07 39.89
CA ASN J 176 -11.41 17.03 39.72
C ASN J 176 -11.86 15.93 38.77
N LEU J 177 -11.00 14.97 38.47
CA LEU J 177 -11.30 13.90 37.53
C LEU J 177 -11.08 12.50 38.11
N SER J 178 -10.03 12.30 38.89
CA SER J 178 -9.68 10.97 39.36
C SER J 178 -8.85 11.08 40.63
N ASP J 179 -8.66 9.94 41.28
CA ASP J 179 -7.83 9.83 42.47
C ASP J 179 -6.47 9.20 42.19
N ARG J 180 -6.08 9.09 40.92
CA ARG J 180 -4.82 8.47 40.55
C ARG J 180 -4.39 9.01 39.19
N VAL J 181 -3.23 8.56 38.74
CA VAL J 181 -2.71 8.90 37.42
C VAL J 181 -2.35 7.61 36.69
N VAL J 182 -2.74 7.53 35.42
CA VAL J 182 -2.36 6.43 34.54
C VAL J 182 -1.51 7.04 33.43
N PHE J 183 -0.27 6.57 33.31
CA PHE J 183 0.63 7.05 32.26
C PHE J 183 0.47 6.20 31.01
N VAL J 184 0.08 6.83 29.91
CA VAL J 184 -0.10 6.15 28.63
C VAL J 184 1.22 6.31 27.86
N LEU J 185 1.95 5.21 27.74
CA LEU J 185 3.29 5.21 27.17
C LEU J 185 3.28 4.46 25.85
N TRP J 186 4.28 4.70 24.99
CA TRP J 186 4.42 3.90 23.75
C TRP J 186 5.53 2.89 23.98
N ALA J 187 6.78 3.36 24.16
CA ALA J 187 7.89 2.46 24.53
C ALA J 187 8.23 2.80 25.98
N HIS J 188 8.10 1.85 26.90
CA HIS J 188 8.25 2.19 28.35
C HIS J 188 9.70 2.19 28.84
N GLY J 189 10.68 1.81 28.01
CA GLY J 189 12.02 1.74 28.56
C GLY J 189 12.59 3.06 29.02
N PHE J 190 12.72 3.99 28.07
CA PHE J 190 13.19 5.33 28.41
C PHE J 190 12.21 6.09 29.27
N ALA J 191 10.92 5.78 29.15
CA ALA J 191 9.92 6.37 30.04
C ALA J 191 10.16 5.96 31.49
N LEU J 192 10.48 4.68 31.72
CA LEU J 192 10.81 4.22 33.07
C LEU J 192 12.12 4.82 33.56
N THR J 193 13.10 4.93 32.66
CA THR J 193 14.37 5.56 33.02
C THR J 193 14.15 6.99 33.48
N SER J 194 13.25 7.71 32.82
CA SER J 194 12.92 9.07 33.24
C SER J 194 12.05 9.10 34.48
N MET J 195 11.17 8.11 34.66
CA MET J 195 10.34 8.03 35.86
C MET J 195 11.18 7.80 37.10
N LYS J 196 12.35 7.18 36.95
CA LYS J 196 13.27 7.02 38.07
C LYS J 196 13.62 8.36 38.72
N TYR J 197 13.61 9.44 37.93
CA TYR J 197 13.94 10.77 38.43
C TYR J 197 12.85 11.41 39.28
N PHE J 198 11.58 11.03 39.09
CA PHE J 198 10.50 11.72 39.79
C PHE J 198 9.38 10.83 40.32
N VAL J 199 9.54 9.52 40.35
CA VAL J 199 8.49 8.61 40.81
C VAL J 199 9.06 7.73 41.92
N LYS J 200 8.31 7.61 43.02
CA LYS J 200 8.62 6.68 44.08
C LYS J 200 7.42 5.78 44.33
N ILE J 201 7.70 4.57 44.81
CA ILE J 201 6.67 3.56 45.04
C ILE J 201 6.75 3.07 46.48
N GLY J 202 5.74 2.29 46.86
CA GLY J 202 5.66 1.72 48.18
C GLY J 202 4.30 1.11 48.43
N PRO J 203 3.97 0.82 49.69
CA PRO J 203 2.62 0.37 50.01
C PRO J 203 1.63 1.50 49.86
N GLU J 204 0.36 1.12 49.71
CA GLU J 204 -0.70 2.11 49.56
C GLU J 204 -0.84 2.95 50.83
N ARG J 205 -1.18 4.22 50.64
CA ARG J 205 -1.17 5.19 51.73
C ARG J 205 -2.44 6.03 51.68
N THR J 206 -2.52 6.96 52.63
CA THR J 206 -3.63 7.90 52.74
C THR J 206 -3.06 9.31 52.86
N CYS J 207 -3.81 10.29 52.34
CA CYS J 207 -3.37 11.68 52.40
C CYS J 207 -3.27 12.15 53.85
N CYS J 208 -2.31 13.04 54.10
CA CYS J 208 -2.06 13.51 55.46
C CYS J 208 -3.10 14.50 55.95
N LEU J 209 -3.99 14.98 55.08
CA LEU J 209 -5.00 15.95 55.48
C LEU J 209 -6.43 15.52 55.17
N CYS J 210 -6.62 14.36 54.52
CA CYS J 210 -7.96 13.87 54.25
C CYS J 210 -7.90 12.35 54.10
N ASP J 211 -9.02 11.77 53.66
CA ASP J 211 -9.12 10.32 53.55
C ASP J 211 -8.91 9.80 52.13
N ARG J 212 -8.50 10.66 51.20
CA ARG J 212 -8.30 10.22 49.83
C ARG J 212 -7.03 9.39 49.71
N ARG J 213 -6.91 8.69 48.57
CA ARG J 213 -5.70 7.96 48.26
C ARG J 213 -4.53 8.91 48.09
N ALA J 214 -3.37 8.55 48.66
CA ALA J 214 -2.19 9.38 48.52
C ALA J 214 -1.60 9.22 47.13
N THR J 215 -1.36 10.34 46.47
CA THR J 215 -0.80 10.36 45.13
C THR J 215 0.56 11.05 45.03
N CYS J 216 0.99 11.74 46.09
CA CYS J 216 2.22 12.50 46.08
C CYS J 216 2.96 12.30 47.40
N PHE J 217 4.29 12.37 47.33
CA PHE J 217 5.17 12.18 48.47
C PHE J 217 6.14 13.34 48.54
N SER J 218 6.41 13.83 49.75
CA SER J 218 7.37 14.91 49.96
C SER J 218 8.60 14.37 50.68
N THR J 219 9.78 14.75 50.20
CA THR J 219 11.01 14.31 50.84
C THR J 219 11.54 15.31 51.87
N ALA J 220 11.07 16.56 51.84
CA ALA J 220 11.44 17.51 52.89
C ALA J 220 10.91 17.06 54.25
N SER J 221 9.66 16.63 54.29
CA SER J 221 9.08 15.95 55.43
C SER J 221 8.32 14.74 54.89
N ASP J 222 8.56 13.57 55.49
CA ASP J 222 8.05 12.34 54.91
C ASP J 222 6.55 12.26 55.04
N THR J 223 5.84 13.01 54.19
CA THR J 223 4.39 13.08 54.23
C THR J 223 3.83 12.73 52.86
N TYR J 224 2.59 12.26 52.88
CA TYR J 224 1.87 11.80 51.70
C TYR J 224 0.60 12.63 51.55
N ALA J 225 0.23 12.91 50.31
CA ALA J 225 -0.94 13.74 50.05
C ALA J 225 -1.61 13.29 48.77
N CYS J 226 -2.85 13.75 48.60
CA CYS J 226 -3.60 13.54 47.37
C CYS J 226 -3.30 14.67 46.39
N TRP J 227 -4.10 14.74 45.32
CA TRP J 227 -3.94 15.82 44.36
C TRP J 227 -4.33 17.16 44.97
N HIS J 228 -5.33 17.17 45.85
CA HIS J 228 -5.84 18.42 46.39
C HIS J 228 -4.91 19.07 47.39
N HIS J 229 -4.06 18.30 48.07
CA HIS J 229 -3.20 18.81 49.12
C HIS J 229 -1.72 18.66 48.79
N SER J 230 -1.35 18.63 47.52
CA SER J 230 0.02 18.36 47.11
C SER J 230 0.84 19.61 46.89
N ILE J 231 0.57 20.74 47.56
CA ILE J 231 1.37 21.93 47.32
C ILE J 231 2.73 21.76 47.98
N GLY J 232 3.79 21.91 47.18
CA GLY J 232 5.14 21.73 47.67
C GLY J 232 5.66 20.31 47.64
N PHE J 233 4.90 19.38 47.07
CA PHE J 233 5.32 17.99 47.01
C PHE J 233 6.07 17.74 45.71
N ASP J 234 7.10 16.89 45.77
CA ASP J 234 8.03 16.75 44.66
C ASP J 234 7.99 15.42 43.94
N TYR J 235 7.45 14.37 44.54
CA TYR J 235 7.47 13.05 43.91
C TYR J 235 6.06 12.54 43.66
N VAL J 236 5.91 11.76 42.61
CA VAL J 236 4.67 11.05 42.33
C VAL J 236 4.72 9.70 43.03
N TYR J 237 3.70 9.40 43.83
CA TYR J 237 3.69 8.20 44.66
C TYR J 237 2.66 7.22 44.12
N ASN J 238 3.12 6.00 43.84
CA ASN J 238 2.30 4.93 43.29
C ASN J 238 1.50 5.31 42.05
N PRO J 239 2.16 5.58 40.92
CA PRO J 239 1.42 5.79 39.69
C PRO J 239 1.18 4.47 38.96
N PHE J 240 0.31 4.53 37.96
CA PHE J 240 0.01 3.39 37.12
C PHE J 240 0.33 3.73 35.68
N MET J 241 0.58 2.70 34.87
CA MET J 241 0.98 2.93 33.49
C MET J 241 0.52 1.77 32.62
N ILE J 242 0.39 2.07 31.33
CA ILE J 242 0.08 1.09 30.30
C ILE J 242 0.96 1.36 29.08
N ASP J 243 1.50 0.29 28.51
CA ASP J 243 2.32 0.37 27.30
C ASP J 243 1.43 0.01 26.11
N VAL J 244 1.28 0.95 25.17
CA VAL J 244 0.36 0.75 24.06
C VAL J 244 0.99 -0.11 22.96
N GLN J 245 2.32 -0.05 22.81
CA GLN J 245 2.97 -0.82 21.74
C GLN J 245 2.83 -2.32 21.97
N GLN J 246 2.64 -2.74 23.21
CA GLN J 246 2.42 -4.14 23.56
C GLN J 246 1.05 -4.64 23.19
N TRP J 247 0.23 -3.86 22.49
CA TRP J 247 -1.07 -4.30 22.01
C TRP J 247 -1.03 -4.77 20.56
N GLY J 248 0.11 -5.29 20.10
CA GLY J 248 0.22 -5.77 18.75
C GLY J 248 0.24 -4.70 17.69
N PHE J 249 1.31 -3.91 17.66
CA PHE J 249 1.45 -2.82 16.70
C PHE J 249 2.74 -2.99 15.91
N THR J 250 2.67 -2.64 14.63
CA THR J 250 3.84 -2.65 13.76
C THR J 250 4.18 -1.24 13.32
N GLY J 251 5.48 -1.00 13.13
CA GLY J 251 5.93 0.34 12.81
C GLY J 251 6.10 1.19 14.06
N ASN J 252 6.19 2.50 13.83
CA ASN J 252 6.38 3.46 14.92
C ASN J 252 5.04 4.09 15.30
N LEU J 253 5.11 5.07 16.22
CA LEU J 253 3.91 5.65 16.80
C LEU J 253 3.09 6.43 15.78
N GLN J 254 3.77 7.22 14.93
CA GLN J 254 3.07 8.09 14.00
C GLN J 254 2.39 7.27 12.91
N SER J 255 3.04 6.20 12.45
CA SER J 255 2.46 5.34 11.42
C SER J 255 1.15 4.72 11.87
N ASN J 256 1.01 4.46 13.17
CA ASN J 256 -0.20 3.86 13.71
C ASN J 256 -1.23 4.91 14.09
N HIS J 257 -0.79 6.09 14.54
CA HIS J 257 -1.73 7.15 14.87
C HIS J 257 -2.39 7.69 13.61
N ASP J 258 -1.63 7.86 12.53
CA ASP J 258 -2.14 8.49 11.32
C ASP J 258 -3.20 7.66 10.61
N LEU J 259 -3.30 6.35 10.91
CA LEU J 259 -4.34 5.53 10.31
C LEU J 259 -5.72 5.89 10.82
N TYR J 260 -5.83 6.50 11.99
CA TYR J 260 -7.11 6.74 12.64
C TYR J 260 -7.38 8.20 12.95
N CYS J 261 -6.38 9.07 12.91
CA CYS J 261 -6.54 10.47 13.29
C CYS J 261 -5.78 11.36 12.32
N GLN J 262 -6.27 12.59 12.15
CA GLN J 262 -5.63 13.58 11.30
C GLN J 262 -5.35 14.91 11.98
N VAL J 263 -5.81 15.11 13.21
CA VAL J 263 -5.69 16.42 13.86
C VAL J 263 -4.46 16.53 14.76
N HIS J 264 -3.66 15.47 14.89
CA HIS J 264 -2.43 15.52 15.65
C HIS J 264 -1.25 15.13 14.76
N GLY J 265 -0.13 15.78 14.97
CA GLY J 265 1.08 15.51 14.22
C GLY J 265 2.30 15.96 14.98
N ASN J 266 3.28 16.51 14.24
CA ASN J 266 4.47 17.15 14.81
C ASN J 266 5.30 16.15 15.63
N ALA J 267 5.82 15.13 14.95
CA ALA J 267 6.53 14.04 15.64
C ALA J 267 7.83 14.53 16.27
N HIS J 268 8.35 13.70 17.18
CA HIS J 268 9.59 13.90 17.93
C HIS J 268 9.55 15.09 18.87
N VAL J 269 8.38 15.67 19.13
CA VAL J 269 8.17 16.59 20.23
C VAL J 269 7.46 15.82 21.32
N ALA J 270 7.94 15.96 22.57
CA ALA J 270 7.50 15.07 23.63
C ALA J 270 6.01 15.23 23.94
N SER J 271 5.54 16.47 24.00
CA SER J 271 4.11 16.71 24.25
C SER J 271 3.25 16.19 23.10
N CYS J 272 3.71 16.38 21.87
CA CYS J 272 2.96 15.93 20.71
C CYS J 272 2.88 14.41 20.65
N ASP J 273 3.98 13.73 20.96
CA ASP J 273 3.95 12.28 20.98
C ASP J 273 3.14 11.74 22.15
N ALA J 274 3.12 12.45 23.28
CA ALA J 274 2.24 12.06 24.38
C ALA J 274 0.77 12.17 23.97
N ILE J 275 0.42 13.25 23.27
CA ILE J 275 -0.95 13.43 22.79
C ILE J 275 -1.30 12.34 21.78
N MET J 276 -0.35 12.00 20.89
CA MET J 276 -0.55 10.94 19.92
C MET J 276 -0.75 9.59 20.60
N THR J 277 0.03 9.30 21.65
CA THR J 277 -0.10 8.05 22.37
C THR J 277 -1.46 7.92 23.04
N ARG J 278 -1.90 9.00 23.71
CA ARG J 278 -3.20 8.95 24.35
C ARG J 278 -4.32 8.84 23.32
N CYS J 279 -4.17 9.52 22.18
CA CYS J 279 -5.18 9.43 21.13
C CYS J 279 -5.29 8.03 20.57
N LEU J 280 -4.14 7.38 20.31
CA LEU J 280 -4.16 6.01 19.82
C LEU J 280 -4.78 5.05 20.84
N ALA J 281 -4.46 5.23 22.12
CA ALA J 281 -5.05 4.39 23.15
C ALA J 281 -6.56 4.58 23.24
N VAL J 282 -7.03 5.83 23.18
CA VAL J 282 -8.46 6.11 23.25
C VAL J 282 -9.18 5.52 22.04
N HIS J 283 -8.57 5.63 20.86
CA HIS J 283 -9.16 5.01 19.67
C HIS J 283 -9.25 3.50 19.82
N GLU J 284 -8.18 2.88 20.33
CA GLU J 284 -8.16 1.42 20.41
C GLU J 284 -9.09 0.89 21.48
N CYS J 285 -9.36 1.68 22.52
CA CYS J 285 -10.17 1.17 23.62
C CYS J 285 -11.62 1.64 23.59
N PHE J 286 -11.95 2.68 22.84
CA PHE J 286 -13.27 3.29 22.97
C PHE J 286 -14.01 3.53 21.67
N VAL J 287 -13.35 3.71 20.54
CA VAL J 287 -14.12 3.90 19.32
C VAL J 287 -14.38 2.55 18.67
N LYS J 288 -15.27 1.77 19.27
CA LYS J 288 -15.91 0.65 18.58
C LYS J 288 -17.43 0.74 18.71
N ARG J 289 -17.91 0.78 19.95
CA ARG J 289 -19.32 0.79 20.30
C ARG J 289 -19.43 1.14 21.78
N VAL J 290 -20.66 1.45 22.21
CA VAL J 290 -20.90 1.78 23.61
C VAL J 290 -21.02 0.50 24.43
N ASP J 291 -20.32 0.46 25.56
CA ASP J 291 -20.35 -0.68 26.46
C ASP J 291 -21.10 -0.24 27.73
N TRP J 292 -22.21 -0.91 28.01
CA TRP J 292 -22.99 -0.62 29.21
C TRP J 292 -22.63 -1.54 30.37
N THR J 293 -21.69 -2.46 30.19
CA THR J 293 -21.23 -3.29 31.29
C THR J 293 -20.20 -2.59 32.16
N ILE J 294 -19.65 -1.47 31.70
CA ILE J 294 -18.66 -0.71 32.44
C ILE J 294 -19.31 0.59 32.89
N GLU J 295 -19.28 0.84 34.20
CA GLU J 295 -19.94 1.98 34.80
C GLU J 295 -18.90 2.86 35.47
N TYR J 296 -19.10 4.17 35.42
CA TYR J 296 -18.13 5.12 35.92
C TYR J 296 -18.69 5.90 37.10
N PRO J 297 -17.86 6.27 38.06
CA PRO J 297 -18.35 6.99 39.24
C PRO J 297 -18.74 8.42 38.92
N ILE J 298 -19.58 8.99 39.79
CA ILE J 298 -20.00 10.37 39.64
C ILE J 298 -18.96 11.30 40.25
N ILE J 299 -18.50 12.27 39.47
CA ILE J 299 -17.52 13.26 39.94
C ILE J 299 -18.05 14.68 39.87
N GLY J 300 -19.32 14.89 39.54
CA GLY J 300 -19.84 16.24 39.40
C GLY J 300 -21.34 16.31 39.19
N ASP J 301 -21.78 17.15 38.27
CA ASP J 301 -23.20 17.42 38.06
C ASP J 301 -23.83 16.49 37.04
N GLU J 302 -23.43 15.22 37.00
CA GLU J 302 -24.03 14.28 36.05
C GLU J 302 -25.52 14.08 36.31
N LEU J 303 -25.93 14.03 37.57
CA LEU J 303 -27.34 13.81 37.89
C LEU J 303 -28.20 14.98 37.44
N LYS J 304 -27.74 16.20 37.68
CA LYS J 304 -28.49 17.38 37.26
C LYS J 304 -28.59 17.46 35.75
N ILE J 305 -27.49 17.14 35.04
CA ILE J 305 -27.51 17.13 33.58
C ILE J 305 -28.48 16.08 33.06
N ASN J 306 -28.47 14.89 33.65
CA ASN J 306 -29.36 13.82 33.22
C ASN J 306 -30.82 14.18 33.45
N ALA J 307 -31.12 14.82 34.58
CA ALA J 307 -32.49 15.25 34.85
C ALA J 307 -32.93 16.36 33.90
N ALA J 308 -32.04 17.33 33.67
CA ALA J 308 -32.38 18.48 32.83
C ALA J 308 -32.60 18.08 31.38
N CYS J 309 -31.81 17.10 30.90
CA CYS J 309 -31.99 16.62 29.53
C CYS J 309 -33.38 16.01 29.35
N ARG J 310 -33.80 15.18 30.30
CA ARG J 310 -35.13 14.58 30.24
C ARG J 310 -36.22 15.64 30.33
N LYS J 311 -36.04 16.63 31.21
CA LYS J 311 -37.04 17.68 31.37
C LYS J 311 -37.22 18.48 30.09
N VAL J 312 -36.10 18.88 29.47
CA VAL J 312 -36.16 19.63 28.23
C VAL J 312 -36.74 18.77 27.11
N GLN J 313 -36.37 17.49 27.04
CA GLN J 313 -36.89 16.61 26.01
C GLN J 313 -38.40 16.44 26.13
N HIS J 314 -38.91 16.38 27.36
CA HIS J 314 -40.35 16.31 27.55
C HIS J 314 -41.02 17.61 27.12
N MET J 315 -40.52 18.75 27.61
CA MET J 315 -41.22 20.01 27.38
C MET J 315 -41.21 20.43 25.92
N VAL J 316 -40.08 20.24 25.22
CA VAL J 316 -39.98 20.68 23.84
C VAL J 316 -40.94 19.88 22.95
N VAL J 317 -40.99 18.56 23.13
CA VAL J 317 -41.88 17.73 22.32
C VAL J 317 -43.33 18.01 22.67
N LYS J 318 -43.64 18.22 23.97
CA LYS J 318 -45.01 18.51 24.36
C LYS J 318 -45.49 19.85 23.78
N ALA J 319 -44.59 20.83 23.67
CA ALA J 319 -44.96 22.10 23.06
C ALA J 319 -45.08 21.97 21.55
N ALA J 320 -44.18 21.21 20.92
CA ALA J 320 -44.17 21.10 19.47
C ALA J 320 -45.40 20.36 18.96
N LEU J 321 -45.81 19.30 19.66
CA LEU J 321 -47.00 18.55 19.24
C LEU J 321 -48.29 19.34 19.47
N LEU J 322 -48.25 20.39 20.29
CA LEU J 322 -49.42 21.25 20.46
C LEU J 322 -49.37 22.45 19.53
N ALA J 323 -48.18 22.81 19.04
CA ALA J 323 -48.05 24.00 18.20
C ALA J 323 -48.71 23.80 16.83
N ASP J 324 -48.43 22.69 16.17
CA ASP J 324 -48.92 22.45 14.82
C ASP J 324 -49.76 21.19 14.68
N LYS J 325 -49.73 20.29 15.66
CA LYS J 325 -50.60 19.11 15.72
C LYS J 325 -50.41 18.20 14.51
N PHE J 326 -49.20 17.67 14.36
CA PHE J 326 -48.95 16.66 13.35
C PHE J 326 -49.70 15.38 13.70
N PRO J 327 -50.28 14.68 12.72
CA PRO J 327 -50.96 13.41 13.03
C PRO J 327 -50.02 12.27 13.36
N VAL J 328 -48.79 12.33 12.85
CA VAL J 328 -47.81 11.22 13.07
C VAL J 328 -46.40 11.81 13.18
N LEU J 329 -45.56 11.22 14.04
CA LEU J 329 -44.16 11.70 14.17
C LEU J 329 -43.20 10.50 14.05
N HIS J 330 -41.92 10.77 13.76
CA HIS J 330 -40.91 9.68 13.64
C HIS J 330 -39.84 9.89 14.71
N ASP J 331 -39.64 8.89 15.58
CA ASP J 331 -38.62 9.00 16.61
C ASP J 331 -37.44 8.14 16.20
N ILE J 332 -36.28 8.77 16.00
CA ILE J 332 -35.10 8.12 15.44
C ILE J 332 -33.98 8.21 16.47
N GLY J 333 -33.31 7.09 16.72
CA GLY J 333 -32.19 7.05 17.64
C GLY J 333 -32.54 6.80 19.08
N ASN J 334 -33.81 6.56 19.38
CA ASN J 334 -34.21 6.27 20.76
C ASN J 334 -33.77 4.86 21.12
N PRO J 335 -32.94 4.67 22.16
CA PRO J 335 -32.47 3.32 22.49
C PRO J 335 -33.58 2.35 22.87
N LYS J 336 -34.65 2.82 23.51
CA LYS J 336 -35.74 1.96 23.93
C LYS J 336 -37.06 2.58 23.49
N ALA J 337 -38.06 1.72 23.27
CA ALA J 337 -39.33 2.15 22.71
C ALA J 337 -40.25 2.75 23.78
N ILE J 338 -39.87 3.90 24.32
CA ILE J 338 -40.71 4.66 25.23
C ILE J 338 -40.84 6.07 24.69
N LYS J 339 -42.07 6.52 24.45
CA LYS J 339 -42.30 7.86 23.95
C LYS J 339 -42.04 8.90 25.04
N CYS J 340 -41.52 10.06 24.64
CA CYS J 340 -41.21 11.12 25.58
C CYS J 340 -42.44 11.66 26.30
N VAL J 341 -43.54 11.87 25.57
CA VAL J 341 -44.79 12.33 26.19
C VAL J 341 -45.87 11.28 25.93
N PRO J 342 -46.22 10.47 26.93
CA PRO J 342 -47.29 9.48 26.74
C PRO J 342 -48.66 10.09 26.48
N GLN J 343 -48.91 11.30 26.97
CA GLN J 343 -50.24 11.89 26.86
C GLN J 343 -50.53 12.45 25.48
N ALA J 344 -49.54 12.48 24.59
CA ALA J 344 -49.73 13.02 23.26
C ALA J 344 -50.64 12.13 22.43
N ASP J 345 -51.58 12.75 21.71
CA ASP J 345 -52.50 12.03 20.84
C ASP J 345 -51.96 11.98 19.41
N VAL J 346 -50.76 11.41 19.28
CA VAL J 346 -50.06 11.36 18.00
C VAL J 346 -49.49 9.96 17.81
N GLU J 347 -49.41 9.54 16.55
CA GLU J 347 -48.87 8.22 16.21
C GLU J 347 -47.35 8.24 16.24
N TRP J 348 -46.76 7.61 17.25
CA TRP J 348 -45.31 7.49 17.35
C TRP J 348 -44.84 6.30 16.53
N LYS J 349 -43.88 6.52 15.63
CA LYS J 349 -43.25 5.43 14.90
C LYS J 349 -41.75 5.50 15.12
N PHE J 350 -41.18 4.39 15.58
CA PHE J 350 -39.81 4.35 16.08
C PHE J 350 -38.89 3.68 15.06
N TYR J 351 -37.70 4.26 14.89
CA TYR J 351 -36.68 3.74 13.98
C TYR J 351 -35.32 3.87 14.63
N ASP J 352 -34.48 2.85 14.44
CA ASP J 352 -33.12 2.87 14.93
C ASP J 352 -32.30 1.85 14.16
N ALA J 353 -30.97 2.05 14.17
CA ALA J 353 -30.09 1.07 13.54
C ALA J 353 -30.08 -0.25 14.32
N GLN J 354 -29.91 -0.15 15.63
CA GLN J 354 -29.99 -1.32 16.51
C GLN J 354 -30.35 -0.87 17.92
N PRO J 355 -31.49 -1.28 18.45
CA PRO J 355 -31.90 -0.85 19.79
C PRO J 355 -31.05 -1.52 20.87
N CYS J 356 -31.14 -0.97 22.08
CA CYS J 356 -30.36 -1.44 23.22
C CYS J 356 -31.04 -2.64 23.87
N SER J 357 -31.09 -3.74 23.10
CA SER J 357 -31.64 -5.02 23.54
C SER J 357 -33.08 -4.90 24.05
N ASP J 358 -33.88 -4.06 23.38
CA ASP J 358 -35.26 -3.86 23.80
C ASP J 358 -36.12 -5.03 23.35
N LYS J 359 -36.98 -5.51 24.26
CA LYS J 359 -37.92 -6.58 23.91
C LYS J 359 -38.95 -6.13 22.88
N ALA J 360 -39.42 -4.88 22.97
CA ALA J 360 -40.36 -4.34 22.01
C ALA J 360 -39.66 -4.18 20.66
N TYR J 361 -40.00 -5.07 19.73
CA TYR J 361 -39.36 -5.10 18.42
C TYR J 361 -40.10 -4.21 17.41
N LYS J 362 -40.89 -3.26 17.91
CA LYS J 362 -41.61 -2.34 17.05
C LYS J 362 -40.70 -1.32 16.38
N ILE J 363 -39.45 -1.19 16.84
CA ILE J 363 -38.53 -0.23 16.26
C ILE J 363 -38.02 -0.79 14.93
N GLU J 364 -38.17 -0.01 13.87
CA GLU J 364 -37.75 -0.43 12.54
C GLU J 364 -36.26 -0.17 12.34
N GLU J 365 -35.66 -0.95 11.44
CA GLU J 365 -34.25 -0.77 11.13
C GLU J 365 -34.05 0.49 10.30
N LEU J 366 -33.05 1.30 10.68
CA LEU J 366 -32.75 2.52 9.95
C LEU J 366 -31.28 2.88 10.20
N PHE J 367 -30.43 2.60 9.20
CA PHE J 367 -29.05 3.07 9.20
C PHE J 367 -29.01 4.37 8.41
N TYR J 368 -29.31 5.47 9.11
CA TYR J 368 -29.66 6.71 8.45
C TYR J 368 -28.48 7.36 7.74
N SER J 369 -28.78 7.95 6.58
CA SER J 369 -27.85 8.82 5.86
C SER J 369 -28.69 9.80 5.07
N TYR J 370 -28.23 11.05 4.96
CA TYR J 370 -29.05 12.11 4.40
C TYR J 370 -29.29 11.90 2.91
N ALA J 371 -28.26 11.47 2.16
CA ALA J 371 -28.41 11.28 0.73
C ALA J 371 -29.26 10.05 0.41
N THR J 372 -29.43 9.14 1.35
CA THR J 372 -30.21 7.92 1.13
C THR J 372 -31.63 8.00 1.64
N HIS J 373 -31.85 8.61 2.81
CA HIS J 373 -33.15 8.63 3.46
C HIS J 373 -33.84 9.99 3.38
N SER J 374 -33.65 10.73 2.28
CA SER J 374 -34.29 12.02 2.15
C SER J 374 -35.80 11.92 1.96
N ASP J 375 -36.28 10.82 1.40
CA ASP J 375 -37.71 10.60 1.16
C ASP J 375 -38.36 9.70 2.20
N LYS J 376 -37.65 9.35 3.27
CA LYS J 376 -38.18 8.42 4.25
C LYS J 376 -39.22 9.07 5.16
N PHE J 377 -39.03 10.34 5.51
CA PHE J 377 -39.85 11.01 6.52
C PHE J 377 -40.33 12.37 6.00
N THR J 378 -40.90 12.36 4.79
CA THR J 378 -41.32 13.60 4.14
C THR J 378 -42.42 14.34 4.90
N ASP J 379 -43.23 13.63 5.69
CA ASP J 379 -44.33 14.26 6.40
C ASP J 379 -44.23 13.93 7.88
N GLY J 380 -44.66 14.88 8.71
CA GLY J 380 -44.60 14.73 10.15
C GLY J 380 -43.28 15.19 10.73
N VAL J 381 -43.32 15.50 12.03
CA VAL J 381 -42.13 15.98 12.73
C VAL J 381 -41.25 14.79 13.11
N CYS J 382 -39.94 14.98 12.94
CA CYS J 382 -38.95 13.96 13.27
C CYS J 382 -38.26 14.34 14.57
N LEU J 383 -37.75 13.33 15.27
CA LEU J 383 -37.04 13.54 16.52
C LEU J 383 -35.65 12.91 16.43
N PHE J 384 -34.63 13.72 16.63
CA PHE J 384 -33.24 13.26 16.69
C PHE J 384 -32.64 13.73 18.00
N TRP J 385 -32.83 12.95 19.07
CA TRP J 385 -32.29 13.29 20.38
C TRP J 385 -31.00 12.51 20.59
N ASN J 386 -29.88 13.23 20.65
CA ASN J 386 -28.54 12.65 20.82
C ASN J 386 -28.23 11.62 19.73
N CYS J 387 -28.69 11.89 18.51
CA CYS J 387 -28.39 11.06 17.35
C CYS J 387 -27.44 11.81 16.44
N ASN J 388 -26.37 11.15 16.01
CA ASN J 388 -25.33 11.79 15.20
C ASN J 388 -25.45 11.31 13.77
N VAL J 389 -25.91 12.19 12.87
CA VAL J 389 -26.06 11.89 11.46
C VAL J 389 -25.29 12.94 10.66
N ASP J 390 -25.18 12.68 9.36
CA ASP J 390 -24.47 13.62 8.48
C ASP J 390 -25.27 14.91 8.29
N ARG J 391 -26.58 14.80 8.13
CA ARG J 391 -27.43 15.98 7.95
C ARG J 391 -28.86 15.62 8.34
N TYR J 392 -29.54 16.58 8.97
CA TYR J 392 -30.90 16.45 9.46
C TYR J 392 -31.89 17.07 8.46
N PRO J 393 -33.09 16.51 8.33
CA PRO J 393 -34.08 17.12 7.45
C PRO J 393 -34.71 18.35 8.08
N ALA J 394 -35.51 19.05 7.26
CA ALA J 394 -35.99 20.38 7.62
C ALA J 394 -37.11 20.37 8.65
N ASN J 395 -37.65 19.21 9.01
CA ASN J 395 -38.78 19.12 9.92
C ASN J 395 -38.44 18.43 11.24
N SER J 396 -37.19 18.52 11.68
CA SER J 396 -36.73 17.75 12.83
C SER J 396 -36.68 18.59 14.10
N ILE J 397 -36.60 17.89 15.23
CA ILE J 397 -36.24 18.45 16.52
C ILE J 397 -35.01 17.70 17.00
N VAL J 398 -33.89 18.42 17.10
CA VAL J 398 -32.58 17.80 17.26
C VAL J 398 -31.92 18.27 18.55
N CYS J 399 -31.36 17.33 19.29
CA CYS J 399 -30.42 17.60 20.36
C CYS J 399 -29.08 17.00 19.95
N ARG J 400 -28.03 17.82 19.93
CA ARG J 400 -26.71 17.37 19.49
C ARG J 400 -25.67 17.84 20.50
N PHE J 401 -24.72 16.96 20.82
CA PHE J 401 -23.68 17.32 21.77
C PHE J 401 -22.50 17.96 21.05
N ASP J 402 -22.04 19.11 21.57
CA ASP J 402 -20.92 19.83 20.99
C ASP J 402 -19.63 19.24 21.55
N THR J 403 -18.87 18.56 20.70
CA THR J 403 -17.60 17.96 21.12
C THR J 403 -16.51 18.99 21.34
N ARG J 404 -16.70 20.23 20.89
CA ARG J 404 -15.74 21.28 21.13
C ARG J 404 -15.82 21.87 22.53
N VAL J 405 -16.81 21.45 23.32
CA VAL J 405 -16.94 21.90 24.71
C VAL J 405 -16.29 20.81 25.57
N LEU J 406 -15.09 21.12 26.07
CA LEU J 406 -14.41 20.20 26.97
C LEU J 406 -14.72 20.54 28.42
N SER J 407 -14.89 19.50 29.23
CA SER J 407 -15.21 19.67 30.64
C SER J 407 -14.72 18.43 31.39
N ASN J 408 -15.17 18.27 32.63
CA ASN J 408 -14.83 17.08 33.39
C ASN J 408 -15.52 15.85 32.83
N LEU J 409 -16.69 16.03 32.21
CA LEU J 409 -17.40 14.92 31.59
C LEU J 409 -16.95 14.68 30.16
N ASN J 410 -16.41 15.68 29.49
CA ASN J 410 -16.08 15.61 28.07
C ASN J 410 -14.56 15.67 27.92
N LEU J 411 -13.93 14.50 27.86
CA LEU J 411 -12.51 14.37 27.64
C LEU J 411 -12.19 14.46 26.15
N PRO J 412 -10.97 14.85 25.78
CA PRO J 412 -10.57 14.82 24.37
C PRO J 412 -10.60 13.40 23.80
N GLY J 413 -10.94 13.30 22.52
CA GLY J 413 -11.08 12.04 21.84
C GLY J 413 -10.17 11.90 20.64
N CYS J 414 -10.57 11.02 19.73
CA CYS J 414 -9.79 10.72 18.54
C CYS J 414 -10.38 11.39 17.31
N ASP J 415 -9.51 11.92 16.46
CA ASP J 415 -9.87 12.49 15.15
C ASP J 415 -10.90 13.61 15.29
N GLY J 416 -10.74 14.43 16.32
CA GLY J 416 -11.63 15.54 16.56
C GLY J 416 -12.86 15.22 17.37
N GLY J 417 -13.11 13.96 17.69
CA GLY J 417 -14.23 13.59 18.53
C GLY J 417 -13.93 13.84 19.99
N SER J 418 -14.84 13.40 20.85
CA SER J 418 -14.62 13.54 22.27
C SER J 418 -15.21 12.35 23.00
N LEU J 419 -14.67 12.07 24.18
CA LEU J 419 -15.13 10.98 25.02
C LEU J 419 -15.99 11.59 26.13
N TYR J 420 -17.30 11.45 26.01
CA TYR J 420 -18.23 11.96 27.00
C TYR J 420 -18.46 10.85 28.03
N VAL J 421 -18.06 11.10 29.28
CA VAL J 421 -18.21 10.12 30.34
C VAL J 421 -19.16 10.64 31.40
N ASN J 422 -20.44 10.28 31.30
CA ASN J 422 -21.41 10.64 32.31
C ASN J 422 -21.69 9.48 33.26
N LYS J 423 -22.21 8.38 32.72
CA LYS J 423 -22.41 7.16 33.48
C LYS J 423 -21.75 6.03 32.71
N HIS J 424 -21.63 6.20 31.40
CA HIS J 424 -20.85 5.33 30.53
C HIS J 424 -19.95 6.20 29.68
N ALA J 425 -19.17 5.56 28.81
CA ALA J 425 -18.26 6.28 27.92
C ALA J 425 -18.80 6.26 26.50
N PHE J 426 -19.19 7.43 26.00
CA PHE J 426 -19.69 7.59 24.63
C PHE J 426 -18.65 8.36 23.84
N HIS J 427 -18.16 7.78 22.75
CA HIS J 427 -17.27 8.51 21.87
C HIS J 427 -18.10 9.18 20.77
N THR J 428 -18.05 10.51 20.72
CA THR J 428 -18.87 11.29 19.82
C THR J 428 -17.99 11.86 18.71
N PRO J 429 -18.37 11.69 17.44
CA PRO J 429 -17.58 12.27 16.35
C PRO J 429 -17.64 13.79 16.36
N ALA J 430 -16.73 14.39 15.60
CA ALA J 430 -16.54 15.84 15.64
C ALA J 430 -17.80 16.59 15.23
N PHE J 431 -18.03 17.70 15.91
CA PHE J 431 -19.20 18.54 15.63
C PHE J 431 -19.03 19.25 14.28
N ASP J 432 -20.11 19.29 13.51
CA ASP J 432 -20.13 19.99 12.22
C ASP J 432 -21.42 20.81 12.16
N LYS J 433 -21.28 22.12 11.96
CA LYS J 433 -22.45 22.98 11.86
C LYS J 433 -23.17 22.83 10.53
N SER J 434 -22.50 22.27 9.51
CA SER J 434 -23.12 22.07 8.20
C SER J 434 -24.27 21.07 8.27
N ALA J 435 -24.38 20.29 9.34
CA ALA J 435 -25.50 19.39 9.52
C ALA J 435 -26.77 20.13 9.94
N PHE J 436 -26.69 21.42 10.26
CA PHE J 436 -27.85 22.18 10.69
C PHE J 436 -28.26 23.26 9.71
N VAL J 437 -28.03 23.06 8.40
CA VAL J 437 -28.40 24.06 7.41
C VAL J 437 -29.91 24.15 7.23
N ASN J 438 -30.64 23.11 7.57
CA ASN J 438 -32.08 23.06 7.37
C ASN J 438 -32.87 23.39 8.62
N LEU J 439 -32.21 23.81 9.71
CA LEU J 439 -32.86 24.02 10.99
C LEU J 439 -32.41 25.36 11.55
N LYS J 440 -33.01 25.72 12.70
CA LYS J 440 -32.64 26.93 13.42
C LYS J 440 -32.54 26.61 14.90
N GLN J 441 -31.82 27.47 15.63
CA GLN J 441 -31.61 27.26 17.05
C GLN J 441 -32.91 27.43 17.82
N LEU J 442 -33.15 26.51 18.73
CA LEU J 442 -34.41 26.52 19.50
C LEU J 442 -34.39 27.61 20.55
N PRO J 443 -35.45 28.40 20.66
CA PRO J 443 -35.53 29.41 21.72
C PRO J 443 -35.90 28.80 23.07
N PHE J 444 -35.67 29.59 24.11
CA PHE J 444 -36.05 29.17 25.46
C PHE J 444 -37.47 29.60 25.77
N PHE J 445 -38.24 28.69 26.36
CA PHE J 445 -39.61 28.94 26.75
C PHE J 445 -40.05 27.90 27.76
N TYR J 446 -40.97 28.28 28.63
CA TYR J 446 -41.56 27.38 29.61
C TYR J 446 -43.05 27.24 29.34
N TYR J 447 -43.56 26.02 29.43
CA TYR J 447 -44.96 25.74 29.14
C TYR J 447 -45.52 24.76 30.17
N SER J 448 -46.75 25.02 30.61
CA SER J 448 -47.43 24.14 31.55
C SER J 448 -48.93 24.43 31.48
N ASP J 449 -49.72 23.38 31.72
CA ASP J 449 -51.17 23.47 31.74
C ASP J 449 -51.76 23.08 33.09
N SER J 450 -50.93 22.88 34.11
CA SER J 450 -51.42 22.41 35.39
C SER J 450 -52.14 23.53 36.13
N PRO J 451 -53.19 23.21 36.90
CA PRO J 451 -53.82 24.22 37.76
C PRO J 451 -52.86 24.67 38.85
N CYS J 452 -53.01 25.94 39.25
CA CYS J 452 -52.06 26.54 40.18
C CYS J 452 -52.81 27.31 41.27
N GLU J 453 -52.16 27.41 42.42
CA GLU J 453 -52.64 28.21 43.54
C GLU J 453 -51.45 28.85 44.23
N SER J 454 -51.55 30.14 44.50
CA SER J 454 -50.47 30.88 45.13
C SER J 454 -50.30 30.47 46.59
N TYR J 465 -37.53 37.67 45.26
CA TYR J 465 -38.88 37.61 45.78
C TYR J 465 -39.84 38.37 44.86
N VAL J 466 -39.27 39.03 43.86
CA VAL J 466 -40.07 39.77 42.88
C VAL J 466 -40.88 38.76 42.05
N PRO J 467 -42.17 39.00 41.80
CA PRO J 467 -42.93 38.08 40.96
C PRO J 467 -42.40 38.04 39.54
N LEU J 468 -42.68 36.93 38.85
CA LEU J 468 -42.14 36.70 37.52
C LEU J 468 -42.70 37.71 36.53
N LYS J 469 -41.81 38.32 35.75
CA LYS J 469 -42.16 39.26 34.67
C LYS J 469 -41.33 38.85 33.46
N SER J 470 -41.86 37.93 32.66
CA SER J 470 -41.15 37.45 31.48
C SER J 470 -42.15 37.06 30.42
N ALA J 471 -41.80 37.32 29.15
CA ALA J 471 -42.67 36.97 28.03
C ALA J 471 -42.46 35.54 27.55
N THR J 472 -41.55 34.79 28.16
CA THR J 472 -41.26 33.42 27.76
C THR J 472 -42.04 32.38 28.57
N CYS J 473 -42.89 32.81 29.50
CA CYS J 473 -43.68 31.90 30.32
C CYS J 473 -45.05 31.73 29.67
N ILE J 474 -45.18 30.71 28.83
CA ILE J 474 -46.39 30.47 28.06
C ILE J 474 -47.32 29.64 28.93
N THR J 475 -48.10 30.32 29.77
CA THR J 475 -49.06 29.64 30.63
C THR J 475 -50.39 30.36 30.57
N ARG J 476 -51.46 29.60 30.79
CA ARG J 476 -52.79 30.23 30.88
C ARG J 476 -52.92 31.10 32.12
N CYS J 477 -52.07 30.89 33.14
CA CYS J 477 -52.02 31.81 34.27
C CYS J 477 -51.47 33.16 33.83
N ASN J 478 -50.50 33.15 32.89
CA ASN J 478 -49.85 34.36 32.41
C ASN J 478 -50.74 35.18 31.48
N LEU J 479 -51.88 34.65 31.05
CA LEU J 479 -52.78 35.43 30.21
C LEU J 479 -53.33 36.65 30.95
N GLY J 480 -53.43 36.56 32.28
CA GLY J 480 -53.82 37.69 33.08
C GLY J 480 -52.66 38.62 33.37
N GLY J 481 -52.90 39.57 34.26
CA GLY J 481 -51.90 40.55 34.62
C GLY J 481 -50.86 40.07 35.62
N ALA J 482 -51.00 38.86 36.13
CA ALA J 482 -50.06 38.32 37.11
C ALA J 482 -49.97 36.81 36.96
N VAL J 483 -48.90 36.25 37.54
CA VAL J 483 -48.65 34.81 37.51
C VAL J 483 -48.45 34.34 38.94
N CYS J 484 -48.97 33.15 39.24
CA CYS J 484 -48.92 32.63 40.60
C CYS J 484 -47.51 32.19 40.98
N ARG J 485 -47.31 31.95 42.28
CA ARG J 485 -45.99 31.60 42.79
C ARG J 485 -45.55 30.20 42.39
N HIS J 486 -46.50 29.29 42.16
CA HIS J 486 -46.15 27.92 41.75
C HIS J 486 -45.43 27.93 40.41
N HIS J 487 -46.01 28.59 39.40
CA HIS J 487 -45.33 28.72 38.13
C HIS J 487 -44.13 29.65 38.25
N ALA J 488 -44.14 30.61 39.17
CA ALA J 488 -42.99 31.47 39.38
C ALA J 488 -41.78 30.71 39.87
N ASN J 489 -41.98 29.60 40.58
CA ASN J 489 -40.88 28.74 41.00
C ASN J 489 -40.55 27.69 39.93
N GLU J 490 -41.57 27.14 39.28
CA GLU J 490 -41.31 26.10 38.28
C GLU J 490 -40.63 26.67 37.04
N TYR J 491 -40.93 27.91 36.66
CA TYR J 491 -40.23 28.54 35.56
C TYR J 491 -38.76 28.73 35.88
N ARG J 492 -38.44 29.14 37.11
CA ARG J 492 -37.05 29.26 37.51
C ARG J 492 -36.34 27.91 37.52
N LEU J 493 -37.04 26.86 37.97
CA LEU J 493 -36.45 25.52 37.92
C LEU J 493 -36.16 25.09 36.50
N TYR J 494 -37.09 25.33 35.57
CA TYR J 494 -36.85 24.96 34.18
C TYR J 494 -35.79 25.84 33.53
N LEU J 495 -35.70 27.10 33.94
CA LEU J 495 -34.64 27.98 33.44
C LEU J 495 -33.28 27.46 33.86
N ASP J 496 -33.15 27.04 35.13
CA ASP J 496 -31.89 26.46 35.59
C ASP J 496 -31.58 25.16 34.87
N ALA J 497 -32.60 24.34 34.61
CA ALA J 497 -32.39 23.08 33.90
C ALA J 497 -31.92 23.33 32.47
N TYR J 498 -32.55 24.27 31.78
CA TYR J 498 -32.16 24.60 30.41
C TYR J 498 -30.75 25.19 30.38
N ASN J 499 -30.42 26.06 31.35
CA ASN J 499 -29.08 26.63 31.41
C ASN J 499 -28.03 25.55 31.66
N MET J 500 -28.32 24.61 32.56
CA MET J 500 -27.39 23.52 32.83
C MET J 500 -27.19 22.65 31.61
N MET J 501 -28.28 22.36 30.89
CA MET J 501 -28.18 21.50 29.71
C MET J 501 -27.38 22.16 28.60
N ILE J 502 -27.59 23.47 28.38
CA ILE J 502 -26.83 24.13 27.31
C ILE J 502 -25.39 24.40 27.75
N SER J 503 -25.14 24.53 29.06
CA SER J 503 -23.78 24.72 29.53
C SER J 503 -22.97 23.43 29.51
N ALA J 504 -23.64 22.28 29.61
CA ALA J 504 -22.94 21.01 29.52
C ALA J 504 -22.42 20.74 28.12
N GLY J 505 -22.92 21.43 27.11
CA GLY J 505 -22.48 21.24 25.74
C GLY J 505 -23.55 20.78 24.78
N PHE J 506 -24.84 20.90 25.12
CA PHE J 506 -25.90 20.43 24.25
C PHE J 506 -26.51 21.59 23.47
N SER J 507 -26.72 21.37 22.18
CA SER J 507 -27.32 22.35 21.29
C SER J 507 -28.64 21.82 20.78
N LEU J 508 -29.67 22.67 20.85
CA LEU J 508 -31.03 22.30 20.48
C LEU J 508 -31.43 23.03 19.21
N TRP J 509 -31.96 22.29 18.24
CA TRP J 509 -32.34 22.84 16.96
C TRP J 509 -33.76 22.41 16.62
N VAL J 510 -34.51 23.33 16.01
CA VAL J 510 -35.92 23.12 15.68
C VAL J 510 -36.14 23.59 14.26
N TYR J 511 -37.25 23.13 13.66
CA TYR J 511 -37.60 23.56 12.31
C TYR J 511 -37.90 25.04 12.27
N LYS J 512 -37.64 25.66 11.12
CA LYS J 512 -37.69 27.11 11.00
C LYS J 512 -39.11 27.67 11.14
N GLN J 513 -40.13 26.83 10.98
CA GLN J 513 -41.51 27.30 11.10
C GLN J 513 -41.99 27.38 12.54
N PHE J 514 -41.17 26.95 13.50
CA PHE J 514 -41.57 26.94 14.90
C PHE J 514 -41.70 28.35 15.44
N ASP J 515 -42.76 28.60 16.21
CA ASP J 515 -42.91 29.85 16.93
C ASP J 515 -43.80 29.64 18.13
N THR J 516 -43.74 30.60 19.07
CA THR J 516 -44.46 30.49 20.33
C THR J 516 -45.93 30.88 20.23
N TYR J 517 -46.33 31.59 19.18
CA TYR J 517 -47.68 32.16 19.11
C TYR J 517 -48.74 31.05 19.11
N ASN J 518 -48.49 29.98 18.36
CA ASN J 518 -49.42 28.86 18.36
C ASN J 518 -49.62 28.27 19.75
N LEU J 519 -48.55 28.27 20.56
CA LEU J 519 -48.70 27.81 21.94
C LEU J 519 -49.62 28.72 22.73
N TRP J 520 -49.58 30.03 22.46
CA TRP J 520 -50.53 30.94 23.09
C TRP J 520 -51.96 30.64 22.65
N ASN J 521 -52.12 29.98 21.52
CA ASN J 521 -53.46 29.55 21.08
C ASN J 521 -53.86 28.19 21.63
N THR J 522 -53.03 27.53 22.45
CA THR J 522 -53.42 26.24 23.01
C THR J 522 -54.34 26.38 24.22
N PHE J 523 -54.57 27.59 24.71
CA PHE J 523 -55.44 27.80 25.86
C PHE J 523 -56.84 28.20 25.42
#